data_7AG4
#
_entry.id   7AG4
#
_cell.length_a   87.818
_cell.length_b   136.827
_cell.length_c   230.036
_cell.angle_alpha   90.000
_cell.angle_beta   95.350
_cell.angle_gamma   90.000
#
_symmetry.space_group_name_H-M   'I 1 2 1'
#
loop_
_entity.id
_entity.type
_entity.pdbx_description
1 polymer 'Sulfoquinovose isomerase'
2 non-polymer 6-deoxy-6-sulfo-D-fructose
3 water water
#
_entity_poly.entity_id   1
_entity_poly.type   'polypeptide(L)'
_entity_poly.pdbx_seq_one_letter_code
;MGSSHHHHHHSSGLVPRGSHMKWFNTLSHNRWLEQETDRIFNFGKNAVVPTGFGWLGNKGQIKEEMGTHLWITARMLHVY
SVAASMGRPGAYDLVDHGIKAMNGALRDKKYGGWYACVNDQGVVDASKQGYQHFFALLGAASAVTTGHPEARKLLDYTIE
VIEKYFWSEEEQMCLESWDEAFSQTEDYRGGNANMHAVEAFLIVYDVTHDKKWLDRALRIASVIIHDVARNGDYRVNEHF
DSQWNPIRDYNKDNPAHRFRAYGGTPGAWIEWGRLMLHLHAALEARFETPPAWLLEDAKGLFHATIRDAWAPDGADGFVY
SVDWDGKPIVRERVRWPIVEAMGTAYALYTLTDDSQYEEWYQKWWDYCIKYLMDYENGSWWQELDADNKVTTKVWDGKQD
IYHLLHCLVIPRLPLAPGLAPAVAAGLLDINAK
;
_entity_poly.pdbx_strand_id   A,B,D,F,C,E
#
# COMPACT_ATOMS: atom_id res chain seq x y z
N MET A 21 14.89 24.30 21.72
CA MET A 21 14.23 24.00 20.42
C MET A 21 13.14 25.04 20.17
N LYS A 22 13.21 25.79 19.07
CA LYS A 22 12.36 26.98 18.84
C LYS A 22 11.30 26.62 17.81
N TRP A 23 10.03 26.69 18.18
CA TRP A 23 8.87 26.53 17.26
C TRP A 23 8.06 27.83 17.20
N PHE A 24 7.65 28.33 18.36
CA PHE A 24 6.83 29.57 18.45
C PHE A 24 7.53 30.66 17.62
N ASN A 25 6.77 31.34 16.77
CA ASN A 25 7.23 32.52 16.01
C ASN A 25 8.29 32.11 15.00
N THR A 26 8.32 30.85 14.58
CA THR A 26 9.09 30.40 13.40
C THR A 26 8.12 30.14 12.25
N LEU A 27 8.46 30.63 11.06
CA LEU A 27 7.62 30.45 9.84
C LEU A 27 7.54 28.96 9.49
N SER A 28 8.58 28.18 9.77
CA SER A 28 8.61 26.72 9.48
C SER A 28 7.49 26.05 10.29
N HIS A 29 7.40 26.28 11.61
CA HIS A 29 6.32 25.71 12.43
C HIS A 29 4.96 26.25 11.95
N ASN A 30 4.87 27.55 11.71
CA ASN A 30 3.59 28.21 11.37
C ASN A 30 3.09 27.72 9.99
N ARG A 31 3.98 27.33 9.08
CA ARG A 31 3.59 26.73 7.79
C ARG A 31 2.96 25.36 8.05
N TRP A 32 3.57 24.54 8.91
CA TRP A 32 2.98 23.25 9.29
C TRP A 32 1.58 23.49 9.89
N LEU A 33 1.43 24.47 10.78
CA LEU A 33 0.12 24.80 11.41
C LEU A 33 -0.90 25.18 10.34
N GLU A 34 -0.52 26.01 9.36
CA GLU A 34 -1.51 26.47 8.36
C GLU A 34 -2.00 25.28 7.50
N GLN A 35 -1.09 24.37 7.16
CA GLN A 35 -1.40 23.20 6.29
C GLN A 35 -2.36 22.27 7.06
N GLU A 36 -2.15 22.09 8.35
CA GLU A 36 -3.10 21.31 9.18
C GLU A 36 -4.42 22.07 9.27
N THR A 37 -4.38 23.41 9.39
CA THR A 37 -5.61 24.23 9.45
C THR A 37 -6.47 23.96 8.21
N ASP A 38 -5.87 23.93 7.01
CA ASP A 38 -6.62 23.69 5.74
C ASP A 38 -7.27 22.30 5.77
N ARG A 39 -6.56 21.30 6.28
CA ARG A 39 -7.13 19.92 6.43
C ARG A 39 -8.38 20.00 7.32
N ILE A 40 -8.36 20.81 8.38
CA ILE A 40 -9.50 20.92 9.34
C ILE A 40 -10.66 21.69 8.68
N PHE A 41 -10.37 22.79 8.00
CA PHE A 41 -11.40 23.59 7.28
C PHE A 41 -12.16 22.68 6.30
N ASN A 42 -11.43 21.84 5.56
CA ASN A 42 -12.00 20.95 4.52
C ASN A 42 -12.97 19.95 5.16
N PHE A 43 -12.62 19.42 6.34
CA PHE A 43 -13.45 18.44 7.07
C PHE A 43 -14.81 19.05 7.43
N GLY A 44 -14.81 20.31 7.91
CA GLY A 44 -16.03 20.93 8.44
C GLY A 44 -17.04 21.26 7.36
N LYS A 45 -16.62 21.38 6.10
CA LYS A 45 -17.49 21.82 4.99
C LYS A 45 -18.70 20.88 4.83
N ASN A 46 -18.51 19.59 5.07
CA ASN A 46 -19.57 18.56 4.86
C ASN A 46 -20.67 18.73 5.92
N ALA A 47 -20.56 19.64 6.90
CA ALA A 47 -21.60 19.81 7.95
C ALA A 47 -22.79 20.66 7.44
N VAL A 48 -22.69 21.27 6.27
CA VAL A 48 -23.75 22.16 5.71
C VAL A 48 -25.04 21.36 5.54
N VAL A 49 -26.11 21.77 6.22
CA VAL A 49 -27.49 21.27 6.05
C VAL A 49 -28.41 22.48 5.90
N PRO A 50 -29.62 22.33 5.32
CA PRO A 50 -30.50 23.48 5.11
C PRO A 50 -30.75 24.37 6.34
N THR A 51 -30.82 23.78 7.55
CA THR A 51 -31.15 24.54 8.79
C THR A 51 -29.90 25.04 9.51
N GLY A 52 -28.69 24.79 9.00
CA GLY A 52 -27.44 25.25 9.66
C GLY A 52 -26.29 24.30 9.45
N PHE A 53 -25.69 23.85 10.54
CA PHE A 53 -24.55 22.90 10.49
C PHE A 53 -24.92 21.63 11.27
N GLY A 54 -24.77 20.50 10.59
CA GLY A 54 -24.99 19.17 11.19
C GLY A 54 -23.81 18.73 12.04
N TRP A 55 -23.96 17.52 12.52
CA TRP A 55 -23.10 16.85 13.52
C TRP A 55 -22.29 15.81 12.74
N LEU A 56 -20.99 16.07 12.52
CA LEU A 56 -20.13 15.19 11.71
C LEU A 56 -19.72 13.96 12.54
N GLY A 57 -19.75 12.80 11.89
CA GLY A 57 -19.26 11.52 12.46
C GLY A 57 -17.79 11.31 12.14
N ASN A 58 -17.29 10.12 12.44
CA ASN A 58 -15.85 9.76 12.41
C ASN A 58 -15.30 9.74 10.99
N LYS A 59 -16.13 9.77 9.96
CA LYS A 59 -15.68 9.79 8.54
C LYS A 59 -16.08 11.12 7.90
N GLY A 60 -16.55 12.09 8.69
CA GLY A 60 -16.91 13.43 8.19
C GLY A 60 -18.24 13.43 7.45
N GLN A 61 -19.07 12.44 7.70
CA GLN A 61 -20.46 12.39 7.14
C GLN A 61 -21.41 12.91 8.24
N ILE A 62 -22.52 13.48 7.82
CA ILE A 62 -23.58 14.01 8.73
C ILE A 62 -24.23 12.83 9.46
N LYS A 63 -24.34 12.91 10.78
CA LYS A 63 -25.19 12.03 11.62
C LYS A 63 -26.57 12.70 11.72
N GLU A 64 -27.46 12.38 10.77
CA GLU A 64 -28.76 13.11 10.58
C GLU A 64 -29.60 13.02 11.86
N GLU A 65 -29.48 11.93 12.61
CA GLU A 65 -30.31 11.71 13.85
C GLU A 65 -29.98 12.79 14.90
N MET A 66 -28.81 13.44 14.84
CA MET A 66 -28.41 14.47 15.84
C MET A 66 -29.08 15.82 15.56
N GLY A 67 -29.57 16.02 14.33
CA GLY A 67 -30.20 17.29 13.89
C GLY A 67 -29.21 18.46 13.91
N THR A 68 -29.74 19.68 13.95
CA THR A 68 -28.99 20.96 13.86
C THR A 68 -28.95 21.63 15.24
N HIS A 69 -27.80 21.61 15.90
CA HIS A 69 -27.54 22.21 17.23
C HIS A 69 -27.13 23.68 17.06
N LEU A 70 -27.66 24.56 17.91
CA LEU A 70 -27.30 25.99 17.97
C LEU A 70 -25.79 26.12 18.21
N TRP A 71 -25.25 25.38 19.19
CA TRP A 71 -23.81 25.52 19.58
C TRP A 71 -22.92 25.16 18.39
N ILE A 72 -23.25 24.11 17.66
CA ILE A 72 -22.44 23.65 16.49
C ILE A 72 -22.57 24.67 15.36
N THR A 73 -23.77 25.19 15.13
CA THR A 73 -24.05 26.13 14.01
C THR A 73 -23.27 27.42 14.29
N ALA A 74 -23.34 27.93 15.53
CA ALA A 74 -22.65 29.18 15.94
C ALA A 74 -21.13 28.99 15.85
N ARG A 75 -20.61 27.83 16.26
CA ARG A 75 -19.17 27.53 16.23
C ARG A 75 -18.69 27.50 14.78
N MET A 76 -19.44 26.86 13.89
CA MET A 76 -19.04 26.77 12.45
C MET A 76 -19.08 28.18 11.82
N LEU A 77 -20.02 29.04 12.22
CA LEU A 77 -20.06 30.45 11.74
C LEU A 77 -18.74 31.14 12.12
N HIS A 78 -18.29 30.97 13.36
CA HIS A 78 -17.01 31.49 13.87
C HIS A 78 -15.85 30.93 13.04
N VAL A 79 -15.81 29.61 12.86
CA VAL A 79 -14.67 28.93 12.21
C VAL A 79 -14.50 29.45 10.79
N TYR A 80 -15.58 29.55 10.02
CA TYR A 80 -15.52 29.93 8.59
C TYR A 80 -15.35 31.45 8.46
N SER A 81 -15.63 32.23 9.50
CA SER A 81 -15.24 33.66 9.54
C SER A 81 -13.69 33.73 9.50
N VAL A 82 -13.01 32.94 10.33
CA VAL A 82 -11.52 32.89 10.37
C VAL A 82 -11.02 32.42 9.00
N ALA A 83 -11.59 31.35 8.45
CA ALA A 83 -11.17 30.76 7.16
C ALA A 83 -11.31 31.82 6.05
N ALA A 84 -12.39 32.58 6.08
CA ALA A 84 -12.69 33.62 5.07
C ALA A 84 -11.61 34.72 5.17
N SER A 85 -11.28 35.16 6.37
CA SER A 85 -10.21 36.17 6.58
C SER A 85 -8.85 35.59 6.14
N MET A 86 -8.69 34.26 6.13
CA MET A 86 -7.42 33.62 5.73
C MET A 86 -7.34 33.50 4.20
N GLY A 87 -8.38 33.95 3.50
CA GLY A 87 -8.39 33.97 2.03
C GLY A 87 -8.74 32.61 1.42
N ARG A 88 -9.50 31.76 2.13
CA ARG A 88 -9.94 30.44 1.60
C ARG A 88 -11.26 30.58 0.84
N PRO A 89 -11.25 30.30 -0.48
CA PRO A 89 -12.49 30.28 -1.26
C PRO A 89 -13.48 29.29 -0.64
N GLY A 90 -14.77 29.63 -0.66
CA GLY A 90 -15.88 28.83 -0.12
C GLY A 90 -16.22 29.18 1.31
N ALA A 91 -15.25 29.69 2.10
CA ALA A 91 -15.45 29.97 3.55
C ALA A 91 -16.57 31.02 3.73
N TYR A 92 -16.55 32.08 2.92
CA TYR A 92 -17.50 33.20 3.01
C TYR A 92 -18.93 32.69 2.77
N ASP A 93 -19.08 31.76 1.83
CA ASP A 93 -20.38 31.06 1.56
C ASP A 93 -20.87 30.37 2.83
N LEU A 94 -19.96 29.75 3.60
CA LEU A 94 -20.35 29.07 4.86
C LEU A 94 -20.73 30.12 5.91
N VAL A 95 -20.08 31.30 5.91
CA VAL A 95 -20.43 32.41 6.82
C VAL A 95 -21.86 32.84 6.48
N ASP A 96 -22.11 33.08 5.19
CA ASP A 96 -23.44 33.46 4.67
C ASP A 96 -24.47 32.42 5.10
N HIS A 97 -24.16 31.14 4.88
CA HIS A 97 -25.07 30.04 5.29
C HIS A 97 -25.33 30.12 6.80
N GLY A 98 -24.28 30.33 7.60
CA GLY A 98 -24.41 30.41 9.07
C GLY A 98 -25.34 31.56 9.48
N ILE A 99 -25.16 32.74 8.90
CA ILE A 99 -26.00 33.92 9.25
C ILE A 99 -27.46 33.65 8.85
N LYS A 100 -27.68 33.08 7.68
CA LYS A 100 -29.06 32.69 7.25
C LYS A 100 -29.69 31.71 8.25
N ALA A 101 -28.92 30.72 8.73
CA ALA A 101 -29.38 29.73 9.73
C ALA A 101 -29.74 30.45 11.04
N MET A 102 -28.98 31.45 11.46
CA MET A 102 -29.23 32.21 12.72
C MET A 102 -30.43 33.15 12.56
N ASN A 103 -30.86 33.42 11.33
CA ASN A 103 -32.08 34.22 11.03
C ASN A 103 -33.24 33.32 10.62
N GLY A 104 -33.03 32.00 10.51
CA GLY A 104 -34.01 31.02 9.99
C GLY A 104 -34.57 30.08 11.07
N ALA A 105 -34.50 28.78 10.82
CA ALA A 105 -35.24 27.78 11.63
C ALA A 105 -34.78 27.78 13.09
N LEU A 106 -33.49 28.06 13.36
CA LEU A 106 -32.97 28.11 14.76
C LEU A 106 -33.60 29.27 15.52
N ARG A 107 -34.00 30.34 14.83
CA ARG A 107 -34.46 31.58 15.50
C ARG A 107 -35.90 31.39 15.98
N ASP A 108 -36.16 31.63 17.27
CA ASP A 108 -37.53 31.58 17.85
C ASP A 108 -38.24 32.89 17.48
N LYS A 109 -39.18 32.82 16.53
CA LYS A 109 -39.89 34.04 16.02
C LYS A 109 -40.91 34.53 17.06
N LYS A 110 -41.39 33.68 17.96
CA LYS A 110 -42.41 34.04 19.00
C LYS A 110 -41.73 34.68 20.21
N TYR A 111 -40.73 34.05 20.82
CA TYR A 111 -40.14 34.50 22.10
C TYR A 111 -38.74 35.11 21.94
N GLY A 112 -38.10 34.97 20.79
CA GLY A 112 -36.74 35.49 20.57
C GLY A 112 -35.65 34.52 21.02
N GLY A 113 -34.40 34.87 20.74
CA GLY A 113 -33.26 33.95 20.89
C GLY A 113 -33.43 32.74 20.00
N TRP A 114 -32.77 31.65 20.37
CA TRP A 114 -32.60 30.47 19.48
C TRP A 114 -32.92 29.19 20.24
N TYR A 115 -33.65 28.32 19.58
CA TYR A 115 -33.85 26.90 19.98
C TYR A 115 -32.48 26.23 20.06
N ALA A 116 -32.33 25.30 20.99
CA ALA A 116 -31.09 24.49 21.18
C ALA A 116 -30.87 23.58 19.98
N CYS A 117 -31.94 23.04 19.37
CA CYS A 117 -31.82 21.99 18.32
C CYS A 117 -33.09 21.99 17.46
N VAL A 118 -32.90 21.98 16.15
CA VAL A 118 -33.96 21.87 15.11
C VAL A 118 -33.51 20.84 14.07
N ASN A 119 -34.46 20.42 13.24
CA ASN A 119 -34.19 19.56 12.05
C ASN A 119 -35.16 20.01 10.96
N ASP A 120 -35.20 19.31 9.84
CA ASP A 120 -35.97 19.73 8.64
C ASP A 120 -37.48 19.69 8.96
N GLN A 121 -37.92 18.94 9.97
CA GLN A 121 -39.36 18.76 10.35
C GLN A 121 -39.81 19.87 11.31
N GLY A 122 -38.92 20.39 12.17
CA GLY A 122 -39.22 21.49 13.09
C GLY A 122 -38.28 21.52 14.29
N VAL A 123 -38.78 21.93 15.45
CA VAL A 123 -37.98 22.10 16.70
C VAL A 123 -37.83 20.74 17.39
N VAL A 124 -36.62 20.40 17.82
CA VAL A 124 -36.26 19.17 18.57
C VAL A 124 -36.12 19.53 20.05
N ASP A 125 -35.41 20.62 20.36
CA ASP A 125 -35.19 21.08 21.75
C ASP A 125 -35.41 22.60 21.73
N ALA A 126 -36.50 23.04 22.36
CA ALA A 126 -37.02 24.42 22.32
C ALA A 126 -36.38 25.25 23.43
N SER A 127 -35.60 24.63 24.31
CA SER A 127 -35.01 25.29 25.49
C SER A 127 -34.00 26.36 25.04
N LYS A 128 -33.77 27.35 25.90
CA LYS A 128 -32.92 28.53 25.65
C LYS A 128 -31.66 28.37 26.51
N GLN A 129 -30.61 27.78 25.93
CA GLN A 129 -29.38 27.38 26.65
C GLN A 129 -28.36 28.51 26.62
N GLY A 130 -27.99 29.06 27.77
CA GLY A 130 -27.00 30.15 27.89
C GLY A 130 -25.69 29.76 27.26
N TYR A 131 -25.22 28.53 27.53
CA TYR A 131 -23.96 27.98 26.96
C TYR A 131 -23.96 28.25 25.44
N GLN A 132 -25.06 27.86 24.80
CA GLN A 132 -25.23 27.90 23.33
C GLN A 132 -25.44 29.34 22.86
N HIS A 133 -26.11 30.18 23.63
CA HIS A 133 -26.35 31.61 23.29
C HIS A 133 -25.01 32.38 23.30
N PHE A 134 -24.09 32.06 24.20
CA PHE A 134 -22.74 32.69 24.25
C PHE A 134 -21.94 32.31 22.99
N PHE A 135 -22.15 31.10 22.47
CA PHE A 135 -21.54 30.69 21.18
C PHE A 135 -22.21 31.48 20.05
N ALA A 136 -23.50 31.75 20.14
CA ALA A 136 -24.21 32.59 19.15
C ALA A 136 -23.55 33.97 19.15
N LEU A 137 -23.27 34.52 20.32
CA LEU A 137 -22.61 35.86 20.45
C LEU A 137 -21.20 35.81 19.82
N LEU A 138 -20.42 34.78 20.11
CA LEU A 138 -19.05 34.63 19.55
C LEU A 138 -19.15 34.56 18.02
N GLY A 139 -20.04 33.70 17.52
CA GLY A 139 -20.24 33.50 16.07
C GLY A 139 -20.59 34.79 15.38
N ALA A 140 -21.51 35.56 15.93
CA ALA A 140 -21.95 36.85 15.35
C ALA A 140 -20.78 37.84 15.39
N ALA A 141 -20.05 37.91 16.48
CA ALA A 141 -18.93 38.87 16.62
C ALA A 141 -17.80 38.51 15.63
N SER A 142 -17.47 37.22 15.51
CA SER A 142 -16.44 36.76 14.55
C SER A 142 -16.93 37.06 13.11
N ALA A 143 -18.21 36.82 12.82
CA ALA A 143 -18.79 37.06 11.47
C ALA A 143 -18.68 38.55 11.11
N VAL A 144 -18.81 39.45 12.08
CA VAL A 144 -18.65 40.91 11.84
C VAL A 144 -17.28 41.19 11.20
N THR A 145 -16.21 40.46 11.58
CA THR A 145 -14.84 40.74 11.07
C THR A 145 -14.75 40.48 9.57
N THR A 146 -15.69 39.72 8.99
CA THR A 146 -15.72 39.42 7.54
C THR A 146 -16.40 40.55 6.78
N GLY A 147 -17.14 41.43 7.46
CA GLY A 147 -17.93 42.48 6.80
C GLY A 147 -19.13 41.92 6.04
N HIS A 148 -19.52 40.66 6.25
CA HIS A 148 -20.80 40.15 5.73
C HIS A 148 -21.88 41.17 6.07
N PRO A 149 -22.70 41.62 5.08
CA PRO A 149 -23.64 42.72 5.30
C PRO A 149 -24.71 42.50 6.37
N GLU A 150 -24.99 41.26 6.78
CA GLU A 150 -26.02 40.94 7.79
C GLU A 150 -25.36 40.63 9.15
N ALA A 151 -24.03 40.65 9.25
CA ALA A 151 -23.33 40.22 10.49
C ALA A 151 -23.60 41.20 11.64
N ARG A 152 -23.47 42.50 11.40
CA ARG A 152 -23.62 43.54 12.45
C ARG A 152 -25.05 43.48 12.98
N LYS A 153 -26.05 43.36 12.11
CA LYS A 153 -27.49 43.25 12.51
C LYS A 153 -27.64 42.00 13.39
N LEU A 154 -27.01 40.88 13.02
CA LEU A 154 -27.11 39.64 13.84
C LEU A 154 -26.46 39.89 15.21
N LEU A 155 -25.28 40.51 15.24
CA LEU A 155 -24.60 40.79 16.52
C LEU A 155 -25.49 41.69 17.38
N ASP A 156 -26.09 42.75 16.82
CA ASP A 156 -26.91 43.71 17.61
C ASP A 156 -28.08 42.95 18.24
N TYR A 157 -28.72 42.08 17.47
CA TYR A 157 -29.85 41.29 17.99
C TYR A 157 -29.36 40.35 19.09
N THR A 158 -28.26 39.64 18.87
CA THR A 158 -27.70 38.66 19.84
C THR A 158 -27.38 39.39 21.16
N ILE A 159 -26.78 40.57 21.06
CA ILE A 159 -26.48 41.42 22.25
C ILE A 159 -27.77 41.69 23.03
N GLU A 160 -28.86 42.05 22.34
CA GLU A 160 -30.16 42.36 23.02
C GLU A 160 -30.63 41.12 23.79
N VAL A 161 -30.54 39.94 23.18
CA VAL A 161 -30.99 38.67 23.82
C VAL A 161 -30.10 38.40 25.03
N ILE A 162 -28.78 38.52 24.86
CA ILE A 162 -27.82 38.26 25.97
C ILE A 162 -28.16 39.21 27.14
N GLU A 163 -28.33 40.50 26.87
CA GLU A 163 -28.53 41.53 27.93
C GLU A 163 -29.91 41.38 28.59
N LYS A 164 -30.91 40.90 27.86
CA LYS A 164 -32.27 40.66 28.40
C LYS A 164 -32.25 39.42 29.31
N TYR A 165 -31.62 38.32 28.91
CA TYR A 165 -31.89 37.00 29.55
C TYR A 165 -30.64 36.29 30.11
N PHE A 166 -29.41 36.62 29.70
CA PHE A 166 -28.26 35.76 30.04
C PHE A 166 -27.21 36.48 30.87
N TRP A 167 -27.01 37.78 30.67
CA TRP A 167 -26.23 38.63 31.59
C TRP A 167 -27.19 39.24 32.61
N SER A 168 -26.97 38.98 33.89
CA SER A 168 -27.77 39.50 35.02
C SER A 168 -27.05 40.73 35.60
N GLU A 169 -27.65 41.91 35.50
CA GLU A 169 -27.14 43.16 36.13
C GLU A 169 -27.19 42.97 37.65
N GLU A 170 -28.18 42.25 38.19
CA GLU A 170 -28.34 42.02 39.67
C GLU A 170 -27.16 41.18 40.18
N GLU A 171 -26.83 40.05 39.54
CA GLU A 171 -25.76 39.13 39.99
C GLU A 171 -24.39 39.58 39.43
N GLN A 172 -24.35 40.37 38.35
CA GLN A 172 -23.11 40.71 37.63
C GLN A 172 -22.39 39.39 37.27
N MET A 173 -23.16 38.46 36.74
CA MET A 173 -22.71 37.12 36.29
C MET A 173 -23.71 36.66 35.23
N CYS A 174 -23.43 35.54 34.57
CA CYS A 174 -24.34 34.99 33.52
C CYS A 174 -25.24 33.94 34.14
N LEU A 175 -26.52 33.96 33.72
CA LEU A 175 -27.51 32.91 34.01
C LEU A 175 -27.19 31.69 33.17
N GLU A 176 -27.86 30.57 33.40
CA GLU A 176 -27.55 29.29 32.69
C GLU A 176 -28.53 29.05 31.55
N SER A 177 -29.81 28.94 31.82
CA SER A 177 -30.80 28.52 30.79
C SER A 177 -32.21 28.92 31.19
N TRP A 178 -33.09 28.92 30.21
CA TRP A 178 -34.54 29.19 30.37
C TRP A 178 -35.32 28.14 29.58
N ASP A 179 -36.59 27.97 29.91
CA ASP A 179 -37.61 27.33 29.02
C ASP A 179 -37.75 28.16 27.74
N GLU A 180 -38.39 27.59 26.74
CA GLU A 180 -38.68 28.22 25.42
C GLU A 180 -39.17 29.66 25.61
N ALA A 181 -40.14 29.87 26.51
CA ALA A 181 -40.91 31.14 26.62
C ALA A 181 -40.18 32.17 27.51
N PHE A 182 -38.97 31.87 28.00
CA PHE A 182 -38.23 32.74 28.95
C PHE A 182 -39.12 33.09 30.16
N SER A 183 -39.86 32.12 30.70
CA SER A 183 -40.75 32.31 31.89
C SER A 183 -40.03 31.90 33.18
N GLN A 184 -39.19 30.86 33.17
CA GLN A 184 -38.45 30.37 34.38
C GLN A 184 -36.99 30.08 34.00
N THR A 185 -36.03 30.60 34.75
CA THR A 185 -34.58 30.31 34.60
C THR A 185 -34.20 29.10 35.47
N GLU A 186 -33.25 28.30 35.02
CA GLU A 186 -32.72 27.09 35.72
C GLU A 186 -32.11 27.50 37.08
N ASP A 187 -32.36 26.68 38.09
CA ASP A 187 -31.87 26.87 39.49
C ASP A 187 -30.44 26.31 39.55
N TYR A 188 -29.53 26.96 38.84
CA TYR A 188 -28.15 26.49 38.55
C TYR A 188 -27.38 27.66 37.94
N ARG A 189 -26.11 27.78 38.32
CA ARG A 189 -25.15 28.72 37.69
C ARG A 189 -23.90 27.92 37.35
N GLY A 190 -23.36 28.16 36.15
CA GLY A 190 -22.33 27.31 35.54
C GLY A 190 -21.06 28.03 35.18
N GLY A 191 -19.91 27.49 35.58
CA GLY A 191 -18.58 27.93 35.13
C GLY A 191 -18.44 27.85 33.62
N ASN A 192 -19.00 26.82 32.99
CA ASN A 192 -18.81 26.53 31.55
C ASN A 192 -19.44 27.67 30.73
N ALA A 193 -20.71 27.94 30.96
CA ALA A 193 -21.46 29.01 30.25
C ALA A 193 -20.77 30.35 30.57
N ASN A 194 -20.37 30.59 31.81
CA ASN A 194 -19.72 31.88 32.19
C ASN A 194 -18.33 31.98 31.52
N MET A 195 -17.64 30.87 31.31
CA MET A 195 -16.30 30.88 30.68
C MET A 195 -16.47 31.26 29.20
N HIS A 196 -17.45 30.67 28.50
CA HIS A 196 -17.72 30.95 27.06
C HIS A 196 -18.35 32.33 26.90
N ALA A 197 -18.98 32.88 27.94
CA ALA A 197 -19.37 34.31 27.97
C ALA A 197 -18.12 35.19 27.91
N VAL A 198 -17.10 34.90 28.73
CA VAL A 198 -15.83 35.66 28.74
C VAL A 198 -15.23 35.62 27.32
N GLU A 199 -15.20 34.42 26.72
CA GLU A 199 -14.61 34.19 25.37
C GLU A 199 -15.35 35.07 24.35
N ALA A 200 -16.70 35.06 24.36
CA ALA A 200 -17.52 35.84 23.41
C ALA A 200 -17.36 37.35 23.67
N PHE A 201 -17.38 37.76 24.94
CA PHE A 201 -17.29 39.19 25.36
C PHE A 201 -15.99 39.81 24.85
N LEU A 202 -14.89 39.06 24.89
CA LEU A 202 -13.58 39.50 24.35
C LEU A 202 -13.72 39.92 22.88
N ILE A 203 -14.42 39.14 22.09
CA ILE A 203 -14.55 39.41 20.63
C ILE A 203 -15.60 40.52 20.41
N VAL A 204 -16.65 40.57 21.24
CA VAL A 204 -17.63 41.68 21.19
C VAL A 204 -16.90 42.99 21.48
N TYR A 205 -16.01 42.97 22.47
CA TYR A 205 -15.14 44.13 22.79
C TYR A 205 -14.34 44.51 21.54
N ASP A 206 -13.72 43.54 20.89
CA ASP A 206 -12.86 43.79 19.71
C ASP A 206 -13.67 44.39 18.54
N VAL A 207 -14.98 44.15 18.45
CA VAL A 207 -15.79 44.70 17.32
C VAL A 207 -16.73 45.82 17.81
N THR A 208 -16.60 46.30 19.04
CA THR A 208 -17.36 47.49 19.56
C THR A 208 -16.44 48.55 20.19
N HIS A 209 -15.28 48.14 20.71
CA HIS A 209 -14.41 48.90 21.66
C HIS A 209 -15.28 49.59 22.70
N ASP A 210 -16.31 48.90 23.15
CA ASP A 210 -17.09 49.31 24.35
C ASP A 210 -16.54 48.49 25.52
N LYS A 211 -15.79 49.17 26.41
CA LYS A 211 -15.16 48.60 27.63
C LYS A 211 -16.16 47.80 28.50
N LYS A 212 -17.47 47.99 28.47
CA LYS A 212 -18.35 47.23 29.40
C LYS A 212 -18.20 45.70 29.13
N TRP A 213 -17.91 45.30 27.91
CA TRP A 213 -17.75 43.84 27.57
C TRP A 213 -16.53 43.28 28.30
N LEU A 214 -15.46 44.05 28.40
CA LEU A 214 -14.20 43.67 29.07
C LEU A 214 -14.39 43.76 30.59
N ASP A 215 -15.15 44.74 31.08
CA ASP A 215 -15.51 44.87 32.52
C ASP A 215 -16.29 43.62 32.95
N ARG A 216 -17.26 43.20 32.15
CA ARG A 216 -18.03 41.96 32.44
C ARG A 216 -17.12 40.74 32.47
N ALA A 217 -16.25 40.60 31.48
CA ALA A 217 -15.27 39.49 31.41
C ALA A 217 -14.41 39.46 32.68
N LEU A 218 -13.84 40.60 33.10
CA LEU A 218 -12.98 40.69 34.28
C LEU A 218 -13.76 40.27 35.54
N ARG A 219 -14.99 40.77 35.66
CA ARG A 219 -15.89 40.45 36.81
C ARG A 219 -16.13 38.94 36.87
N ILE A 220 -16.51 38.31 35.75
CA ILE A 220 -16.79 36.86 35.73
C ILE A 220 -15.56 36.11 36.24
N ALA A 221 -14.40 36.44 35.70
CA ALA A 221 -13.12 35.78 36.07
C ALA A 221 -12.83 36.01 37.56
N SER A 222 -13.12 37.20 38.09
CA SER A 222 -12.81 37.55 39.51
C SER A 222 -13.58 36.60 40.43
N VAL A 223 -14.80 36.23 40.06
CA VAL A 223 -15.70 35.41 40.92
C VAL A 223 -15.30 33.92 40.80
N ILE A 224 -15.21 33.39 39.59
CA ILE A 224 -15.04 31.93 39.38
C ILE A 224 -13.57 31.53 39.62
N ILE A 225 -12.61 32.37 39.24
CA ILE A 225 -11.16 32.03 39.33
C ILE A 225 -10.54 32.68 40.55
N HIS A 226 -10.53 34.02 40.62
CA HIS A 226 -9.73 34.72 41.65
C HIS A 226 -10.28 34.44 43.05
N ASP A 227 -11.61 34.36 43.21
CA ASP A 227 -12.22 33.99 44.51
C ASP A 227 -12.18 32.44 44.67
N VAL A 228 -13.03 31.70 43.98
CA VAL A 228 -13.27 30.26 44.30
C VAL A 228 -12.09 29.37 43.89
N ALA A 229 -11.68 29.36 42.62
CA ALA A 229 -10.61 28.45 42.11
C ALA A 229 -9.30 28.63 42.91
N ARG A 230 -8.83 29.88 43.06
CA ARG A 230 -7.54 30.21 43.74
C ARG A 230 -7.53 29.63 45.16
N ASN A 231 -8.66 29.74 45.87
CA ASN A 231 -8.77 29.28 47.28
C ASN A 231 -8.82 27.74 47.36
N GLY A 232 -9.05 27.02 46.25
CA GLY A 232 -9.05 25.54 46.19
C GLY A 232 -7.89 24.96 45.38
N ASP A 233 -6.70 25.55 45.48
CA ASP A 233 -5.46 25.11 44.77
C ASP A 233 -5.70 25.07 43.25
N TYR A 234 -6.52 26.02 42.76
CA TYR A 234 -6.77 26.30 41.34
C TYR A 234 -7.55 25.13 40.72
N ARG A 235 -8.26 24.36 41.55
CA ARG A 235 -9.26 23.37 41.06
C ARG A 235 -10.57 24.14 40.85
N VAL A 236 -10.93 24.43 39.62
CA VAL A 236 -12.08 25.32 39.34
C VAL A 236 -13.36 24.60 39.72
N ASN A 237 -14.16 25.21 40.58
CA ASN A 237 -15.57 24.79 40.81
C ASN A 237 -16.45 25.32 39.69
N GLU A 238 -17.23 24.45 39.01
CA GLU A 238 -18.08 24.79 37.83
C GLU A 238 -19.56 24.86 38.20
N HIS A 239 -20.01 24.11 39.21
CA HIS A 239 -21.45 23.93 39.54
C HIS A 239 -21.80 24.77 40.77
N PHE A 240 -22.75 25.69 40.60
CA PHE A 240 -23.23 26.60 41.66
C PHE A 240 -24.76 26.57 41.69
N ASP A 241 -25.33 26.92 42.85
CA ASP A 241 -26.78 27.20 43.00
C ASP A 241 -27.05 28.66 42.60
N SER A 242 -28.29 29.13 42.75
CA SER A 242 -28.75 30.47 42.29
C SER A 242 -28.11 31.58 43.12
N GLN A 243 -27.53 31.27 44.28
CA GLN A 243 -26.88 32.25 45.18
C GLN A 243 -25.36 32.16 44.99
N TRP A 244 -24.89 31.44 43.96
CA TRP A 244 -23.44 31.35 43.61
C TRP A 244 -22.66 30.66 44.73
N ASN A 245 -23.27 29.73 45.46
CA ASN A 245 -22.58 28.78 46.37
C ASN A 245 -22.27 27.51 45.59
N PRO A 246 -21.03 26.98 45.70
CA PRO A 246 -20.68 25.73 45.06
C PRO A 246 -21.61 24.57 45.45
N ILE A 247 -21.98 23.74 44.48
CA ILE A 247 -22.57 22.38 44.66
C ILE A 247 -21.48 21.35 44.33
N ARG A 248 -20.69 20.96 45.32
CA ARG A 248 -19.48 20.11 45.11
C ARG A 248 -19.89 18.75 44.51
N ASP A 249 -21.05 18.21 44.87
CA ASP A 249 -21.45 16.81 44.51
C ASP A 249 -22.34 16.84 43.27
N TYR A 250 -22.46 17.96 42.56
CA TYR A 250 -23.31 18.06 41.35
C TYR A 250 -22.89 17.00 40.32
N ASN A 251 -23.90 16.30 39.78
CA ASN A 251 -23.81 15.18 38.80
C ASN A 251 -22.95 14.03 39.32
N LYS A 252 -22.93 13.77 40.62
CA LYS A 252 -22.22 12.58 41.21
C LYS A 252 -22.74 11.31 40.53
N ASP A 253 -24.04 11.25 40.22
CA ASP A 253 -24.72 10.09 39.60
C ASP A 253 -24.48 10.07 38.07
N ASN A 254 -23.90 11.12 37.48
CA ASN A 254 -23.74 11.23 36.00
C ASN A 254 -22.38 11.87 35.70
N PRO A 255 -21.28 11.24 36.18
CA PRO A 255 -19.99 11.93 36.24
C PRO A 255 -19.40 12.31 34.86
N ALA A 256 -19.76 11.60 33.79
CA ALA A 256 -19.15 11.75 32.44
C ALA A 256 -20.04 12.63 31.55
N HIS A 257 -20.91 13.48 32.13
CA HIS A 257 -21.72 14.49 31.38
C HIS A 257 -20.83 15.27 30.40
N ARG A 258 -21.31 15.54 29.18
CA ARG A 258 -20.54 16.16 28.07
C ARG A 258 -20.23 17.64 28.35
N PHE A 259 -21.03 18.31 29.20
CA PHE A 259 -20.96 19.78 29.46
C PHE A 259 -20.78 20.08 30.96
N ARG A 260 -21.24 19.20 31.88
CA ARG A 260 -21.29 19.45 33.35
C ARG A 260 -20.76 18.22 34.12
N ALA A 261 -19.52 17.79 33.84
CA ALA A 261 -18.85 16.66 34.52
C ALA A 261 -18.84 16.88 36.04
N TYR A 262 -18.99 15.80 36.81
CA TYR A 262 -18.79 15.80 38.27
C TYR A 262 -17.39 16.31 38.58
N GLY A 263 -17.27 17.14 39.62
CA GLY A 263 -15.96 17.58 40.17
C GLY A 263 -15.32 18.62 39.25
N GLY A 264 -14.01 18.50 39.01
CA GLY A 264 -13.25 19.45 38.20
C GLY A 264 -13.04 18.93 36.79
N THR A 265 -13.10 19.81 35.79
CA THR A 265 -12.74 19.54 34.38
C THR A 265 -11.46 20.29 34.08
N PRO A 266 -10.27 19.66 34.25
CA PRO A 266 -9.00 20.38 34.10
C PRO A 266 -8.79 21.07 32.75
N GLY A 267 -9.34 20.53 31.66
CA GLY A 267 -9.34 21.25 30.39
C GLY A 267 -9.91 22.65 30.54
N ALA A 268 -10.99 22.82 31.32
CA ALA A 268 -11.63 24.13 31.54
C ALA A 268 -10.70 25.01 32.35
N TRP A 269 -9.95 24.45 33.31
CA TRP A 269 -9.03 25.25 34.14
C TRP A 269 -8.02 25.96 33.22
N ILE A 270 -7.39 25.20 32.33
CA ILE A 270 -6.28 25.73 31.50
C ILE A 270 -6.86 26.70 30.44
N GLU A 271 -8.09 26.46 29.97
CA GLU A 271 -8.82 27.37 29.04
C GLU A 271 -9.08 28.71 29.72
N TRP A 272 -9.58 28.71 30.96
CA TRP A 272 -9.78 29.94 31.77
C TRP A 272 -8.48 30.75 31.76
N GLY A 273 -7.34 30.07 31.93
CA GLY A 273 -6.01 30.69 31.94
C GLY A 273 -5.76 31.48 30.67
N ARG A 274 -5.99 30.88 29.50
CA ARG A 274 -5.73 31.59 28.20
C ARG A 274 -6.66 32.80 28.15
N LEU A 275 -7.93 32.63 28.49
CA LEU A 275 -8.94 33.71 28.35
C LEU A 275 -8.52 34.90 29.21
N MET A 276 -7.98 34.65 30.39
CA MET A 276 -7.53 35.73 31.30
C MET A 276 -6.31 36.45 30.72
N LEU A 277 -5.48 35.74 29.95
CA LEU A 277 -4.33 36.35 29.24
C LEU A 277 -4.79 37.16 28.03
N HIS A 278 -5.85 36.76 27.32
CA HIS A 278 -6.50 37.62 26.29
C HIS A 278 -7.01 38.91 26.93
N LEU A 279 -7.59 38.82 28.14
CA LEU A 279 -8.13 39.98 28.90
C LEU A 279 -6.96 40.90 29.27
N HIS A 280 -5.91 40.34 29.85
CA HIS A 280 -4.64 41.03 30.16
C HIS A 280 -4.15 41.79 28.93
N ALA A 281 -4.08 41.12 27.78
CA ALA A 281 -3.50 41.70 26.54
C ALA A 281 -4.40 42.86 26.05
N ALA A 282 -5.72 42.71 26.20
CA ALA A 282 -6.68 43.75 25.77
C ALA A 282 -6.44 45.03 26.59
N LEU A 283 -6.24 44.89 27.89
CA LEU A 283 -5.99 46.02 28.80
C LEU A 283 -4.65 46.67 28.46
N GLU A 284 -3.58 45.89 28.28
CA GLU A 284 -2.25 46.45 27.87
C GLU A 284 -2.36 47.19 26.53
N ALA A 285 -3.15 46.68 25.59
CA ALA A 285 -3.25 47.31 24.25
C ALA A 285 -3.81 48.74 24.36
N ARG A 286 -4.59 49.06 25.40
CA ARG A 286 -5.15 50.43 25.57
C ARG A 286 -4.44 51.15 26.74
N PHE A 287 -3.21 50.73 27.05
CA PHE A 287 -2.27 51.44 27.97
C PHE A 287 -2.84 51.45 29.37
N GLU A 288 -3.50 50.36 29.71
CA GLU A 288 -4.12 50.17 31.05
C GLU A 288 -3.39 49.02 31.72
N THR A 289 -2.91 49.23 32.94
CA THR A 289 -2.23 48.20 33.75
C THR A 289 -3.24 47.11 34.07
N PRO A 290 -3.03 45.87 33.58
CA PRO A 290 -3.92 44.77 33.93
C PRO A 290 -3.69 44.42 35.39
N PRO A 291 -4.73 44.03 36.14
CA PRO A 291 -4.52 43.53 37.50
C PRO A 291 -3.57 42.32 37.45
N ALA A 292 -2.70 42.21 38.46
CA ALA A 292 -1.59 41.22 38.51
C ALA A 292 -2.16 39.80 38.58
N TRP A 293 -3.37 39.63 39.13
CA TRP A 293 -3.99 38.29 39.34
C TRP A 293 -4.35 37.59 38.04
N LEU A 294 -4.53 38.29 36.92
CA LEU A 294 -4.82 37.63 35.62
C LEU A 294 -3.66 36.70 35.28
N LEU A 295 -2.43 37.21 35.26
CA LEU A 295 -1.21 36.39 34.95
C LEU A 295 -0.93 35.41 36.11
N GLU A 296 -1.01 35.84 37.38
CA GLU A 296 -0.71 34.94 38.53
C GLU A 296 -1.69 33.74 38.48
N ASP A 297 -2.98 33.98 38.26
CA ASP A 297 -4.00 32.90 38.30
C ASP A 297 -3.89 32.02 37.05
N ALA A 298 -3.54 32.59 35.89
CA ALA A 298 -3.34 31.82 34.64
C ALA A 298 -2.20 30.82 34.89
N LYS A 299 -1.11 31.27 35.50
CA LYS A 299 0.00 30.38 35.87
C LYS A 299 -0.50 29.31 36.85
N GLY A 300 -1.26 29.70 37.88
CA GLY A 300 -1.79 28.75 38.88
C GLY A 300 -2.64 27.67 38.21
N LEU A 301 -3.53 28.07 37.31
CA LEU A 301 -4.45 27.15 36.59
C LEU A 301 -3.63 26.23 35.69
N PHE A 302 -2.63 26.75 34.99
CA PHE A 302 -1.80 25.92 34.08
C PHE A 302 -1.10 24.84 34.90
N HIS A 303 -0.44 25.21 36.00
CA HIS A 303 0.35 24.27 36.83
C HIS A 303 -0.57 23.27 37.57
N ALA A 304 -1.77 23.69 37.98
CA ALA A 304 -2.76 22.80 38.64
C ALA A 304 -3.26 21.76 37.63
N THR A 305 -3.49 22.18 36.38
CA THR A 305 -3.95 21.31 35.30
C THR A 305 -2.91 20.21 35.08
N ILE A 306 -1.62 20.56 35.02
CA ILE A 306 -0.55 19.55 34.85
C ILE A 306 -0.46 18.68 36.10
N ARG A 307 -0.49 19.28 37.30
CA ARG A 307 -0.34 18.56 38.59
C ARG A 307 -1.36 17.41 38.66
N ASP A 308 -2.64 17.71 38.40
CA ASP A 308 -3.75 16.77 38.67
C ASP A 308 -4.09 15.91 37.44
N ALA A 309 -3.90 16.42 36.21
CA ALA A 309 -4.60 15.84 35.05
C ALA A 309 -3.64 15.39 33.95
N TRP A 310 -2.35 15.77 33.98
CA TRP A 310 -1.41 15.30 32.96
C TRP A 310 -0.81 13.96 33.40
N ALA A 311 -0.99 12.93 32.59
CA ALA A 311 -0.48 11.56 32.85
C ALA A 311 -0.64 11.20 34.33
N PRO A 312 -1.85 11.29 34.92
CA PRO A 312 -2.05 11.03 36.34
C PRO A 312 -2.25 9.55 36.66
N ASP A 313 -2.34 8.69 35.63
CA ASP A 313 -2.82 7.30 35.76
C ASP A 313 -1.95 6.34 34.94
N GLY A 314 -0.67 6.65 34.75
CA GLY A 314 0.31 5.72 34.17
C GLY A 314 0.42 5.80 32.66
N ALA A 315 -0.26 6.74 32.00
CA ALA A 315 -0.10 6.95 30.54
C ALA A 315 -0.21 8.43 30.23
N ASP A 316 0.33 8.87 29.10
CA ASP A 316 0.29 10.29 28.68
C ASP A 316 -1.16 10.71 28.46
N GLY A 317 -1.39 12.03 28.51
CA GLY A 317 -2.66 12.64 28.11
C GLY A 317 -3.32 13.33 29.27
N PHE A 318 -4.31 14.16 28.97
CA PHE A 318 -5.13 14.86 30.00
C PHE A 318 -6.43 14.08 30.22
N VAL A 319 -6.69 13.69 31.47
CA VAL A 319 -7.97 13.05 31.86
C VAL A 319 -9.05 14.12 31.76
N TYR A 320 -10.31 13.70 31.70
CA TYR A 320 -11.47 14.59 31.51
C TYR A 320 -11.84 15.26 32.84
N SER A 321 -11.89 14.48 33.92
CA SER A 321 -12.39 15.00 35.22
C SER A 321 -11.57 14.44 36.38
N VAL A 322 -11.49 15.21 37.46
CA VAL A 322 -10.82 14.85 38.72
C VAL A 322 -11.77 15.20 39.87
N ASP A 323 -11.54 14.55 41.01
CA ASP A 323 -12.24 14.81 42.27
C ASP A 323 -11.58 16.03 42.93
N TRP A 324 -12.08 16.44 44.11
CA TRP A 324 -11.63 17.65 44.83
C TRP A 324 -10.26 17.39 45.48
N ASP A 325 -9.79 16.14 45.46
CA ASP A 325 -8.40 15.74 45.84
C ASP A 325 -7.49 15.67 44.60
N GLY A 326 -8.02 15.95 43.42
CA GLY A 326 -7.24 16.01 42.17
C GLY A 326 -7.01 14.65 41.53
N LYS A 327 -7.68 13.61 42.01
CA LYS A 327 -7.54 12.22 41.50
C LYS A 327 -8.55 12.05 40.37
N PRO A 328 -8.14 11.45 39.24
CA PRO A 328 -9.02 11.26 38.09
C PRO A 328 -10.31 10.51 38.46
N ILE A 329 -11.42 10.95 37.86
CA ILE A 329 -12.72 10.22 37.84
C ILE A 329 -12.95 9.69 36.43
N VAL A 330 -13.18 10.55 35.45
CA VAL A 330 -13.33 10.09 34.04
C VAL A 330 -11.93 10.17 33.42
N ARG A 331 -11.36 9.01 33.10
CA ARG A 331 -9.94 8.90 32.71
C ARG A 331 -9.82 8.94 31.18
N GLU A 332 -10.93 9.00 30.45
CA GLU A 332 -10.90 9.15 28.98
C GLU A 332 -10.19 10.47 28.63
N ARG A 333 -9.38 10.44 27.58
CA ARG A 333 -8.70 11.63 26.99
C ARG A 333 -9.64 12.15 25.90
N VAL A 334 -10.43 13.16 26.24
CA VAL A 334 -11.23 13.95 25.28
C VAL A 334 -10.28 14.91 24.56
N ARG A 335 -10.61 15.27 23.31
CA ARG A 335 -9.68 16.02 22.45
C ARG A 335 -9.43 17.42 23.02
N TRP A 336 -10.49 18.16 23.41
CA TRP A 336 -10.39 19.62 23.61
C TRP A 336 -9.47 20.00 24.77
N PRO A 337 -9.40 19.28 25.91
CA PRO A 337 -8.49 19.71 26.99
C PRO A 337 -7.02 19.88 26.57
N ILE A 338 -6.43 18.97 25.81
CA ILE A 338 -5.00 19.11 25.41
C ILE A 338 -4.89 20.22 24.37
N VAL A 339 -5.91 20.42 23.53
CA VAL A 339 -5.91 21.50 22.51
C VAL A 339 -5.86 22.84 23.23
N GLU A 340 -6.69 23.02 24.25
CA GLU A 340 -6.74 24.23 25.08
C GLU A 340 -5.41 24.40 25.82
N ALA A 341 -4.86 23.32 26.39
CA ALA A 341 -3.55 23.36 27.09
C ALA A 341 -2.50 23.96 26.16
N MET A 342 -2.48 23.56 24.89
CA MET A 342 -1.50 24.04 23.89
C MET A 342 -1.69 25.54 23.66
N GLY A 343 -2.94 26.00 23.55
CA GLY A 343 -3.25 27.44 23.43
C GLY A 343 -2.72 28.22 24.64
N THR A 344 -2.92 27.70 25.85
CA THR A 344 -2.52 28.39 27.08
C THR A 344 -1.00 28.43 27.17
N ALA A 345 -0.33 27.32 26.81
CA ALA A 345 1.14 27.29 26.76
C ALA A 345 1.66 28.45 25.90
N TYR A 346 1.06 28.65 24.73
CA TYR A 346 1.45 29.75 23.81
C TYR A 346 1.23 31.10 24.50
N ALA A 347 0.06 31.31 25.10
CA ALA A 347 -0.29 32.61 25.72
C ALA A 347 0.68 32.89 26.89
N LEU A 348 0.98 31.87 27.72
CA LEU A 348 1.91 32.06 28.86
C LEU A 348 3.32 32.34 28.33
N TYR A 349 3.76 31.63 27.30
CA TYR A 349 5.09 31.90 26.68
C TYR A 349 5.13 33.35 26.21
N THR A 350 4.07 33.82 25.56
CA THR A 350 4.02 35.16 24.94
C THR A 350 4.18 36.22 26.04
N LEU A 351 3.61 36.00 27.23
CA LEU A 351 3.64 37.00 28.32
C LEU A 351 4.82 36.79 29.28
N THR A 352 5.40 35.60 29.38
CA THR A 352 6.50 35.35 30.37
C THR A 352 7.85 35.16 29.69
N ASP A 353 7.89 34.77 28.42
CA ASP A 353 9.12 34.34 27.71
C ASP A 353 9.77 33.16 28.44
N ASP A 354 9.02 32.43 29.26
CA ASP A 354 9.54 31.24 30.00
C ASP A 354 9.44 30.00 29.09
N SER A 355 10.57 29.42 28.74
CA SER A 355 10.64 28.36 27.69
C SER A 355 10.01 27.05 28.21
N GLN A 356 9.73 26.90 29.51
CA GLN A 356 8.99 25.73 30.03
C GLN A 356 7.64 25.63 29.29
N TYR A 357 7.03 26.76 28.95
CA TYR A 357 5.69 26.77 28.29
C TYR A 357 5.82 26.24 26.86
N GLU A 358 6.91 26.57 26.17
CA GLU A 358 7.14 26.04 24.80
C GLU A 358 7.43 24.54 24.88
N GLU A 359 8.14 24.07 25.92
CA GLU A 359 8.45 22.62 26.06
C GLU A 359 7.14 21.82 26.16
N TRP A 360 6.22 22.29 26.98
CA TRP A 360 4.89 21.67 27.13
C TRP A 360 4.15 21.67 25.78
N TYR A 361 4.10 22.81 25.11
CA TYR A 361 3.46 22.93 23.78
C TYR A 361 4.02 21.85 22.84
N GLN A 362 5.34 21.68 22.81
CA GLN A 362 6.02 20.74 21.88
C GLN A 362 5.66 19.29 22.26
N LYS A 363 5.73 18.96 23.56
CA LYS A 363 5.34 17.64 24.11
C LYS A 363 3.88 17.32 23.73
N TRP A 364 2.98 18.28 23.89
CA TRP A 364 1.54 18.07 23.58
C TRP A 364 1.36 17.92 22.06
N TRP A 365 2.06 18.70 21.25
CA TRP A 365 1.99 18.49 19.77
C TRP A 365 2.39 17.04 19.43
N ASP A 366 3.44 16.51 20.05
CA ASP A 366 3.93 15.14 19.75
C ASP A 366 2.86 14.11 20.14
N TYR A 367 2.20 14.32 21.27
CA TYR A 367 1.09 13.45 21.72
C TYR A 367 -0.05 13.53 20.69
N CYS A 368 -0.42 14.73 20.26
CA CYS A 368 -1.57 14.92 19.34
C CYS A 368 -1.33 14.19 18.02
N ILE A 369 -0.16 14.29 17.40
CA ILE A 369 0.03 13.63 16.08
C ILE A 369 0.06 12.11 16.32
N LYS A 370 0.55 11.64 17.47
CA LYS A 370 0.68 10.20 17.76
C LYS A 370 -0.69 9.55 17.99
N TYR A 371 -1.61 10.21 18.69
CA TYR A 371 -2.86 9.58 19.19
C TYR A 371 -4.15 10.24 18.69
N LEU A 372 -4.18 11.55 18.40
CA LEU A 372 -5.47 12.24 18.13
C LEU A 372 -5.66 12.53 16.64
N MET A 373 -4.61 12.89 15.92
CA MET A 373 -4.76 13.31 14.51
C MET A 373 -5.13 12.09 13.67
N ASP A 374 -6.11 12.25 12.79
CA ASP A 374 -6.65 11.14 11.95
C ASP A 374 -6.52 11.54 10.46
N TYR A 375 -5.38 11.21 9.88
CA TYR A 375 -5.08 11.43 8.44
C TYR A 375 -5.92 10.50 7.56
N GLU A 376 -6.26 9.30 8.03
CA GLU A 376 -7.03 8.31 7.22
C GLU A 376 -8.48 8.80 7.05
N ASN A 377 -9.22 9.13 8.12
CA ASN A 377 -10.68 9.43 8.03
C ASN A 377 -10.96 10.94 8.10
N GLY A 378 -9.97 11.75 8.51
CA GLY A 378 -10.11 13.22 8.54
C GLY A 378 -10.18 13.78 9.95
N SER A 379 -9.73 15.02 10.09
CA SER A 379 -9.78 15.77 11.36
C SER A 379 -9.02 14.97 12.44
N TRP A 380 -9.50 15.05 13.67
CA TRP A 380 -8.89 14.41 14.86
C TRP A 380 -9.95 13.55 15.52
N TRP A 381 -9.52 12.52 16.22
CA TRP A 381 -10.41 11.74 17.12
C TRP A 381 -10.95 12.67 18.22
N GLN A 382 -12.16 12.40 18.68
CA GLN A 382 -12.82 13.18 19.74
C GLN A 382 -12.41 12.64 21.11
N GLU A 383 -12.08 11.35 21.20
CA GLU A 383 -12.00 10.67 22.51
C GLU A 383 -11.11 9.43 22.45
N LEU A 384 -10.22 9.27 23.43
CA LEU A 384 -9.39 8.06 23.64
C LEU A 384 -9.67 7.48 25.04
N ASP A 385 -9.39 6.19 25.23
CA ASP A 385 -9.45 5.50 26.54
C ASP A 385 -8.16 5.83 27.31
N ALA A 386 -8.07 5.31 28.54
CA ALA A 386 -6.97 5.55 29.49
C ALA A 386 -5.64 5.04 28.94
N ASP A 387 -5.62 4.25 27.87
CA ASP A 387 -4.36 3.82 27.20
C ASP A 387 -4.16 4.55 25.87
N ASN A 388 -4.93 5.60 25.61
CA ASN A 388 -4.78 6.48 24.43
C ASN A 388 -5.12 5.73 23.14
N LYS A 389 -5.98 4.71 23.23
CA LYS A 389 -6.61 4.05 22.05
C LYS A 389 -7.97 4.73 21.81
N VAL A 390 -8.32 4.95 20.57
CA VAL A 390 -9.63 5.56 20.18
C VAL A 390 -10.76 4.79 20.87
N THR A 391 -11.77 5.49 21.37
CA THR A 391 -12.91 4.90 22.11
C THR A 391 -14.17 5.70 21.80
N THR A 392 -15.32 5.18 22.26
CA THR A 392 -16.62 5.87 22.34
C THR A 392 -17.13 5.64 23.77
N LYS A 393 -17.21 6.69 24.58
CA LYS A 393 -17.80 6.62 25.96
C LYS A 393 -18.52 7.95 26.21
N VAL A 394 -17.76 9.05 26.38
CA VAL A 394 -18.29 10.39 26.69
C VAL A 394 -18.98 10.93 25.43
N TRP A 395 -18.40 10.68 24.25
CA TRP A 395 -18.78 11.39 22.99
C TRP A 395 -19.12 10.41 21.87
N ASP A 396 -19.34 10.92 20.67
CA ASP A 396 -19.92 10.18 19.52
C ASP A 396 -19.76 11.00 18.23
N GLY A 397 -18.66 10.77 17.51
CA GLY A 397 -18.36 11.44 16.24
C GLY A 397 -17.31 12.55 16.38
N LYS A 398 -17.23 13.41 15.38
CA LYS A 398 -16.21 14.49 15.25
C LYS A 398 -16.91 15.81 14.94
N GLN A 399 -17.86 16.19 15.79
CA GLN A 399 -18.83 17.30 15.54
C GLN A 399 -18.18 18.69 15.73
N ASP A 400 -16.96 18.77 16.27
CA ASP A 400 -16.29 20.08 16.54
C ASP A 400 -14.97 20.23 15.76
N ILE A 401 -14.74 21.42 15.21
CA ILE A 401 -13.40 21.86 14.74
C ILE A 401 -13.02 23.20 15.36
N TYR A 402 -13.93 23.87 16.08
CA TYR A 402 -13.72 25.21 16.66
C TYR A 402 -12.52 25.19 17.63
N HIS A 403 -12.39 24.18 18.50
CA HIS A 403 -11.28 24.13 19.49
C HIS A 403 -9.94 24.13 18.75
N LEU A 404 -9.85 23.51 17.58
CA LEU A 404 -8.54 23.27 16.91
C LEU A 404 -7.86 24.58 16.51
N LEU A 405 -8.63 25.65 16.30
CA LEU A 405 -8.05 26.97 15.93
C LEU A 405 -7.20 27.50 17.10
N HIS A 406 -7.46 27.03 18.32
CA HIS A 406 -6.74 27.48 19.53
C HIS A 406 -5.32 26.89 19.58
N CYS A 407 -5.04 25.77 18.91
CA CYS A 407 -3.65 25.25 18.80
C CYS A 407 -3.10 25.41 17.38
N LEU A 408 -3.91 25.80 16.40
CA LEU A 408 -3.46 25.91 14.98
C LEU A 408 -3.30 27.36 14.52
N VAL A 409 -4.13 28.28 15.01
CA VAL A 409 -4.13 29.70 14.54
C VAL A 409 -3.67 30.63 15.67
N ILE A 410 -4.14 30.40 16.90
CA ILE A 410 -3.79 31.29 18.04
C ILE A 410 -2.27 31.44 18.18
N PRO A 411 -1.43 30.39 18.05
CA PRO A 411 0.01 30.55 18.14
C PRO A 411 0.68 31.35 17.01
N ARG A 412 -0.09 31.78 16.02
CA ARG A 412 0.39 32.62 14.90
C ARG A 412 0.01 34.09 15.10
N LEU A 413 -0.68 34.43 16.20
CA LEU A 413 -1.33 35.76 16.39
C LEU A 413 -0.91 36.36 17.73
N PRO A 414 -0.95 37.70 17.83
CA PRO A 414 -0.83 38.35 19.13
C PRO A 414 -2.04 37.96 19.97
N LEU A 415 -1.98 38.26 21.28
CA LEU A 415 -3.08 37.92 22.22
C LEU A 415 -4.20 38.97 22.16
N ALA A 416 -3.89 40.16 21.62
CA ALA A 416 -4.88 41.24 21.35
C ALA A 416 -4.63 41.79 19.95
N PRO A 417 -5.68 42.06 19.14
CA PRO A 417 -7.04 41.67 19.48
C PRO A 417 -7.18 40.14 19.39
N GLY A 418 -8.38 39.61 19.62
CA GLY A 418 -8.70 38.16 19.63
C GLY A 418 -8.66 37.55 18.22
N LEU A 419 -8.94 36.24 18.16
CA LEU A 419 -8.66 35.34 17.03
C LEU A 419 -9.21 35.92 15.72
N ALA A 420 -10.53 36.04 15.56
CA ALA A 420 -11.11 36.46 14.26
C ALA A 420 -10.67 37.88 13.93
N PRO A 421 -10.79 38.87 14.83
CA PRO A 421 -10.29 40.23 14.56
C PRO A 421 -8.84 40.30 14.12
N ALA A 422 -7.95 39.56 14.79
CA ALA A 422 -6.49 39.56 14.51
C ALA A 422 -6.23 39.06 13.09
N VAL A 423 -6.88 37.96 12.69
CA VAL A 423 -6.70 37.39 11.33
C VAL A 423 -7.20 38.43 10.32
N ALA A 424 -8.36 39.02 10.57
CA ALA A 424 -8.98 39.99 9.64
C ALA A 424 -8.08 41.23 9.52
N ALA A 425 -7.35 41.59 10.59
CA ALA A 425 -6.47 42.79 10.63
C ALA A 425 -5.10 42.48 10.01
N GLY A 426 -4.88 41.28 9.44
CA GLY A 426 -3.65 40.94 8.71
C GLY A 426 -2.51 40.54 9.65
N LEU A 427 -2.80 40.09 10.88
CA LEU A 427 -1.76 39.88 11.90
C LEU A 427 -1.19 38.45 11.88
N LEU A 428 -1.67 37.55 11.02
CA LEU A 428 -1.13 36.16 10.96
C LEU A 428 0.39 36.22 10.77
N ASP A 429 1.16 35.54 11.63
CA ASP A 429 2.65 35.45 11.54
C ASP A 429 3.32 36.83 11.75
N ILE A 430 2.61 37.83 12.26
CA ILE A 430 3.22 39.19 12.46
C ILE A 430 4.52 39.08 13.27
N ASN A 431 4.62 38.14 14.22
CA ASN A 431 5.78 38.03 15.15
C ASN A 431 6.76 36.94 14.68
N ALA A 432 6.56 36.31 13.52
CA ALA A 432 7.30 35.08 13.12
C ALA A 432 8.36 35.45 12.08
N LYS A 433 9.47 34.70 11.98
CA LYS A 433 10.52 34.91 10.92
C LYS A 433 11.18 33.58 10.47
N GLY B 18 -20.00 -20.93 -26.66
CA GLY B 18 -18.88 -21.55 -27.46
C GLY B 18 -18.66 -23.01 -27.05
N SER B 19 -18.45 -23.23 -25.76
CA SER B 19 -18.28 -24.53 -25.07
C SER B 19 -18.29 -24.24 -23.55
N HIS B 20 -18.37 -25.25 -22.71
CA HIS B 20 -18.58 -25.07 -21.24
C HIS B 20 -17.22 -25.06 -20.54
N MET B 21 -16.77 -23.90 -20.05
CA MET B 21 -15.58 -23.81 -19.17
C MET B 21 -16.03 -24.28 -17.77
N LYS B 22 -15.38 -25.30 -17.19
CA LYS B 22 -15.89 -26.00 -16.00
C LYS B 22 -15.07 -25.54 -14.80
N TRP B 23 -15.71 -24.95 -13.79
CA TRP B 23 -15.09 -24.58 -12.50
C TRP B 23 -15.78 -25.33 -11.37
N PHE B 24 -17.10 -25.24 -11.30
CA PHE B 24 -17.89 -25.90 -10.23
C PHE B 24 -17.46 -27.36 -10.16
N ASN B 25 -17.18 -27.87 -8.95
CA ASN B 25 -16.90 -29.31 -8.73
C ASN B 25 -15.59 -29.71 -9.42
N THR B 26 -14.69 -28.76 -9.64
CA THR B 26 -13.29 -29.08 -10.05
C THR B 26 -12.39 -28.79 -8.87
N LEU B 27 -11.48 -29.72 -8.57
CA LEU B 27 -10.52 -29.58 -7.44
C LEU B 27 -9.60 -28.40 -7.72
N SER B 28 -9.30 -28.11 -9.00
CA SER B 28 -8.43 -26.96 -9.36
C SER B 28 -9.08 -25.65 -8.88
N HIS B 29 -10.34 -25.40 -9.22
CA HIS B 29 -11.07 -24.20 -8.73
C HIS B 29 -11.19 -24.23 -7.20
N ASN B 30 -11.52 -25.37 -6.64
CA ASN B 30 -11.78 -25.51 -5.18
C ASN B 30 -10.49 -25.29 -4.39
N ARG B 31 -9.33 -25.62 -4.97
CA ARG B 31 -8.01 -25.34 -4.33
C ARG B 31 -7.81 -23.82 -4.29
N TRP B 32 -8.10 -23.13 -5.39
CA TRP B 32 -8.03 -21.65 -5.42
C TRP B 32 -8.96 -21.07 -4.33
N LEU B 33 -10.19 -21.57 -4.21
CA LEU B 33 -11.17 -21.10 -3.20
C LEU B 33 -10.61 -21.32 -1.80
N GLU B 34 -10.02 -22.48 -1.52
CA GLU B 34 -9.57 -22.77 -0.13
C GLU B 34 -8.44 -21.81 0.24
N GLN B 35 -7.55 -21.52 -0.69
CA GLN B 35 -6.34 -20.70 -0.42
C GLN B 35 -6.81 -19.25 -0.19
N GLU B 36 -7.81 -18.78 -0.92
CA GLU B 36 -8.40 -17.45 -0.64
C GLU B 36 -9.12 -17.52 0.72
N THR B 37 -9.80 -18.62 1.04
CA THR B 37 -10.49 -18.78 2.34
C THR B 37 -9.49 -18.57 3.48
N ASP B 38 -8.30 -19.18 3.41
CA ASP B 38 -7.26 -19.06 4.46
C ASP B 38 -6.81 -17.59 4.56
N ARG B 39 -6.65 -16.89 3.44
CA ARG B 39 -6.29 -15.44 3.44
C ARG B 39 -7.38 -14.69 4.25
N ILE B 40 -8.65 -15.03 4.08
CA ILE B 40 -9.79 -14.33 4.74
C ILE B 40 -9.81 -14.70 6.22
N PHE B 41 -9.65 -15.98 6.58
CA PHE B 41 -9.60 -16.45 7.99
C PHE B 41 -8.52 -15.64 8.73
N ASN B 42 -7.36 -15.49 8.12
CA ASN B 42 -6.17 -14.84 8.75
C ASN B 42 -6.48 -13.37 9.01
N PHE B 43 -7.16 -12.68 8.09
CA PHE B 43 -7.54 -11.26 8.24
C PHE B 43 -8.46 -11.09 9.45
N GLY B 44 -9.42 -11.99 9.66
CA GLY B 44 -10.44 -11.85 10.72
C GLY B 44 -9.86 -12.04 12.11
N LYS B 45 -8.73 -12.73 12.25
CA LYS B 45 -8.13 -13.06 13.55
C LYS B 45 -7.75 -11.80 14.31
N ASN B 46 -7.36 -10.73 13.62
CA ASN B 46 -6.94 -9.45 14.27
C ASN B 46 -8.15 -8.78 14.94
N ALA B 47 -9.39 -9.27 14.78
CA ALA B 47 -10.60 -8.61 15.33
C ALA B 47 -10.81 -8.99 16.80
N VAL B 48 -10.02 -9.93 17.34
CA VAL B 48 -10.16 -10.39 18.75
C VAL B 48 -9.91 -9.20 19.67
N VAL B 49 -10.92 -8.88 20.50
CA VAL B 49 -10.81 -7.90 21.60
C VAL B 49 -11.35 -8.57 22.87
N PRO B 50 -11.01 -8.06 24.07
CA PRO B 50 -11.48 -8.68 25.32
C PRO B 50 -12.99 -8.95 25.39
N THR B 51 -13.83 -8.08 24.81
CA THR B 51 -15.31 -8.18 24.92
C THR B 51 -15.93 -8.97 23.75
N GLY B 52 -15.14 -9.47 22.78
CA GLY B 52 -15.68 -10.19 21.62
C GLY B 52 -14.87 -9.96 20.36
N PHE B 53 -15.51 -9.52 19.29
CA PHE B 53 -14.81 -9.22 18.01
C PHE B 53 -15.05 -7.75 17.64
N GLY B 54 -13.95 -7.05 17.38
CA GLY B 54 -13.95 -5.65 16.96
C GLY B 54 -14.21 -5.50 15.47
N TRP B 55 -14.16 -4.26 15.03
CA TRP B 55 -14.54 -3.79 13.68
C TRP B 55 -13.25 -3.52 12.91
N LEU B 56 -12.87 -4.36 11.97
CA LEU B 56 -11.60 -4.22 11.21
C LEU B 56 -11.71 -3.11 10.15
N GLY B 57 -10.65 -2.31 10.04
CA GLY B 57 -10.52 -1.25 9.03
C GLY B 57 -9.83 -1.73 7.77
N ASN B 58 -9.50 -0.79 6.89
CA ASN B 58 -8.99 -1.06 5.53
C ASN B 58 -7.60 -1.70 5.54
N LYS B 59 -6.86 -1.66 6.66
CA LYS B 59 -5.53 -2.31 6.76
C LYS B 59 -5.58 -3.47 7.74
N GLY B 60 -6.77 -3.92 8.14
CA GLY B 60 -6.92 -5.08 9.04
C GLY B 60 -6.62 -4.74 10.48
N GLN B 61 -6.63 -3.45 10.82
CA GLN B 61 -6.46 -2.92 12.19
C GLN B 61 -7.84 -2.79 12.83
N ILE B 62 -7.93 -2.93 14.15
CA ILE B 62 -9.19 -2.70 14.90
C ILE B 62 -9.50 -1.20 14.88
N LYS B 63 -10.72 -0.82 14.48
CA LYS B 63 -11.30 0.51 14.69
C LYS B 63 -12.00 0.50 16.05
N GLU B 64 -11.24 0.81 17.09
CA GLU B 64 -11.63 0.69 18.53
C GLU B 64 -12.82 1.60 18.78
N GLU B 65 -12.96 2.72 18.05
CA GLU B 65 -14.10 3.66 18.25
C GLU B 65 -15.43 2.98 17.93
N MET B 66 -15.44 1.90 17.12
CA MET B 66 -16.70 1.21 16.74
C MET B 66 -17.16 0.26 17.85
N GLY B 67 -16.29 -0.09 18.79
CA GLY B 67 -16.60 -1.00 19.90
C GLY B 67 -16.83 -2.42 19.40
N THR B 68 -17.50 -3.23 20.24
CA THR B 68 -17.84 -4.66 20.00
C THR B 68 -19.33 -4.79 19.66
N HIS B 69 -19.64 -5.04 18.39
CA HIS B 69 -21.04 -5.23 17.89
C HIS B 69 -21.46 -6.69 18.07
N LEU B 70 -22.69 -6.91 18.50
CA LEU B 70 -23.31 -8.25 18.62
C LEU B 70 -23.26 -8.93 17.24
N TRP B 71 -23.68 -8.25 16.19
CA TRP B 71 -23.79 -8.87 14.84
C TRP B 71 -22.40 -9.32 14.37
N ILE B 72 -21.37 -8.52 14.59
CA ILE B 72 -19.98 -8.88 14.16
C ILE B 72 -19.47 -10.04 15.03
N THR B 73 -19.74 -10.03 16.34
CA THR B 73 -19.23 -11.06 17.27
C THR B 73 -19.90 -12.39 16.90
N ALA B 74 -21.22 -12.38 16.68
CA ALA B 74 -22.01 -13.59 16.34
C ALA B 74 -21.54 -14.13 14.99
N ARG B 75 -21.29 -13.25 14.01
CA ARG B 75 -20.81 -13.66 12.66
C ARG B 75 -19.43 -14.30 12.78
N MET B 76 -18.52 -13.74 13.57
CA MET B 76 -17.15 -14.30 13.71
C MET B 76 -17.22 -15.66 14.42
N LEU B 77 -18.15 -15.84 15.36
CA LEU B 77 -18.36 -17.15 16.03
C LEU B 77 -18.72 -18.19 14.96
N HIS B 78 -19.63 -17.84 14.06
CA HIS B 78 -20.03 -18.68 12.89
C HIS B 78 -18.82 -18.97 12.01
N VAL B 79 -18.08 -17.95 11.64
CA VAL B 79 -16.96 -18.05 10.66
C VAL B 79 -15.90 -19.02 11.22
N TYR B 80 -15.52 -18.88 12.49
CA TYR B 80 -14.42 -19.68 13.08
C TYR B 80 -14.93 -21.07 13.45
N SER B 81 -16.23 -21.27 13.55
CA SER B 81 -16.81 -22.64 13.62
C SER B 81 -16.47 -23.38 12.32
N VAL B 82 -16.68 -22.74 11.16
CA VAL B 82 -16.36 -23.33 9.84
C VAL B 82 -14.86 -23.58 9.77
N ALA B 83 -14.04 -22.60 10.13
CA ALA B 83 -12.57 -22.70 10.07
C ALA B 83 -12.11 -23.88 10.93
N ALA B 84 -12.71 -24.04 12.12
CA ALA B 84 -12.35 -25.11 13.06
C ALA B 84 -12.66 -26.48 12.43
N SER B 85 -13.83 -26.63 11.83
CA SER B 85 -14.20 -27.88 11.14
C SER B 85 -13.26 -28.12 9.94
N MET B 86 -12.65 -27.06 9.38
CA MET B 86 -11.73 -27.19 8.23
C MET B 86 -10.33 -27.57 8.71
N GLY B 87 -10.15 -27.75 10.02
CA GLY B 87 -8.87 -28.20 10.59
C GLY B 87 -7.83 -27.08 10.73
N ARG B 88 -8.25 -25.81 10.86
CA ARG B 88 -7.32 -24.66 11.06
C ARG B 88 -7.02 -24.48 12.55
N PRO B 89 -5.75 -24.65 12.98
CA PRO B 89 -5.34 -24.35 14.35
C PRO B 89 -5.68 -22.89 14.68
N GLY B 90 -6.15 -22.66 15.92
CA GLY B 90 -6.50 -21.31 16.41
C GLY B 90 -7.97 -21.00 16.25
N ALA B 91 -8.65 -21.61 15.27
CA ALA B 91 -10.07 -21.31 14.95
C ALA B 91 -10.94 -21.66 16.16
N TYR B 92 -10.70 -22.82 16.77
CA TYR B 92 -11.49 -23.31 17.92
C TYR B 92 -11.38 -22.34 19.10
N ASP B 93 -10.19 -21.78 19.31
CA ASP B 93 -9.93 -20.73 20.33
C ASP B 93 -10.81 -19.52 20.04
N LEU B 94 -10.98 -19.14 18.77
CA LEU B 94 -11.87 -18.01 18.41
C LEU B 94 -13.34 -18.38 18.65
N VAL B 95 -13.71 -19.65 18.47
CA VAL B 95 -15.08 -20.13 18.77
C VAL B 95 -15.28 -19.98 20.30
N ASP B 96 -14.33 -20.48 21.07
CA ASP B 96 -14.31 -20.38 22.54
C ASP B 96 -14.40 -18.90 22.95
N HIS B 97 -13.60 -18.05 22.36
CA HIS B 97 -13.64 -16.59 22.63
C HIS B 97 -15.03 -16.03 22.32
N GLY B 98 -15.61 -16.42 21.18
CA GLY B 98 -16.97 -16.00 20.78
C GLY B 98 -18.01 -16.39 21.83
N ILE B 99 -17.99 -17.64 22.27
CA ILE B 99 -18.96 -18.18 23.25
C ILE B 99 -18.76 -17.45 24.59
N LYS B 100 -17.53 -17.22 25.02
CA LYS B 100 -17.26 -16.43 26.26
C LYS B 100 -17.87 -15.03 26.14
N ALA B 101 -17.71 -14.37 25.00
CA ALA B 101 -18.28 -13.01 24.76
C ALA B 101 -19.81 -13.07 24.82
N MET B 102 -20.44 -14.14 24.30
CA MET B 102 -21.92 -14.30 24.28
C MET B 102 -22.42 -14.62 25.70
N ASN B 103 -21.54 -15.07 26.61
CA ASN B 103 -21.89 -15.34 28.03
C ASN B 103 -21.39 -14.20 28.93
N GLY B 104 -20.69 -13.22 28.39
CA GLY B 104 -20.00 -12.14 29.15
C GLY B 104 -20.56 -10.76 28.86
N ALA B 105 -19.70 -9.83 28.43
CA ALA B 105 -20.02 -8.37 28.39
C ALA B 105 -21.23 -8.08 27.48
N LEU B 106 -21.39 -8.81 26.38
CA LEU B 106 -22.52 -8.58 25.43
C LEU B 106 -23.84 -9.00 26.08
N ARG B 107 -23.80 -9.92 27.03
CA ARG B 107 -25.03 -10.54 27.60
C ARG B 107 -25.62 -9.57 28.62
N ASP B 108 -26.91 -9.25 28.47
CA ASP B 108 -27.66 -8.40 29.44
C ASP B 108 -28.03 -9.28 30.64
N LYS B 109 -27.35 -9.09 31.77
CA LYS B 109 -27.54 -9.91 32.99
C LYS B 109 -28.87 -9.58 33.66
N LYS B 110 -29.43 -8.36 33.46
CA LYS B 110 -30.70 -7.92 34.09
C LYS B 110 -31.90 -8.40 33.27
N TYR B 111 -31.96 -8.10 31.97
CA TYR B 111 -33.16 -8.35 31.12
C TYR B 111 -33.00 -9.55 30.17
N GLY B 112 -31.79 -10.08 29.98
CA GLY B 112 -31.53 -11.19 29.05
C GLY B 112 -31.31 -10.73 27.62
N GLY B 113 -31.00 -11.66 26.72
CA GLY B 113 -30.53 -11.34 25.36
C GLY B 113 -29.25 -10.53 25.43
N TRP B 114 -28.96 -9.79 24.36
CA TRP B 114 -27.64 -9.17 24.14
C TRP B 114 -27.78 -7.72 23.73
N TYR B 115 -26.96 -6.86 24.33
CA TYR B 115 -26.78 -5.46 23.93
C TYR B 115 -26.26 -5.46 22.48
N ALA B 116 -26.63 -4.45 21.72
CA ALA B 116 -26.23 -4.28 20.30
C ALA B 116 -24.72 -4.02 20.23
N CYS B 117 -24.17 -3.28 21.20
CA CYS B 117 -22.76 -2.84 21.16
C CYS B 117 -22.26 -2.56 22.59
N VAL B 118 -21.08 -3.09 22.90
CA VAL B 118 -20.36 -2.84 24.19
C VAL B 118 -18.90 -2.53 23.89
N ASN B 119 -18.21 -2.02 24.90
CA ASN B 119 -16.73 -1.85 24.87
C ASN B 119 -16.22 -2.07 26.29
N ASP B 120 -14.94 -1.85 26.54
CA ASP B 120 -14.27 -2.18 27.84
C ASP B 120 -14.90 -1.37 28.97
N GLN B 121 -15.52 -0.21 28.67
CA GLN B 121 -16.05 0.75 29.68
C GLN B 121 -17.48 0.37 30.07
N GLY B 122 -18.26 -0.19 29.14
CA GLY B 122 -19.62 -0.67 29.41
C GLY B 122 -20.44 -0.76 28.14
N VAL B 123 -21.73 -0.47 28.25
CA VAL B 123 -22.72 -0.60 27.14
C VAL B 123 -22.65 0.65 26.28
N VAL B 124 -22.60 0.50 24.96
CA VAL B 124 -22.58 1.60 23.95
C VAL B 124 -23.98 1.72 23.35
N ASP B 125 -24.62 0.60 23.00
CA ASP B 125 -26.01 0.56 22.47
C ASP B 125 -26.72 -0.57 23.18
N ALA B 126 -27.68 -0.24 24.05
CA ALA B 126 -28.35 -1.18 24.97
C ALA B 126 -29.57 -1.81 24.30
N SER B 127 -29.93 -1.36 23.09
CA SER B 127 -31.14 -1.82 22.38
C SER B 127 -30.97 -3.33 22.02
N LYS B 128 -32.11 -3.99 21.83
CA LYS B 128 -32.25 -5.44 21.56
C LYS B 128 -32.69 -5.57 20.10
N GLN B 129 -31.72 -5.74 19.20
CA GLN B 129 -31.94 -5.71 17.73
C GLN B 129 -32.19 -7.15 17.25
N GLY B 130 -33.35 -7.41 16.66
CA GLY B 130 -33.72 -8.72 16.12
C GLY B 130 -32.73 -9.16 15.05
N TYR B 131 -32.32 -8.24 14.17
CA TYR B 131 -31.35 -8.53 13.09
C TYR B 131 -30.14 -9.24 13.72
N GLN B 132 -29.63 -8.64 14.81
CA GLN B 132 -28.39 -9.07 15.48
C GLN B 132 -28.66 -10.34 16.30
N HIS B 133 -29.86 -10.50 16.88
CA HIS B 133 -30.22 -11.70 17.67
C HIS B 133 -30.29 -12.94 16.75
N PHE B 134 -30.75 -12.79 15.51
CA PHE B 134 -30.80 -13.90 14.53
C PHE B 134 -29.38 -14.34 14.15
N PHE B 135 -28.43 -13.40 14.12
CA PHE B 135 -27.00 -13.74 13.92
C PHE B 135 -26.48 -14.44 15.18
N ALA B 136 -26.96 -14.07 16.37
CA ALA B 136 -26.60 -14.79 17.62
C ALA B 136 -27.04 -16.25 17.47
N LEU B 137 -28.26 -16.47 16.96
CA LEU B 137 -28.82 -17.84 16.79
C LEU B 137 -27.96 -18.61 15.78
N LEU B 138 -27.62 -18.01 14.63
CA LEU B 138 -26.78 -18.65 13.61
C LEU B 138 -25.43 -19.02 14.23
N GLY B 139 -24.80 -18.07 14.90
CA GLY B 139 -23.49 -18.30 15.55
C GLY B 139 -23.52 -19.46 16.52
N ALA B 140 -24.53 -19.51 17.38
CA ALA B 140 -24.66 -20.59 18.40
C ALA B 140 -24.88 -21.93 17.66
N ALA B 141 -25.73 -21.96 16.64
CA ALA B 141 -26.04 -23.21 15.91
C ALA B 141 -24.78 -23.69 15.15
N SER B 142 -24.05 -22.80 14.50
CA SER B 142 -22.77 -23.15 13.80
C SER B 142 -21.76 -23.64 14.85
N ALA B 143 -21.68 -23.00 16.01
CA ALA B 143 -20.74 -23.39 17.09
C ALA B 143 -21.05 -24.82 17.58
N VAL B 144 -22.33 -25.21 17.58
CA VAL B 144 -22.75 -26.58 17.97
C VAL B 144 -22.01 -27.60 17.09
N THR B 145 -21.78 -27.31 15.81
CA THR B 145 -21.16 -28.28 14.87
C THR B 145 -19.72 -28.59 15.26
N THR B 146 -19.08 -27.74 16.05
CA THR B 146 -17.69 -27.95 16.54
C THR B 146 -17.69 -28.86 17.77
N GLY B 147 -18.83 -29.05 18.42
CA GLY B 147 -18.90 -29.80 19.68
C GLY B 147 -18.26 -29.08 20.85
N HIS B 148 -17.95 -27.78 20.73
CA HIS B 148 -17.55 -26.97 21.91
C HIS B 148 -18.54 -27.25 23.04
N PRO B 149 -18.07 -27.63 24.25
CA PRO B 149 -18.96 -28.07 25.32
C PRO B 149 -20.00 -27.04 25.81
N GLU B 150 -19.83 -25.75 25.51
CA GLU B 150 -20.78 -24.68 25.92
C GLU B 150 -21.67 -24.28 24.75
N ALA B 151 -21.49 -24.85 23.54
CA ALA B 151 -22.23 -24.41 22.34
C ALA B 151 -23.72 -24.74 22.47
N ARG B 152 -24.06 -25.96 22.83
CA ARG B 152 -25.46 -26.45 22.89
C ARG B 152 -26.22 -25.63 23.96
N LYS B 153 -25.60 -25.36 25.11
CA LYS B 153 -26.19 -24.53 26.20
C LYS B 153 -26.42 -23.12 25.63
N LEU B 154 -25.48 -22.57 24.86
CA LEU B 154 -25.66 -21.20 24.28
C LEU B 154 -26.84 -21.25 23.28
N LEU B 155 -26.91 -22.27 22.43
CA LEU B 155 -28.03 -22.39 21.46
C LEU B 155 -29.37 -22.47 22.23
N ASP B 156 -29.45 -23.27 23.29
CA ASP B 156 -30.72 -23.46 24.05
C ASP B 156 -31.15 -22.11 24.64
N TYR B 157 -30.21 -21.36 25.20
CA TYR B 157 -30.51 -20.02 25.76
C TYR B 157 -30.99 -19.09 24.63
N THR B 158 -30.28 -19.06 23.50
CA THR B 158 -30.58 -18.15 22.37
C THR B 158 -31.99 -18.46 21.86
N ILE B 159 -32.33 -19.74 21.73
CA ILE B 159 -33.68 -20.19 21.31
C ILE B 159 -34.72 -19.60 22.28
N GLU B 160 -34.50 -19.65 23.59
CA GLU B 160 -35.48 -19.13 24.57
C GLU B 160 -35.69 -17.62 24.32
N VAL B 161 -34.61 -16.87 24.08
CA VAL B 161 -34.68 -15.40 23.81
C VAL B 161 -35.47 -15.17 22.52
N ILE B 162 -35.12 -15.91 21.46
CA ILE B 162 -35.80 -15.76 20.13
C ILE B 162 -37.30 -16.03 20.33
N GLU B 163 -37.67 -17.10 21.01
CA GLU B 163 -39.09 -17.52 21.14
C GLU B 163 -39.87 -16.58 22.09
N LYS B 164 -39.20 -15.97 23.05
CA LYS B 164 -39.81 -15.01 23.99
C LYS B 164 -40.07 -13.69 23.24
N TYR B 165 -39.11 -13.17 22.46
CA TYR B 165 -39.15 -11.75 22.04
C TYR B 165 -39.08 -11.54 20.53
N PHE B 166 -38.64 -12.49 19.70
CA PHE B 166 -38.33 -12.17 18.27
C PHE B 166 -39.20 -12.98 17.29
N TRP B 167 -39.57 -14.21 17.63
CA TRP B 167 -40.58 -14.98 16.85
C TRP B 167 -41.95 -14.74 17.49
N SER B 168 -42.89 -14.22 16.72
CA SER B 168 -44.29 -13.95 17.16
C SER B 168 -45.18 -15.12 16.72
N GLU B 169 -45.74 -15.85 17.68
CA GLU B 169 -46.74 -16.92 17.42
C GLU B 169 -48.01 -16.27 16.81
N GLU B 170 -48.36 -15.05 17.23
CA GLU B 170 -49.56 -14.31 16.74
C GLU B 170 -49.39 -13.99 15.24
N GLU B 171 -48.26 -13.42 14.83
CA GLU B 171 -48.01 -12.98 13.43
C GLU B 171 -47.44 -14.15 12.59
N GLN B 172 -46.84 -15.16 13.23
CA GLN B 172 -46.09 -16.23 12.52
C GLN B 172 -45.04 -15.56 11.60
N MET B 173 -44.33 -14.61 12.17
CA MET B 173 -43.25 -13.84 11.51
C MET B 173 -42.34 -13.34 12.63
N CYS B 174 -41.19 -12.73 12.28
CA CYS B 174 -40.23 -12.21 13.29
C CYS B 174 -40.50 -10.73 13.51
N LEU B 175 -40.41 -10.31 14.77
CA LEU B 175 -40.39 -8.89 15.22
C LEU B 175 -39.05 -8.28 14.81
N GLU B 176 -38.89 -6.97 14.99
CA GLU B 176 -37.67 -6.25 14.57
C GLU B 176 -36.79 -5.98 15.78
N SER B 177 -37.26 -5.22 16.77
CA SER B 177 -36.38 -4.75 17.87
C SER B 177 -37.18 -4.33 19.10
N TRP B 178 -36.47 -4.25 20.21
CA TRP B 178 -37.02 -3.80 21.51
C TRP B 178 -36.02 -2.82 22.14
N ASP B 179 -36.50 -2.04 23.10
CA ASP B 179 -35.64 -1.32 24.08
C ASP B 179 -34.89 -2.35 24.92
N GLU B 180 -33.87 -1.89 25.64
CA GLU B 180 -33.05 -2.69 26.58
C GLU B 180 -33.93 -3.63 27.41
N ALA B 181 -35.00 -3.10 28.01
CA ALA B 181 -35.79 -3.77 29.06
C ALA B 181 -36.87 -4.69 28.46
N PHE B 182 -36.94 -4.84 27.13
CA PHE B 182 -38.01 -5.61 26.45
C PHE B 182 -39.40 -5.14 26.92
N SER B 183 -39.62 -3.83 27.06
CA SER B 183 -40.93 -3.22 27.46
C SER B 183 -41.74 -2.79 26.22
N GLN B 184 -41.11 -2.30 25.16
CA GLN B 184 -41.80 -1.81 23.93
C GLN B 184 -41.06 -2.33 22.68
N THR B 185 -41.77 -2.95 21.74
CA THR B 185 -41.24 -3.39 20.44
C THR B 185 -41.41 -2.26 19.40
N GLU B 186 -40.50 -2.17 18.44
CA GLU B 186 -40.52 -1.18 17.33
C GLU B 186 -41.79 -1.37 16.48
N ASP B 187 -42.41 -0.25 16.08
CA ASP B 187 -43.59 -0.21 15.17
C ASP B 187 -43.07 -0.32 13.73
N TYR B 188 -42.52 -1.49 13.40
CA TYR B 188 -41.80 -1.79 12.14
C TYR B 188 -41.57 -3.30 12.07
N ARG B 189 -41.66 -3.85 10.87
CA ARG B 189 -41.32 -5.26 10.58
C ARG B 189 -40.41 -5.26 9.35
N GLY B 190 -39.35 -6.06 9.37
CA GLY B 190 -38.24 -5.99 8.41
C GLY B 190 -37.98 -7.28 7.65
N GLY B 191 -37.84 -7.19 6.34
CA GLY B 191 -37.38 -8.29 5.47
C GLY B 191 -35.99 -8.75 5.85
N ASN B 192 -35.10 -7.83 6.24
CA ASN B 192 -33.68 -8.13 6.51
C ASN B 192 -33.58 -9.05 7.74
N ALA B 193 -34.18 -8.66 8.86
CA ALA B 193 -34.19 -9.48 10.09
C ALA B 193 -34.89 -10.82 9.78
N ASN B 194 -35.99 -10.81 9.03
CA ASN B 194 -36.74 -12.07 8.72
C ASN B 194 -35.90 -12.95 7.79
N MET B 195 -35.09 -12.37 6.91
CA MET B 195 -34.23 -13.14 5.99
C MET B 195 -33.15 -13.88 6.80
N HIS B 196 -32.51 -13.18 7.74
CA HIS B 196 -31.43 -13.75 8.59
C HIS B 196 -32.02 -14.70 9.62
N ALA B 197 -33.31 -14.56 9.97
CA ALA B 197 -34.04 -15.57 10.75
C ALA B 197 -34.10 -16.89 9.95
N VAL B 198 -34.47 -16.83 8.68
CA VAL B 198 -34.55 -18.03 7.80
C VAL B 198 -33.17 -18.70 7.77
N GLU B 199 -32.12 -17.89 7.59
CA GLU B 199 -30.70 -18.37 7.50
C GLU B 199 -30.37 -19.12 8.79
N ALA B 200 -30.67 -18.54 9.96
CA ALA B 200 -30.35 -19.13 11.28
C ALA B 200 -31.20 -20.39 11.51
N PHE B 201 -32.50 -20.33 11.18
CA PHE B 201 -33.47 -21.42 11.39
C PHE B 201 -33.02 -22.68 10.64
N LEU B 202 -32.49 -22.52 9.42
CA LEU B 202 -31.95 -23.63 8.61
C LEU B 202 -30.90 -24.39 9.43
N ILE B 203 -29.99 -23.68 10.09
CA ILE B 203 -28.86 -24.33 10.80
C ILE B 203 -29.37 -24.86 12.13
N VAL B 204 -30.32 -24.17 12.78
CA VAL B 204 -30.92 -24.68 14.05
C VAL B 204 -31.62 -26.01 13.72
N TYR B 205 -32.34 -26.05 12.60
CA TYR B 205 -32.97 -27.30 12.11
C TYR B 205 -31.90 -28.38 11.93
N ASP B 206 -30.76 -28.05 11.29
CA ASP B 206 -29.69 -29.04 10.99
C ASP B 206 -29.10 -29.58 12.30
N VAL B 207 -29.13 -28.85 13.41
CA VAL B 207 -28.52 -29.36 14.67
C VAL B 207 -29.60 -29.75 15.69
N THR B 208 -30.89 -29.76 15.34
CA THR B 208 -31.97 -30.19 16.27
C THR B 208 -32.90 -31.22 15.63
N HIS B 209 -33.13 -31.16 14.31
CA HIS B 209 -34.28 -31.81 13.61
C HIS B 209 -35.57 -31.65 14.42
N ASP B 210 -35.75 -30.46 14.98
CA ASP B 210 -37.07 -29.98 15.45
C ASP B 210 -37.74 -29.24 14.29
N LYS B 211 -38.80 -29.85 13.73
CA LYS B 211 -39.47 -29.53 12.44
C LYS B 211 -39.85 -28.04 12.38
N LYS B 212 -40.25 -27.50 13.52
CA LYS B 212 -40.82 -26.14 13.61
C LYS B 212 -39.83 -25.12 13.03
N TRP B 213 -38.51 -25.33 13.11
CA TRP B 213 -37.51 -24.37 12.58
C TRP B 213 -37.63 -24.27 11.06
N LEU B 214 -37.85 -25.39 10.39
CA LEU B 214 -37.98 -25.43 8.92
C LEU B 214 -39.38 -24.91 8.53
N ASP B 215 -40.39 -25.24 9.33
CA ASP B 215 -41.79 -24.74 9.11
C ASP B 215 -41.79 -23.20 9.21
N ARG B 216 -41.13 -22.65 10.21
CA ARG B 216 -41.03 -21.16 10.39
C ARG B 216 -40.30 -20.56 9.18
N ALA B 217 -39.18 -21.14 8.75
CA ALA B 217 -38.41 -20.65 7.59
C ALA B 217 -39.30 -20.62 6.34
N LEU B 218 -40.02 -21.72 6.05
CA LEU B 218 -40.92 -21.82 4.87
C LEU B 218 -42.01 -20.74 4.95
N ARG B 219 -42.60 -20.55 6.12
CA ARG B 219 -43.66 -19.55 6.38
C ARG B 219 -43.11 -18.15 6.09
N ILE B 220 -41.95 -17.81 6.63
CA ILE B 220 -41.37 -16.44 6.44
C ILE B 220 -41.20 -16.24 4.93
N ALA B 221 -40.64 -17.19 4.22
CA ALA B 221 -40.37 -17.07 2.76
C ALA B 221 -41.71 -16.95 2.01
N SER B 222 -42.76 -17.67 2.45
CA SER B 222 -44.09 -17.66 1.78
C SER B 222 -44.65 -16.22 1.80
N VAL B 223 -44.42 -15.50 2.89
CA VAL B 223 -45.01 -14.14 3.10
C VAL B 223 -44.17 -13.11 2.33
N ILE B 224 -42.85 -13.06 2.56
CA ILE B 224 -42.00 -11.96 2.04
C ILE B 224 -41.70 -12.19 0.56
N ILE B 225 -41.55 -13.43 0.10
CA ILE B 225 -41.16 -13.74 -1.29
C ILE B 225 -42.41 -14.16 -2.09
N HIS B 226 -43.05 -15.26 -1.71
CA HIS B 226 -44.09 -15.89 -2.58
C HIS B 226 -45.31 -14.96 -2.69
N ASP B 227 -45.69 -14.28 -1.62
CA ASP B 227 -46.79 -13.27 -1.65
C ASP B 227 -46.24 -11.94 -2.21
N VAL B 228 -45.48 -11.17 -1.42
CA VAL B 228 -45.19 -9.74 -1.74
C VAL B 228 -44.20 -9.62 -2.90
N ALA B 229 -42.99 -10.20 -2.80
CA ALA B 229 -41.93 -10.04 -3.83
C ALA B 229 -42.44 -10.49 -5.20
N ARG B 230 -43.00 -11.70 -5.32
CA ARG B 230 -43.46 -12.29 -6.60
C ARG B 230 -44.46 -11.35 -7.28
N ASN B 231 -45.37 -10.76 -6.51
CA ASN B 231 -46.44 -9.86 -7.05
C ASN B 231 -45.86 -8.51 -7.49
N GLY B 232 -44.63 -8.15 -7.08
CA GLY B 232 -43.92 -6.93 -7.51
C GLY B 232 -42.71 -7.23 -8.42
N ASP B 233 -42.81 -8.22 -9.31
CA ASP B 233 -41.77 -8.64 -10.28
C ASP B 233 -40.48 -9.01 -9.55
N TYR B 234 -40.62 -9.60 -8.36
CA TYR B 234 -39.54 -10.20 -7.53
C TYR B 234 -38.64 -9.06 -7.00
N ARG B 235 -39.16 -7.85 -6.91
CA ARG B 235 -38.55 -6.73 -6.16
C ARG B 235 -38.96 -6.89 -4.69
N VAL B 236 -38.06 -7.37 -3.85
CA VAL B 236 -38.39 -7.70 -2.45
C VAL B 236 -38.70 -6.41 -1.70
N ASN B 237 -39.90 -6.34 -1.12
CA ASN B 237 -40.26 -5.29 -0.15
C ASN B 237 -39.66 -5.65 1.22
N GLU B 238 -38.88 -4.73 1.83
CA GLU B 238 -38.18 -4.96 3.12
C GLU B 238 -38.89 -4.26 4.29
N HIS B 239 -39.56 -3.14 4.07
CA HIS B 239 -40.11 -2.26 5.13
C HIS B 239 -41.61 -2.45 5.24
N PHE B 240 -42.06 -2.85 6.44
CA PHE B 240 -43.49 -3.12 6.73
C PHE B 240 -43.85 -2.44 8.05
N ASP B 241 -45.12 -2.12 8.23
CA ASP B 241 -45.71 -1.66 9.51
C ASP B 241 -46.08 -2.89 10.34
N SER B 242 -46.69 -2.69 11.50
CA SER B 242 -47.00 -3.74 12.50
C SER B 242 -48.10 -4.67 11.99
N GLN B 243 -48.82 -4.29 10.93
CA GLN B 243 -49.89 -5.12 10.32
C GLN B 243 -49.34 -5.80 9.05
N TRP B 244 -48.03 -5.73 8.83
CA TRP B 244 -47.34 -6.41 7.69
C TRP B 244 -47.83 -5.86 6.34
N ASN B 245 -48.20 -4.57 6.31
CA ASN B 245 -48.39 -3.80 5.05
C ASN B 245 -47.07 -3.14 4.70
N PRO B 246 -46.65 -3.21 3.43
CA PRO B 246 -45.49 -2.47 2.98
C PRO B 246 -45.58 -0.97 3.29
N ILE B 247 -44.47 -0.38 3.71
CA ILE B 247 -44.18 1.08 3.73
C ILE B 247 -43.23 1.38 2.56
N ARG B 248 -43.78 1.66 1.39
CA ARG B 248 -43.01 1.83 0.14
C ARG B 248 -42.05 3.02 0.28
N ASP B 249 -42.40 4.06 1.06
CA ASP B 249 -41.63 5.34 1.14
C ASP B 249 -40.60 5.28 2.29
N TYR B 250 -40.42 4.14 2.95
CA TYR B 250 -39.58 4.06 4.17
C TYR B 250 -38.13 4.45 3.85
N ASN B 251 -37.57 5.34 4.69
CA ASN B 251 -36.20 5.92 4.62
C ASN B 251 -35.98 6.69 3.30
N LYS B 252 -37.03 7.29 2.70
CA LYS B 252 -36.88 8.12 1.47
C LYS B 252 -35.82 9.22 1.70
N ASP B 253 -35.78 9.79 2.92
CA ASP B 253 -34.84 10.88 3.29
C ASP B 253 -33.46 10.31 3.67
N ASN B 254 -33.28 8.99 3.74
CA ASN B 254 -32.01 8.35 4.17
C ASN B 254 -31.75 7.12 3.31
N PRO B 255 -31.66 7.31 1.98
CA PRO B 255 -31.72 6.18 1.05
C PRO B 255 -30.55 5.18 1.16
N ALA B 256 -29.37 5.60 1.63
CA ALA B 256 -28.15 4.77 1.65
C ALA B 256 -27.93 4.14 3.05
N HIS B 257 -28.97 4.00 3.87
CA HIS B 257 -28.92 3.26 5.18
C HIS B 257 -28.24 1.88 5.00
N ARG B 258 -27.40 1.48 5.94
CA ARG B 258 -26.51 0.27 5.85
C ARG B 258 -27.32 -1.03 5.95
N PHE B 259 -28.52 -0.97 6.57
CA PHE B 259 -29.37 -2.14 6.90
C PHE B 259 -30.78 -1.99 6.32
N ARG B 260 -31.28 -0.75 6.14
CA ARG B 260 -32.69 -0.45 5.75
C ARG B 260 -32.74 0.59 4.62
N ALA B 261 -32.08 0.31 3.49
CA ALA B 261 -32.05 1.19 2.31
C ALA B 261 -33.47 1.49 1.82
N TYR B 262 -33.70 2.72 1.36
CA TYR B 262 -34.95 3.08 0.63
C TYR B 262 -35.13 2.13 -0.55
N GLY B 263 -36.37 1.72 -0.79
CA GLY B 263 -36.75 0.87 -1.93
C GLY B 263 -36.23 -0.54 -1.79
N GLY B 264 -35.73 -1.10 -2.90
CA GLY B 264 -35.27 -2.50 -3.00
C GLY B 264 -33.75 -2.59 -2.89
N THR B 265 -33.25 -3.62 -2.19
CA THR B 265 -31.80 -3.95 -2.08
C THR B 265 -31.56 -5.25 -2.85
N PRO B 266 -31.21 -5.18 -4.15
CA PRO B 266 -31.11 -6.38 -4.98
C PRO B 266 -30.19 -7.50 -4.46
N GLY B 267 -29.12 -7.14 -3.77
CA GLY B 267 -28.30 -8.14 -3.06
C GLY B 267 -29.16 -9.04 -2.19
N ALA B 268 -30.14 -8.47 -1.48
CA ALA B 268 -31.01 -9.23 -0.56
C ALA B 268 -31.91 -10.15 -1.38
N TRP B 269 -32.34 -9.70 -2.57
CA TRP B 269 -33.24 -10.54 -3.41
C TRP B 269 -32.52 -11.86 -3.75
N ILE B 270 -31.27 -11.76 -4.22
CA ILE B 270 -30.54 -12.95 -4.73
C ILE B 270 -30.16 -13.84 -3.53
N GLU B 271 -29.90 -13.26 -2.36
CA GLU B 271 -29.63 -14.00 -1.09
C GLU B 271 -30.86 -14.81 -0.68
N TRP B 272 -32.05 -14.19 -0.71
CA TRP B 272 -33.34 -14.89 -0.45
C TRP B 272 -33.42 -16.13 -1.32
N GLY B 273 -33.02 -16.01 -2.60
CA GLY B 273 -33.01 -17.10 -3.57
C GLY B 273 -32.20 -18.29 -3.08
N ARG B 274 -30.97 -18.06 -2.66
CA ARG B 274 -30.09 -19.15 -2.17
C ARG B 274 -30.76 -19.79 -0.95
N LEU B 275 -31.26 -18.98 -0.02
CA LEU B 275 -31.83 -19.52 1.26
C LEU B 275 -33.01 -20.44 0.93
N MET B 276 -33.81 -20.09 -0.08
CA MET B 276 -34.98 -20.90 -0.46
C MET B 276 -34.53 -22.21 -1.13
N LEU B 277 -33.35 -22.20 -1.78
CA LEU B 277 -32.74 -23.43 -2.34
C LEU B 277 -32.15 -24.29 -1.23
N HIS B 278 -31.59 -23.73 -0.16
CA HIS B 278 -31.24 -24.50 1.07
C HIS B 278 -32.48 -25.17 1.65
N LEU B 279 -33.61 -24.49 1.69
CA LEU B 279 -34.92 -25.02 2.18
C LEU B 279 -35.35 -26.20 1.28
N HIS B 280 -35.34 -25.98 -0.04
CA HIS B 280 -35.62 -27.02 -1.07
C HIS B 280 -34.74 -28.23 -0.81
N ALA B 281 -33.44 -28.03 -0.62
CA ALA B 281 -32.45 -29.12 -0.47
C ALA B 281 -32.69 -29.85 0.84
N ALA B 282 -33.09 -29.15 1.90
CA ALA B 282 -33.42 -29.78 3.21
C ALA B 282 -34.58 -30.76 3.02
N LEU B 283 -35.59 -30.37 2.25
CA LEU B 283 -36.76 -31.24 1.97
C LEU B 283 -36.31 -32.45 1.12
N GLU B 284 -35.53 -32.24 0.05
CA GLU B 284 -35.02 -33.35 -0.78
C GLU B 284 -34.15 -34.29 0.07
N ALA B 285 -33.35 -33.79 0.99
CA ALA B 285 -32.47 -34.63 1.84
C ALA B 285 -33.28 -35.63 2.68
N ARG B 286 -34.54 -35.33 3.00
CA ARG B 286 -35.39 -36.30 3.77
C ARG B 286 -36.45 -36.92 2.84
N PHE B 287 -36.17 -36.97 1.53
CA PHE B 287 -36.95 -37.73 0.51
C PHE B 287 -38.35 -37.13 0.39
N GLU B 288 -38.43 -35.82 0.53
CA GLU B 288 -39.73 -35.09 0.46
C GLU B 288 -39.67 -34.17 -0.76
N THR B 289 -40.69 -34.25 -1.62
CA THR B 289 -40.84 -33.37 -2.80
C THR B 289 -41.03 -31.94 -2.31
N PRO B 290 -40.09 -31.02 -2.63
CA PRO B 290 -40.23 -29.64 -2.20
C PRO B 290 -41.33 -28.98 -3.01
N PRO B 291 -42.12 -28.06 -2.42
CA PRO B 291 -43.04 -27.23 -3.20
C PRO B 291 -42.27 -26.52 -4.34
N ALA B 292 -42.91 -26.45 -5.51
CA ALA B 292 -42.33 -25.93 -6.76
C ALA B 292 -41.95 -24.45 -6.61
N TRP B 293 -42.59 -23.67 -5.73
CA TRP B 293 -42.40 -22.20 -5.67
C TRP B 293 -41.01 -21.85 -5.09
N LEU B 294 -40.38 -22.73 -4.32
CA LEU B 294 -39.02 -22.45 -3.79
C LEU B 294 -38.05 -22.26 -4.97
N LEU B 295 -37.98 -23.22 -5.88
CA LEU B 295 -37.10 -23.12 -7.08
C LEU B 295 -37.63 -22.05 -8.06
N GLU B 296 -38.93 -21.97 -8.32
CA GLU B 296 -39.49 -20.96 -9.28
C GLU B 296 -39.15 -19.57 -8.76
N ASP B 297 -39.34 -19.29 -7.48
CA ASP B 297 -39.13 -17.93 -6.90
C ASP B 297 -37.63 -17.64 -6.83
N ALA B 298 -36.78 -18.62 -6.56
CA ALA B 298 -35.31 -18.42 -6.52
C ALA B 298 -34.85 -18.01 -7.91
N LYS B 299 -35.35 -18.66 -8.95
CA LYS B 299 -35.09 -18.25 -10.36
C LYS B 299 -35.60 -16.83 -10.58
N GLY B 300 -36.83 -16.51 -10.14
CA GLY B 300 -37.41 -15.16 -10.33
C GLY B 300 -36.53 -14.09 -9.68
N LEU B 301 -36.08 -14.34 -8.44
CA LEU B 301 -35.24 -13.39 -7.68
C LEU B 301 -33.88 -13.24 -8.39
N PHE B 302 -33.29 -14.33 -8.85
CA PHE B 302 -31.97 -14.28 -9.52
C PHE B 302 -32.08 -13.40 -10.77
N HIS B 303 -33.07 -13.66 -11.62
CA HIS B 303 -33.24 -12.93 -12.91
C HIS B 303 -33.66 -11.47 -12.67
N ALA B 304 -34.44 -11.19 -11.63
CA ALA B 304 -34.84 -9.81 -11.27
C ALA B 304 -33.62 -9.01 -10.81
N THR B 305 -32.75 -9.64 -10.03
CA THR B 305 -31.51 -9.03 -9.52
C THR B 305 -30.66 -8.61 -10.73
N ILE B 306 -30.49 -9.49 -11.71
CA ILE B 306 -29.70 -9.15 -12.93
C ILE B 306 -30.44 -8.06 -13.75
N ARG B 307 -31.76 -8.20 -13.93
CA ARG B 307 -32.59 -7.27 -14.73
C ARG B 307 -32.41 -5.83 -14.24
N ASP B 308 -32.54 -5.60 -12.94
CA ASP B 308 -32.62 -4.23 -12.37
C ASP B 308 -31.24 -3.73 -11.93
N ALA B 309 -30.32 -4.61 -11.51
CA ALA B 309 -29.17 -4.17 -10.68
C ALA B 309 -27.82 -4.51 -11.29
N TRP B 310 -27.74 -5.42 -12.26
CA TRP B 310 -26.42 -5.73 -12.87
C TRP B 310 -26.13 -4.74 -14.00
N ALA B 311 -25.03 -4.00 -13.89
CA ALA B 311 -24.54 -3.04 -14.90
C ALA B 311 -25.72 -2.26 -15.51
N PRO B 312 -26.57 -1.61 -14.68
CA PRO B 312 -27.73 -0.89 -15.22
C PRO B 312 -27.40 0.52 -15.71
N ASP B 313 -26.15 0.97 -15.54
CA ASP B 313 -25.74 2.40 -15.63
C ASP B 313 -24.44 2.53 -16.42
N GLY B 314 -24.10 1.60 -17.30
CA GLY B 314 -22.95 1.74 -18.22
C GLY B 314 -21.64 1.20 -17.68
N ALA B 315 -21.61 0.58 -16.49
CA ALA B 315 -20.39 -0.09 -15.97
C ALA B 315 -20.78 -1.39 -15.27
N ASP B 316 -19.84 -2.33 -15.17
CA ASP B 316 -20.11 -3.63 -14.49
C ASP B 316 -20.42 -3.37 -13.00
N GLY B 317 -21.06 -4.34 -12.37
CA GLY B 317 -21.27 -4.40 -10.92
C GLY B 317 -22.73 -4.32 -10.55
N PHE B 318 -23.04 -4.68 -9.30
CA PHE B 318 -24.40 -4.61 -8.74
C PHE B 318 -24.55 -3.32 -7.95
N VAL B 319 -25.55 -2.51 -8.31
CA VAL B 319 -25.92 -1.31 -7.54
C VAL B 319 -26.50 -1.77 -6.20
N TYR B 320 -26.54 -0.87 -5.23
CA TYR B 320 -26.96 -1.17 -3.84
C TYR B 320 -28.48 -1.18 -3.76
N SER B 321 -29.16 -0.19 -4.35
CA SER B 321 -30.60 -0.02 -4.20
C SER B 321 -31.24 0.45 -5.49
N VAL B 322 -32.51 0.12 -5.65
CA VAL B 322 -33.37 0.51 -6.80
C VAL B 322 -34.72 0.96 -6.24
N ASP B 323 -35.44 1.73 -7.04
CA ASP B 323 -36.83 2.17 -6.76
C ASP B 323 -37.78 1.03 -7.12
N TRP B 324 -39.09 1.23 -6.95
CA TRP B 324 -40.13 0.21 -7.19
C TRP B 324 -40.34 -0.02 -8.68
N ASP B 325 -39.76 0.84 -9.52
CA ASP B 325 -39.69 0.69 -10.99
C ASP B 325 -38.36 0.04 -11.41
N GLY B 326 -37.49 -0.29 -10.45
CA GLY B 326 -36.24 -1.02 -10.71
C GLY B 326 -35.11 -0.13 -11.15
N LYS B 327 -35.27 1.19 -11.05
CA LYS B 327 -34.24 2.17 -11.45
C LYS B 327 -33.30 2.40 -10.27
N PRO B 328 -31.97 2.35 -10.49
CA PRO B 328 -31.00 2.51 -9.41
C PRO B 328 -31.19 3.83 -8.64
N ILE B 329 -31.03 3.78 -7.33
CA ILE B 329 -30.95 4.97 -6.43
C ILE B 329 -29.51 5.09 -5.93
N VAL B 330 -29.05 4.17 -5.09
CA VAL B 330 -27.64 4.20 -4.59
C VAL B 330 -26.83 3.33 -5.54
N ARG B 331 -25.94 3.94 -6.31
CA ARG B 331 -25.26 3.26 -7.44
C ARG B 331 -23.92 2.71 -6.97
N GLU B 332 -23.53 2.94 -5.71
CA GLU B 332 -22.30 2.33 -5.13
C GLU B 332 -22.39 0.80 -5.24
N ARG B 333 -21.28 0.16 -5.58
CA ARG B 333 -21.09 -1.31 -5.60
C ARG B 333 -20.56 -1.71 -4.23
N VAL B 334 -21.45 -2.12 -3.33
CA VAL B 334 -21.09 -2.72 -2.02
C VAL B 334 -20.66 -4.18 -2.26
N ARG B 335 -19.79 -4.70 -1.41
CA ARG B 335 -19.18 -6.03 -1.59
C ARG B 335 -20.23 -7.15 -1.54
N TRP B 336 -21.12 -7.16 -0.55
CA TRP B 336 -21.89 -8.38 -0.22
C TRP B 336 -22.89 -8.74 -1.34
N PRO B 337 -23.56 -7.82 -2.05
CA PRO B 337 -24.49 -8.24 -3.10
C PRO B 337 -23.90 -9.17 -4.15
N ILE B 338 -22.71 -8.88 -4.69
CA ILE B 338 -22.12 -9.75 -5.74
C ILE B 338 -21.64 -11.07 -5.10
N VAL B 339 -21.22 -11.05 -3.84
CA VAL B 339 -20.79 -12.28 -3.12
C VAL B 339 -21.99 -13.22 -3.01
N GLU B 340 -23.14 -12.67 -2.59
CA GLU B 340 -24.40 -13.44 -2.49
C GLU B 340 -24.83 -13.93 -3.88
N ALA B 341 -24.74 -13.08 -4.89
CA ALA B 341 -25.08 -13.46 -6.29
C ALA B 341 -24.30 -14.73 -6.67
N MET B 342 -23.01 -14.77 -6.34
CA MET B 342 -22.14 -15.92 -6.69
C MET B 342 -22.62 -17.18 -5.97
N GLY B 343 -23.00 -17.08 -4.70
CA GLY B 343 -23.57 -18.19 -3.93
C GLY B 343 -24.84 -18.72 -4.58
N THR B 344 -25.72 -17.82 -5.00
CA THR B 344 -27.02 -18.21 -5.58
C THR B 344 -26.78 -18.86 -6.95
N ALA B 345 -25.85 -18.31 -7.74
CA ALA B 345 -25.47 -18.92 -9.04
C ALA B 345 -25.10 -20.39 -8.82
N TYR B 346 -24.28 -20.67 -7.80
CA TYR B 346 -23.86 -22.06 -7.47
C TYR B 346 -25.09 -22.90 -7.12
N ALA B 347 -25.97 -22.40 -6.25
CA ALA B 347 -27.15 -23.15 -5.80
C ALA B 347 -28.06 -23.44 -6.99
N LEU B 348 -28.29 -22.47 -7.86
CA LEU B 348 -29.16 -22.67 -9.05
C LEU B 348 -28.51 -23.67 -10.01
N TYR B 349 -27.19 -23.57 -10.22
CA TYR B 349 -26.49 -24.54 -11.08
C TYR B 349 -26.67 -25.95 -10.54
N THR B 350 -26.52 -26.11 -9.22
CA THR B 350 -26.56 -27.42 -8.54
C THR B 350 -27.95 -28.04 -8.78
N LEU B 351 -29.03 -27.26 -8.78
CA LEU B 351 -30.40 -27.79 -8.89
C LEU B 351 -30.91 -27.81 -10.34
N THR B 352 -30.35 -27.03 -11.26
CA THR B 352 -30.89 -26.97 -12.66
C THR B 352 -29.92 -27.58 -13.67
N ASP B 353 -28.62 -27.61 -13.38
CA ASP B 353 -27.56 -28.00 -14.36
C ASP B 353 -27.60 -27.05 -15.58
N ASP B 354 -28.18 -25.86 -15.42
CA ASP B 354 -28.21 -24.84 -16.49
C ASP B 354 -26.89 -24.03 -16.43
N SER B 355 -26.10 -24.11 -17.50
CA SER B 355 -24.71 -23.58 -17.53
C SER B 355 -24.72 -22.04 -17.49
N GLN B 356 -25.85 -21.37 -17.77
CA GLN B 356 -25.94 -19.89 -17.63
C GLN B 356 -25.55 -19.51 -16.20
N TYR B 357 -25.88 -20.33 -15.19
CA TYR B 357 -25.59 -19.98 -13.77
C TYR B 357 -24.08 -20.06 -13.51
N GLU B 358 -23.39 -21.02 -14.10
CA GLU B 358 -21.90 -21.09 -13.97
C GLU B 358 -21.27 -19.91 -14.71
N GLU B 359 -21.82 -19.48 -15.85
CA GLU B 359 -21.22 -18.35 -16.62
C GLU B 359 -21.29 -17.08 -15.77
N TRP B 360 -22.42 -16.83 -15.12
CA TRP B 360 -22.58 -15.67 -14.21
C TRP B 360 -21.57 -15.78 -13.07
N TYR B 361 -21.45 -16.96 -12.43
CA TYR B 361 -20.49 -17.17 -11.33
C TYR B 361 -19.08 -16.77 -11.80
N GLN B 362 -18.69 -17.22 -13.00
CA GLN B 362 -17.33 -16.98 -13.56
C GLN B 362 -17.11 -15.48 -13.81
N LYS B 363 -18.10 -14.84 -14.46
CA LYS B 363 -18.11 -13.39 -14.74
C LYS B 363 -17.96 -12.61 -13.42
N TRP B 364 -18.72 -12.97 -12.39
CA TRP B 364 -18.67 -12.28 -11.09
C TRP B 364 -17.33 -12.53 -10.40
N TRP B 365 -16.79 -13.75 -10.45
CA TRP B 365 -15.43 -13.98 -9.90
C TRP B 365 -14.42 -13.03 -10.57
N ASP B 366 -14.48 -12.86 -11.90
CA ASP B 366 -13.51 -12.02 -12.63
C ASP B 366 -13.65 -10.56 -12.17
N TYR B 367 -14.88 -10.09 -11.98
CA TYR B 367 -15.13 -8.73 -11.47
C TYR B 367 -14.54 -8.61 -10.05
N CYS B 368 -14.77 -9.60 -9.19
CA CYS B 368 -14.30 -9.55 -7.77
C CYS B 368 -12.78 -9.42 -7.71
N ILE B 369 -12.01 -10.23 -8.45
CA ILE B 369 -10.53 -10.15 -8.34
C ILE B 369 -10.07 -8.80 -8.92
N LYS B 370 -10.76 -8.29 -9.94
CA LYS B 370 -10.35 -7.06 -10.65
C LYS B 370 -10.57 -5.82 -9.77
N TYR B 371 -11.67 -5.74 -9.02
CA TYR B 371 -12.09 -4.48 -8.34
C TYR B 371 -12.22 -4.64 -6.83
N LEU B 372 -12.55 -5.80 -6.26
CA LEU B 372 -12.90 -5.87 -4.81
C LEU B 372 -11.76 -6.51 -4.00
N MET B 373 -11.09 -7.52 -4.51
CA MET B 373 -10.07 -8.26 -3.73
C MET B 373 -8.87 -7.35 -3.53
N ASP B 374 -8.36 -7.32 -2.29
CA ASP B 374 -7.27 -6.39 -1.88
C ASP B 374 -6.10 -7.22 -1.32
N TYR B 375 -5.21 -7.63 -2.20
CA TYR B 375 -3.98 -8.37 -1.85
C TYR B 375 -2.97 -7.45 -1.13
N GLU B 376 -2.98 -6.14 -1.40
CA GLU B 376 -2.03 -5.18 -0.80
C GLU B 376 -2.35 -4.99 0.71
N ASN B 377 -3.60 -4.64 1.07
CA ASN B 377 -3.94 -4.28 2.48
C ASN B 377 -4.69 -5.41 3.18
N GLY B 378 -5.21 -6.40 2.45
CA GLY B 378 -5.86 -7.59 3.04
C GLY B 378 -7.36 -7.63 2.80
N SER B 379 -7.92 -8.84 2.79
CA SER B 379 -9.36 -9.07 2.58
C SER B 379 -9.80 -8.42 1.26
N TRP B 380 -11.03 -7.92 1.24
CA TRP B 380 -11.66 -7.29 0.06
C TRP B 380 -12.10 -5.89 0.48
N TRP B 381 -12.14 -4.96 -0.46
CA TRP B 381 -12.82 -3.65 -0.27
C TRP B 381 -14.28 -3.88 0.08
N GLN B 382 -14.84 -2.97 0.85
CA GLN B 382 -16.27 -3.04 1.24
C GLN B 382 -17.14 -2.36 0.17
N GLU B 383 -16.59 -1.38 -0.57
CA GLU B 383 -17.46 -0.43 -1.31
C GLU B 383 -16.68 0.24 -2.46
N LEU B 384 -17.29 0.27 -3.65
CA LEU B 384 -16.77 1.01 -4.83
C LEU B 384 -17.82 2.02 -5.29
N ASP B 385 -17.38 3.05 -6.03
CA ASP B 385 -18.27 4.05 -6.68
C ASP B 385 -18.83 3.43 -7.96
N ALA B 386 -19.67 4.20 -8.67
CA ALA B 386 -20.38 3.78 -9.91
C ALA B 386 -19.38 3.46 -11.03
N ASP B 387 -18.11 3.81 -10.89
CA ASP B 387 -17.05 3.45 -11.89
C ASP B 387 -16.14 2.34 -11.34
N ASN B 388 -16.54 1.71 -10.22
CA ASN B 388 -15.83 0.52 -9.67
C ASN B 388 -14.46 0.92 -9.12
N LYS B 389 -14.28 2.18 -8.72
CA LYS B 389 -13.09 2.68 -7.98
C LYS B 389 -13.44 2.68 -6.49
N VAL B 390 -12.49 2.34 -5.65
CA VAL B 390 -12.68 2.28 -4.17
C VAL B 390 -13.24 3.63 -3.70
N THR B 391 -14.20 3.59 -2.77
CA THR B 391 -14.85 4.80 -2.22
C THR B 391 -15.16 4.55 -0.75
N THR B 392 -15.60 5.60 -0.05
CA THR B 392 -16.19 5.56 1.32
C THR B 392 -17.43 6.44 1.25
N LYS B 393 -18.63 5.86 1.30
CA LYS B 393 -19.92 6.60 1.26
C LYS B 393 -20.89 5.88 2.21
N VAL B 394 -21.35 4.70 1.82
CA VAL B 394 -22.33 3.89 2.59
C VAL B 394 -21.61 3.32 3.82
N TRP B 395 -20.35 2.92 3.68
CA TRP B 395 -19.65 2.06 4.68
C TRP B 395 -18.31 2.66 5.12
N ASP B 396 -17.55 1.90 5.93
CA ASP B 396 -16.35 2.40 6.65
C ASP B 396 -15.53 1.23 7.20
N GLY B 397 -14.55 0.75 6.43
CA GLY B 397 -13.61 -0.33 6.84
C GLY B 397 -13.97 -1.67 6.19
N LYS B 398 -13.47 -2.76 6.77
CA LYS B 398 -13.58 -4.15 6.25
C LYS B 398 -14.03 -5.07 7.37
N GLN B 399 -15.14 -4.71 8.04
CA GLN B 399 -15.59 -5.31 9.32
C GLN B 399 -16.20 -6.71 9.12
N ASP B 400 -16.46 -7.15 7.88
CA ASP B 400 -17.14 -8.45 7.63
C ASP B 400 -16.26 -9.44 6.85
N ILE B 401 -16.25 -10.70 7.26
CA ILE B 401 -15.76 -11.82 6.40
C ILE B 401 -16.83 -12.92 6.25
N TYR B 402 -17.94 -12.83 6.99
CA TYR B 402 -19.00 -13.88 7.02
C TYR B 402 -19.58 -14.07 5.61
N HIS B 403 -19.86 -13.01 4.86
CA HIS B 403 -20.46 -13.14 3.51
C HIS B 403 -19.54 -13.95 2.61
N LEU B 404 -18.23 -13.81 2.76
CA LEU B 404 -17.25 -14.39 1.79
C LEU B 404 -17.32 -15.92 1.79
N LEU B 405 -17.77 -16.56 2.85
CA LEU B 405 -17.89 -18.04 2.90
C LEU B 405 -18.96 -18.48 1.90
N HIS B 406 -19.87 -17.59 1.52
CA HIS B 406 -20.98 -17.93 0.58
C HIS B 406 -20.46 -18.01 -0.86
N CYS B 407 -19.33 -17.40 -1.19
CA CYS B 407 -18.69 -17.58 -2.53
C CYS B 407 -17.41 -18.42 -2.44
N LEU B 408 -16.88 -18.70 -1.25
CA LEU B 408 -15.58 -19.42 -1.08
C LEU B 408 -15.80 -20.87 -0.61
N VAL B 409 -16.78 -21.13 0.25
CA VAL B 409 -17.00 -22.47 0.89
C VAL B 409 -18.28 -23.11 0.34
N ILE B 410 -19.36 -22.36 0.23
CA ILE B 410 -20.66 -22.90 -0.26
C ILE B 410 -20.49 -23.65 -1.58
N PRO B 411 -19.74 -23.13 -2.58
CA PRO B 411 -19.57 -23.85 -3.84
C PRO B 411 -18.75 -25.15 -3.79
N ARG B 412 -18.26 -25.51 -2.61
CA ARG B 412 -17.54 -26.78 -2.36
C ARG B 412 -18.43 -27.80 -1.65
N LEU B 413 -19.69 -27.46 -1.36
CA LEU B 413 -20.58 -28.26 -0.47
C LEU B 413 -21.91 -28.56 -1.17
N PRO B 414 -22.59 -29.65 -0.78
CA PRO B 414 -23.99 -29.84 -1.13
C PRO B 414 -24.80 -28.72 -0.47
N LEU B 415 -26.06 -28.57 -0.88
CA LEU B 415 -26.96 -27.51 -0.39
C LEU B 415 -27.64 -27.94 0.90
N ALA B 416 -27.59 -29.23 1.23
CA ALA B 416 -28.05 -29.80 2.53
C ALA B 416 -27.02 -30.79 3.03
N PRO B 417 -26.72 -30.84 4.34
CA PRO B 417 -27.22 -29.83 5.30
C PRO B 417 -26.49 -28.48 4.99
N GLY B 418 -26.74 -27.47 5.81
CA GLY B 418 -26.17 -26.11 5.63
C GLY B 418 -24.67 -26.02 5.86
N LEU B 419 -24.12 -24.82 5.72
CA LEU B 419 -22.66 -24.52 5.62
C LEU B 419 -21.89 -25.20 6.77
N ALA B 420 -22.09 -24.78 8.01
CA ALA B 420 -21.27 -25.29 9.14
C ALA B 420 -21.50 -26.80 9.31
N PRO B 421 -22.75 -27.29 9.37
CA PRO B 421 -23.00 -28.74 9.46
C PRO B 421 -22.31 -29.56 8.37
N ALA B 422 -22.39 -29.12 7.10
CA ALA B 422 -21.82 -29.83 5.94
C ALA B 422 -20.31 -29.95 6.09
N VAL B 423 -19.61 -28.85 6.45
CA VAL B 423 -18.14 -28.89 6.63
C VAL B 423 -17.83 -29.86 7.76
N ALA B 424 -18.57 -29.78 8.87
CA ALA B 424 -18.30 -30.63 10.05
C ALA B 424 -18.54 -32.11 9.69
N ALA B 425 -19.47 -32.42 8.77
CA ALA B 425 -19.80 -33.79 8.33
C ALA B 425 -18.81 -34.30 7.29
N GLY B 426 -17.74 -33.56 6.98
CA GLY B 426 -16.67 -34.02 6.06
C GLY B 426 -17.06 -33.84 4.59
N LEU B 427 -17.99 -32.95 4.25
CA LEU B 427 -18.56 -32.92 2.88
C LEU B 427 -17.80 -31.97 1.94
N LEU B 428 -16.77 -31.26 2.40
CA LEU B 428 -15.97 -30.35 1.55
C LEU B 428 -15.47 -31.10 0.32
N ASP B 429 -15.75 -30.61 -0.88
CA ASP B 429 -15.29 -31.19 -2.18
C ASP B 429 -15.88 -32.59 -2.41
N ILE B 430 -16.91 -33.02 -1.67
CA ILE B 430 -17.53 -34.37 -1.87
C ILE B 430 -17.89 -34.56 -3.37
N ASN B 431 -18.29 -33.52 -4.10
CA ASN B 431 -18.80 -33.66 -5.50
C ASN B 431 -17.71 -33.28 -6.51
N ALA B 432 -16.46 -33.02 -6.08
CA ALA B 432 -15.42 -32.41 -6.96
C ALA B 432 -14.44 -33.50 -7.40
N LYS B 433 -13.86 -33.40 -8.59
CA LYS B 433 -12.84 -34.35 -9.15
C LYS B 433 -11.72 -33.55 -9.84
N HIS C 9 -19.55 53.62 -12.73
CA HIS C 9 -19.39 52.15 -13.02
C HIS C 9 -19.73 51.32 -11.77
N HIS C 10 -20.95 50.78 -11.73
CA HIS C 10 -21.48 49.94 -10.63
C HIS C 10 -22.44 48.91 -11.25
N SER C 11 -22.22 47.62 -10.97
CA SER C 11 -22.96 46.48 -11.55
C SER C 11 -23.94 45.92 -10.50
N SER C 12 -25.06 45.36 -10.94
CA SER C 12 -25.97 44.50 -10.13
C SER C 12 -25.22 43.22 -9.72
N GLY C 13 -25.57 42.62 -8.57
CA GLY C 13 -25.13 41.27 -8.16
C GLY C 13 -24.31 41.21 -6.87
N LEU C 14 -23.93 42.34 -6.27
CA LEU C 14 -23.25 42.39 -4.94
C LEU C 14 -24.18 42.98 -3.88
N VAL C 15 -24.33 42.33 -2.73
CA VAL C 15 -24.88 42.98 -1.50
C VAL C 15 -23.79 43.91 -0.97
N PRO C 16 -24.08 45.20 -0.67
CA PRO C 16 -23.06 46.07 -0.08
C PRO C 16 -22.58 45.51 1.26
N ARG C 17 -21.30 45.70 1.59
CA ARG C 17 -20.57 45.03 2.70
C ARG C 17 -20.24 46.04 3.82
N GLY C 18 -20.19 45.57 5.07
CA GLY C 18 -20.00 46.40 6.28
C GLY C 18 -18.54 46.61 6.71
N SER C 19 -17.57 45.91 6.11
CA SER C 19 -16.10 46.05 6.31
C SER C 19 -15.40 45.39 5.13
N HIS C 20 -14.10 45.63 4.97
CA HIS C 20 -13.32 45.12 3.81
C HIS C 20 -12.63 43.82 4.24
N MET C 21 -13.08 42.68 3.71
CA MET C 21 -12.36 41.39 3.85
C MET C 21 -11.19 41.41 2.85
N LYS C 22 -9.96 41.23 3.32
CA LYS C 22 -8.72 41.49 2.53
C LYS C 22 -8.15 40.15 2.10
N TRP C 23 -8.06 39.91 0.78
CA TRP C 23 -7.38 38.73 0.20
C TRP C 23 -6.20 39.18 -0.66
N PHE C 24 -6.45 40.09 -1.61
CA PHE C 24 -5.40 40.58 -2.53
C PHE C 24 -4.21 41.02 -1.66
N ASN C 25 -3.00 40.61 -2.04
CA ASN C 25 -1.73 41.08 -1.43
C ASN C 25 -1.66 40.60 0.03
N THR C 26 -2.34 39.51 0.38
CA THR C 26 -2.11 38.80 1.65
C THR C 26 -1.40 37.49 1.33
N LEU C 27 -0.35 37.19 2.08
CA LEU C 27 0.44 35.95 1.90
C LEU C 27 -0.44 34.73 2.19
N SER C 28 -1.43 34.85 3.10
CA SER C 28 -2.35 33.75 3.41
C SER C 28 -3.13 33.36 2.14
N HIS C 29 -3.76 34.32 1.46
CA HIS C 29 -4.50 34.03 0.20
C HIS C 29 -3.51 33.51 -0.86
N ASN C 30 -2.36 34.15 -0.98
CA ASN C 30 -1.38 33.82 -2.06
C ASN C 30 -0.80 32.42 -1.82
N ARG C 31 -0.73 31.95 -0.57
CA ARG C 31 -0.28 30.56 -0.26
C ARG C 31 -1.36 29.59 -0.76
N TRP C 32 -2.62 29.88 -0.51
CA TRP C 32 -3.74 29.06 -1.05
C TRP C 32 -3.63 29.01 -2.59
N LEU C 33 -3.40 30.14 -3.25
CA LEU C 33 -3.28 30.22 -4.73
C LEU C 33 -2.10 29.35 -5.19
N GLU C 34 -0.94 29.42 -4.53
CA GLU C 34 0.24 28.67 -5.02
C GLU C 34 -0.03 27.15 -4.93
N GLN C 35 -0.70 26.71 -3.87
CA GLN C 35 -0.94 25.27 -3.61
C GLN C 35 -1.93 24.76 -4.66
N GLU C 36 -2.93 25.56 -5.04
CA GLU C 36 -3.84 25.22 -6.15
C GLU C 36 -3.04 25.23 -7.46
N THR C 37 -2.12 26.18 -7.65
CA THR C 37 -1.28 26.24 -8.87
C THR C 37 -0.52 24.91 -9.05
N ASP C 38 0.07 24.37 -7.99
CA ASP C 38 0.84 23.11 -8.05
C ASP C 38 -0.09 21.95 -8.45
N ARG C 39 -1.31 21.92 -7.93
CA ARG C 39 -2.32 20.89 -8.31
C ARG C 39 -2.56 21.00 -9.84
N ILE C 40 -2.62 22.19 -10.39
CA ILE C 40 -2.91 22.43 -11.84
C ILE C 40 -1.69 22.02 -12.67
N PHE C 41 -0.48 22.40 -12.26
CA PHE C 41 0.77 22.02 -12.97
C PHE C 41 0.83 20.50 -13.09
N ASN C 42 0.52 19.79 -12.00
CA ASN C 42 0.63 18.31 -11.93
C ASN C 42 -0.34 17.68 -12.92
N PHE C 43 -1.55 18.22 -13.05
CA PHE C 43 -2.59 17.72 -13.99
C PHE C 43 -2.09 17.81 -15.43
N GLY C 44 -1.44 18.91 -15.81
CA GLY C 44 -1.03 19.11 -17.22
C GLY C 44 0.10 18.20 -17.67
N LYS C 45 0.89 17.65 -16.75
CA LYS C 45 2.09 16.85 -17.08
C LYS C 45 1.69 15.59 -17.87
N ASN C 46 0.50 15.03 -17.66
CA ASN C 46 0.05 13.79 -18.34
C ASN C 46 -0.22 14.07 -19.82
N ALA C 47 -0.15 15.33 -20.29
CA ALA C 47 -0.50 15.68 -21.70
C ALA C 47 0.72 15.45 -22.62
N VAL C 48 1.90 15.13 -22.06
CA VAL C 48 3.14 14.91 -22.86
C VAL C 48 2.90 13.73 -23.81
N VAL C 49 3.04 13.98 -25.12
CA VAL C 49 3.08 12.95 -26.19
C VAL C 49 4.30 13.24 -27.07
N PRO C 50 4.80 12.26 -27.83
CA PRO C 50 5.96 12.46 -28.69
C PRO C 50 5.92 13.70 -29.59
N THR C 51 4.76 14.09 -30.12
CA THR C 51 4.64 15.22 -31.09
C THR C 51 4.31 16.55 -30.38
N GLY C 52 4.20 16.59 -29.05
CA GLY C 52 3.88 17.83 -28.33
C GLY C 52 3.04 17.57 -27.08
N PHE C 53 1.90 18.23 -27.00
CA PHE C 53 0.97 18.09 -25.85
C PHE C 53 -0.39 17.63 -26.39
N GLY C 54 -0.89 16.55 -25.82
CA GLY C 54 -2.20 15.96 -26.15
C GLY C 54 -3.32 16.68 -25.43
N TRP C 55 -4.52 16.17 -25.65
CA TRP C 55 -5.80 16.75 -25.21
C TRP C 55 -6.29 15.95 -24.00
N LEU C 56 -6.20 16.51 -22.79
CA LEU C 56 -6.56 15.78 -21.55
C LEU C 56 -8.09 15.71 -21.39
N GLY C 57 -8.58 14.55 -20.97
CA GLY C 57 -9.99 14.31 -20.65
C GLY C 57 -10.29 14.57 -19.18
N ASN C 58 -11.50 14.22 -18.75
CA ASN C 58 -12.05 14.57 -17.41
C ASN C 58 -11.31 13.85 -16.28
N LYS C 59 -10.53 12.81 -16.58
CA LYS C 59 -9.76 12.07 -15.54
C LYS C 59 -8.27 12.27 -15.76
N GLY C 60 -7.89 13.22 -16.61
CA GLY C 60 -6.48 13.57 -16.84
C GLY C 60 -5.78 12.57 -17.73
N GLN C 61 -6.55 11.79 -18.48
CA GLN C 61 -6.04 10.82 -19.48
C GLN C 61 -5.96 11.53 -20.84
N ILE C 62 -5.02 11.15 -21.70
CA ILE C 62 -4.95 11.64 -23.10
C ILE C 62 -6.15 11.11 -23.88
N LYS C 63 -6.89 11.98 -24.57
CA LYS C 63 -7.90 11.63 -25.59
C LYS C 63 -7.17 11.56 -26.95
N GLU C 64 -6.62 10.39 -27.27
CA GLU C 64 -5.70 10.18 -28.44
C GLU C 64 -6.43 10.56 -29.74
N GLU C 65 -7.76 10.41 -29.81
CA GLU C 65 -8.54 10.73 -31.03
C GLU C 65 -8.43 12.23 -31.36
N MET C 66 -8.11 13.10 -30.39
CA MET C 66 -8.01 14.58 -30.63
C MET C 66 -6.66 14.95 -31.27
N GLY C 67 -5.66 14.07 -31.19
CA GLY C 67 -4.29 14.33 -31.73
C GLY C 67 -3.58 15.48 -31.02
N THR C 68 -2.55 16.05 -31.65
CA THR C 68 -1.68 17.13 -31.08
C THR C 68 -2.02 18.47 -31.74
N HIS C 69 -2.69 19.36 -31.01
CA HIS C 69 -3.07 20.71 -31.49
C HIS C 69 -1.94 21.72 -31.23
N LEU C 70 -1.69 22.60 -32.20
CA LEU C 70 -0.71 23.71 -32.09
C LEU C 70 -1.08 24.57 -30.88
N TRP C 71 -2.35 24.96 -30.75
CA TRP C 71 -2.78 25.92 -29.68
C TRP C 71 -2.51 25.31 -28.31
N ILE C 72 -2.79 24.01 -28.15
CA ILE C 72 -2.59 23.33 -26.83
C ILE C 72 -1.08 23.20 -26.56
N THR C 73 -0.28 22.87 -27.59
CA THR C 73 1.17 22.65 -27.44
C THR C 73 1.80 23.99 -27.04
N ALA C 74 1.45 25.08 -27.75
CA ALA C 74 2.00 26.43 -27.49
C ALA C 74 1.60 26.90 -26.10
N ARG C 75 0.35 26.65 -25.67
CA ARG C 75 -0.14 27.06 -24.34
C ARG C 75 0.64 26.31 -23.25
N MET C 76 0.87 25.01 -23.42
CA MET C 76 1.61 24.21 -22.41
C MET C 76 3.07 24.69 -22.34
N LEU C 77 3.68 25.09 -23.46
CA LEU C 77 5.04 25.66 -23.46
C LEU C 77 5.07 26.91 -22.55
N HIS C 78 4.08 27.77 -22.71
CA HIS C 78 3.90 29.01 -21.87
C HIS C 78 3.71 28.60 -20.40
N VAL C 79 2.83 27.67 -20.13
CA VAL C 79 2.46 27.30 -18.73
C VAL C 79 3.71 26.79 -18.00
N TYR C 80 4.49 25.89 -18.62
CA TYR C 80 5.65 25.25 -17.96
C TYR C 80 6.84 26.22 -17.95
N SER C 81 6.85 27.27 -18.76
CA SER C 81 7.80 28.40 -18.61
C SER C 81 7.57 29.06 -17.25
N VAL C 82 6.32 29.38 -16.92
CA VAL C 82 5.95 29.98 -15.61
C VAL C 82 6.33 29.01 -14.49
N ALA C 83 5.98 27.73 -14.61
CA ALA C 83 6.27 26.71 -13.58
C ALA C 83 7.78 26.66 -13.36
N ALA C 84 8.57 26.69 -14.44
CA ALA C 84 10.04 26.60 -14.37
C ALA C 84 10.60 27.81 -13.61
N SER C 85 10.11 29.02 -13.90
CA SER C 85 10.54 30.23 -13.18
C SER C 85 10.08 30.14 -11.72
N MET C 86 9.05 29.35 -11.40
CA MET C 86 8.53 29.22 -10.01
C MET C 86 9.37 28.20 -9.24
N GLY C 87 10.37 27.60 -9.90
CA GLY C 87 11.30 26.67 -9.23
C GLY C 87 10.75 25.27 -9.09
N ARG C 88 9.83 24.84 -9.97
CA ARG C 88 9.27 23.46 -9.98
C ARG C 88 10.15 22.54 -10.82
N PRO C 89 10.79 21.52 -10.19
CA PRO C 89 11.53 20.50 -10.93
C PRO C 89 10.63 19.86 -11.98
N GLY C 90 11.19 19.59 -13.18
CA GLY C 90 10.45 18.93 -14.27
C GLY C 90 9.82 19.91 -15.24
N ALA C 91 9.50 21.13 -14.81
CA ALA C 91 8.84 22.15 -15.65
C ALA C 91 9.73 22.49 -16.86
N TYR C 92 11.03 22.67 -16.63
CA TYR C 92 12.03 23.05 -17.67
C TYR C 92 12.09 21.96 -18.74
N ASP C 93 12.01 20.70 -18.34
CA ASP C 93 11.94 19.54 -19.26
C ASP C 93 10.70 19.68 -20.15
N LEU C 94 9.57 20.13 -19.61
CA LEU C 94 8.35 20.33 -20.42
C LEU C 94 8.55 21.52 -21.37
N VAL C 95 9.30 22.56 -20.95
CA VAL C 95 9.61 23.71 -21.85
C VAL C 95 10.46 23.16 -23.00
N ASP C 96 11.50 22.40 -22.67
CA ASP C 96 12.38 21.74 -23.66
C ASP C 96 11.52 20.87 -24.60
N HIS C 97 10.63 20.06 -24.06
CA HIS C 97 9.72 19.20 -24.89
C HIS C 97 8.89 20.10 -25.80
N GLY C 98 8.34 21.20 -25.28
CA GLY C 98 7.52 22.14 -26.05
C GLY C 98 8.31 22.71 -27.22
N ILE C 99 9.52 23.20 -26.97
CA ILE C 99 10.38 23.83 -28.01
C ILE C 99 10.73 22.76 -29.07
N LYS C 100 11.07 21.53 -28.66
CA LYS C 100 11.33 20.43 -29.63
C LYS C 100 10.10 20.19 -30.51
N ALA C 101 8.91 20.18 -29.93
CA ALA C 101 7.64 19.97 -30.69
C ALA C 101 7.42 21.13 -31.68
N MET C 102 7.74 22.37 -31.30
CA MET C 102 7.58 23.57 -32.17
C MET C 102 8.64 23.54 -33.29
N ASN C 103 9.72 22.78 -33.13
CA ASN C 103 10.81 22.64 -34.17
C ASN C 103 10.65 21.32 -34.92
N GLY C 104 9.71 20.45 -34.52
CA GLY C 104 9.52 19.09 -35.06
C GLY C 104 8.23 18.93 -35.87
N ALA C 105 7.42 17.94 -35.55
CA ALA C 105 6.30 17.47 -36.40
C ALA C 105 5.29 18.59 -36.68
N LEU C 106 5.04 19.49 -35.73
CA LEU C 106 4.07 20.61 -35.92
C LEU C 106 4.61 21.59 -36.98
N ARG C 107 5.92 21.68 -37.15
CA ARG C 107 6.54 22.73 -37.99
C ARG C 107 6.43 22.32 -39.47
N ASP C 108 5.87 23.19 -40.32
CA ASP C 108 5.81 22.97 -41.78
C ASP C 108 7.19 23.30 -42.38
N LYS C 109 7.96 22.27 -42.75
CA LYS C 109 9.34 22.46 -43.32
C LYS C 109 9.27 23.06 -44.74
N LYS C 110 8.18 22.87 -45.48
CA LYS C 110 8.03 23.33 -46.89
C LYS C 110 7.60 24.80 -46.92
N TYR C 111 6.51 25.18 -46.24
CA TYR C 111 5.91 26.53 -46.34
C TYR C 111 6.19 27.39 -45.09
N GLY C 112 6.65 26.82 -43.99
CA GLY C 112 6.90 27.57 -42.74
C GLY C 112 5.65 27.68 -41.88
N GLY C 113 5.80 28.25 -40.68
CA GLY C 113 4.77 28.21 -39.63
C GLY C 113 4.44 26.78 -39.23
N TRP C 114 3.25 26.57 -38.70
CA TRP C 114 2.86 25.32 -38.01
C TRP C 114 1.49 24.86 -38.47
N TYR C 115 1.39 23.56 -38.71
CA TYR C 115 0.12 22.83 -38.91
C TYR C 115 -0.73 23.00 -37.65
N ALA C 116 -2.05 23.08 -37.81
CA ALA C 116 -3.02 23.26 -36.71
C ALA C 116 -3.05 21.99 -35.84
N CYS C 117 -2.86 20.81 -36.44
CA CYS C 117 -3.02 19.52 -35.75
C CYS C 117 -2.20 18.43 -36.46
N VAL C 118 -1.46 17.65 -35.68
CA VAL C 118 -0.68 16.46 -36.16
C VAL C 118 -0.94 15.31 -35.19
N ASN C 119 -0.54 14.11 -35.60
CA ASN C 119 -0.51 12.91 -34.74
C ASN C 119 0.72 12.10 -35.15
N ASP C 120 0.89 10.90 -34.59
CA ASP C 120 2.12 10.08 -34.78
C ASP C 120 2.27 9.68 -36.26
N GLN C 121 1.18 9.67 -37.04
CA GLN C 121 1.18 9.21 -38.46
C GLN C 121 1.53 10.37 -39.40
N GLY C 122 1.13 11.61 -39.06
CA GLY C 122 1.45 12.80 -39.88
C GLY C 122 0.51 13.96 -39.59
N VAL C 123 0.20 14.74 -40.62
CA VAL C 123 -0.62 15.99 -40.50
C VAL C 123 -2.09 15.62 -40.49
N VAL C 124 -2.87 16.19 -39.56
CA VAL C 124 -4.34 16.00 -39.40
C VAL C 124 -5.04 17.23 -39.98
N ASP C 125 -4.56 18.42 -39.64
CA ASP C 125 -5.12 19.71 -40.15
C ASP C 125 -3.92 20.56 -40.53
N ALA C 126 -3.75 20.80 -41.84
CA ALA C 126 -2.56 21.44 -42.44
C ALA C 126 -2.75 22.95 -42.49
N SER C 127 -3.94 23.44 -42.13
CA SER C 127 -4.27 24.88 -42.21
C SER C 127 -3.38 25.69 -41.23
N LYS C 128 -3.21 26.97 -41.54
CA LYS C 128 -2.33 27.92 -40.83
C LYS C 128 -3.25 28.91 -40.11
N GLN C 129 -3.56 28.62 -38.85
CA GLN C 129 -4.55 29.36 -38.04
C GLN C 129 -3.85 30.48 -37.27
N GLY C 130 -4.22 31.74 -37.54
CA GLY C 130 -3.66 32.93 -36.87
C GLY C 130 -3.84 32.83 -35.36
N TYR C 131 -5.02 32.42 -34.90
CA TYR C 131 -5.35 32.26 -33.47
C TYR C 131 -4.22 31.44 -32.81
N GLN C 132 -3.90 30.31 -33.43
CA GLN C 132 -2.93 29.31 -32.92
C GLN C 132 -1.50 29.83 -33.07
N HIS C 133 -1.20 30.59 -34.13
CA HIS C 133 0.15 31.16 -34.38
C HIS C 133 0.48 32.22 -33.30
N PHE C 134 -0.51 32.99 -32.86
CA PHE C 134 -0.32 34.00 -31.78
C PHE C 134 -0.04 33.29 -30.45
N PHE C 135 -0.60 32.10 -30.23
CA PHE C 135 -0.25 31.28 -29.05
C PHE C 135 1.18 30.76 -29.22
N ALA C 136 1.61 30.43 -30.44
CA ALA C 136 3.00 30.04 -30.70
C ALA C 136 3.92 31.19 -30.30
N LEU C 137 3.56 32.43 -30.65
CA LEU C 137 4.36 33.63 -30.32
C LEU C 137 4.41 33.81 -28.80
N LEU C 138 3.28 33.68 -28.10
CA LEU C 138 3.24 33.82 -26.62
C LEU C 138 4.13 32.75 -26.01
N GLY C 139 3.97 31.50 -26.43
CA GLY C 139 4.75 30.36 -25.92
C GLY C 139 6.24 30.61 -26.07
N ALA C 140 6.69 31.06 -27.25
CA ALA C 140 8.11 31.33 -27.54
C ALA C 140 8.60 32.48 -26.64
N ALA C 141 7.82 33.55 -26.51
CA ALA C 141 8.23 34.72 -25.70
C ALA C 141 8.31 34.33 -24.21
N SER C 142 7.35 33.56 -23.70
CA SER C 142 7.38 33.07 -22.30
C SER C 142 8.59 32.15 -22.11
N ALA C 143 8.86 31.29 -23.07
CA ALA C 143 10.00 30.34 -23.02
C ALA C 143 11.34 31.12 -22.92
N VAL C 144 11.43 32.27 -23.58
CA VAL C 144 12.64 33.14 -23.53
C VAL C 144 12.96 33.48 -22.07
N THR C 145 11.95 33.69 -21.21
CA THR C 145 12.18 34.10 -19.79
C THR C 145 12.90 32.99 -19.01
N THR C 146 12.89 31.76 -19.49
CA THR C 146 13.57 30.62 -18.83
C THR C 146 15.05 30.58 -19.23
N GLY C 147 15.43 31.28 -20.30
CA GLY C 147 16.80 31.23 -20.84
C GLY C 147 17.14 29.87 -21.48
N HIS C 148 16.15 29.02 -21.76
CA HIS C 148 16.37 27.82 -22.58
C HIS C 148 17.16 28.25 -23.82
N PRO C 149 18.30 27.59 -24.14
CA PRO C 149 19.17 28.02 -25.22
C PRO C 149 18.56 28.05 -26.63
N GLU C 150 17.43 27.38 -26.86
CA GLU C 150 16.74 27.36 -28.18
C GLU C 150 15.53 28.33 -28.18
N ALA C 151 15.21 28.98 -27.06
CA ALA C 151 13.97 29.79 -26.93
C ALA C 151 14.06 31.04 -27.83
N ARG C 152 15.18 31.78 -27.77
CA ARG C 152 15.34 33.05 -28.50
C ARG C 152 15.27 32.78 -30.01
N LYS C 153 15.90 31.70 -30.48
CA LYS C 153 15.89 31.29 -31.92
C LYS C 153 14.43 30.96 -32.29
N LEU C 154 13.68 30.28 -31.41
CA LEU C 154 12.25 29.96 -31.71
C LEU C 154 11.46 31.28 -31.79
N LEU C 155 11.67 32.21 -30.87
CA LEU C 155 10.96 33.51 -30.90
C LEU C 155 11.29 34.24 -32.22
N ASP C 156 12.56 34.28 -32.62
CA ASP C 156 12.98 35.01 -33.86
C ASP C 156 12.28 34.39 -35.07
N TYR C 157 12.21 33.08 -35.14
CA TYR C 157 11.52 32.36 -36.24
C TYR C 157 10.02 32.73 -36.22
N THR C 158 9.39 32.67 -35.03
CA THR C 158 7.95 32.89 -34.88
C THR C 158 7.63 34.31 -35.34
N ILE C 159 8.46 35.27 -34.93
CA ILE C 159 8.31 36.69 -35.33
C ILE C 159 8.31 36.78 -36.86
N GLU C 160 9.23 36.11 -37.55
CA GLU C 160 9.31 36.17 -39.03
C GLU C 160 7.98 35.68 -39.64
N VAL C 161 7.45 34.58 -39.12
CA VAL C 161 6.17 33.98 -39.64
C VAL C 161 5.03 34.97 -39.38
N ILE C 162 4.96 35.49 -38.16
CA ILE C 162 3.87 36.44 -37.79
C ILE C 162 3.94 37.65 -38.74
N GLU C 163 5.12 38.22 -38.95
CA GLU C 163 5.28 39.48 -39.74
C GLU C 163 5.07 39.21 -41.25
N LYS C 164 5.36 38.00 -41.71
CA LYS C 164 5.14 37.61 -43.12
C LYS C 164 3.64 37.44 -43.36
N TYR C 165 2.90 36.76 -42.49
CA TYR C 165 1.55 36.23 -42.84
C TYR C 165 0.41 36.68 -41.92
N PHE C 166 0.66 37.15 -40.69
CA PHE C 166 -0.45 37.33 -39.72
C PHE C 166 -0.61 38.78 -39.28
N TRP C 167 0.47 39.56 -39.18
CA TRP C 167 0.36 41.03 -39.01
C TRP C 167 0.39 41.68 -40.39
N SER C 168 -0.65 42.43 -40.73
CA SER C 168 -0.79 43.16 -42.02
C SER C 168 -0.37 44.62 -41.79
N GLU C 169 0.71 45.05 -42.43
CA GLU C 169 1.16 46.47 -42.43
C GLU C 169 0.09 47.31 -43.14
N GLU C 170 -0.58 46.77 -44.17
CA GLU C 170 -1.64 47.48 -44.94
C GLU C 170 -2.84 47.78 -44.02
N GLU C 171 -3.36 46.80 -43.30
CA GLU C 171 -4.56 46.95 -42.43
C GLU C 171 -4.17 47.47 -41.03
N GLN C 172 -2.91 47.28 -40.62
CA GLN C 172 -2.46 47.56 -39.23
C GLN C 172 -3.37 46.79 -38.27
N MET C 173 -3.59 45.52 -38.58
CA MET C 173 -4.42 44.56 -37.80
C MET C 173 -3.90 43.17 -38.15
N CYS C 174 -4.38 42.15 -37.45
CA CYS C 174 -3.97 40.74 -37.71
C CYS C 174 -4.97 40.07 -38.64
N LEU C 175 -4.44 39.29 -39.59
CA LEU C 175 -5.22 38.37 -40.46
C LEU C 175 -5.67 37.19 -39.61
N GLU C 176 -6.51 36.32 -40.17
CA GLU C 176 -7.14 35.22 -39.42
C GLU C 176 -6.44 33.91 -39.74
N SER C 177 -6.46 33.47 -41.00
CA SER C 177 -5.94 32.13 -41.35
C SER C 177 -5.59 32.04 -42.83
N TRP C 178 -4.79 31.03 -43.15
CA TRP C 178 -4.38 30.69 -44.52
C TRP C 178 -4.50 29.19 -44.71
N ASP C 179 -4.57 28.74 -45.96
CA ASP C 179 -4.32 27.34 -46.37
C ASP C 179 -2.87 26.99 -46.01
N GLU C 180 -2.56 25.70 -46.03
CA GLU C 180 -1.21 25.14 -45.79
C GLU C 180 -0.14 25.97 -46.50
N ALA C 181 -0.34 26.29 -47.79
CA ALA C 181 0.73 26.82 -48.68
C ALA C 181 0.80 28.34 -48.59
N PHE C 182 0.02 28.99 -47.72
CA PHE C 182 -0.03 30.47 -47.61
C PHE C 182 -0.32 31.08 -49.00
N SER C 183 -1.24 30.50 -49.77
CA SER C 183 -1.65 31.02 -51.11
C SER C 183 -2.89 31.91 -51.01
N GLN C 184 -3.85 31.59 -50.12
CA GLN C 184 -5.12 32.36 -49.96
C GLN C 184 -5.40 32.54 -48.45
N THR C 185 -5.66 33.78 -48.03
CA THR C 185 -6.09 34.12 -46.65
C THR C 185 -7.62 34.07 -46.58
N GLU C 186 -8.16 33.68 -45.42
CA GLU C 186 -9.61 33.61 -45.12
C GLU C 186 -10.25 34.99 -45.31
N ASP C 187 -11.45 35.01 -45.91
CA ASP C 187 -12.28 36.22 -46.11
C ASP C 187 -13.03 36.49 -44.81
N TYR C 188 -12.28 36.84 -43.76
CA TYR C 188 -12.74 36.94 -42.35
C TYR C 188 -11.62 37.60 -41.54
N ARG C 189 -12.03 38.46 -40.60
CA ARG C 189 -11.13 39.07 -39.60
C ARG C 189 -11.79 38.88 -38.23
N GLY C 190 -10.98 38.47 -37.24
CA GLY C 190 -11.46 37.97 -35.94
C GLY C 190 -10.93 38.77 -34.77
N GLY C 191 -11.84 39.16 -33.86
CA GLY C 191 -11.49 39.70 -32.54
C GLY C 191 -10.64 38.71 -31.73
N ASN C 192 -10.92 37.41 -31.82
CA ASN C 192 -10.29 36.38 -30.96
C ASN C 192 -8.79 36.30 -31.28
N ALA C 193 -8.44 36.11 -32.55
CA ALA C 193 -7.04 36.07 -33.01
C ALA C 193 -6.37 37.40 -32.66
N ASN C 194 -7.04 38.53 -32.88
CA ASN C 194 -6.45 39.87 -32.62
C ASN C 194 -6.26 40.07 -31.11
N MET C 195 -7.13 39.51 -30.28
CA MET C 195 -7.03 39.63 -28.80
C MET C 195 -5.78 38.87 -28.33
N HIS C 196 -5.58 37.64 -28.81
CA HIS C 196 -4.43 36.78 -28.43
C HIS C 196 -3.15 37.31 -29.07
N ALA C 197 -3.23 38.06 -30.17
CA ALA C 197 -2.09 38.84 -30.72
C ALA C 197 -1.66 39.88 -29.67
N VAL C 198 -2.59 40.64 -29.12
CA VAL C 198 -2.31 41.67 -28.08
C VAL C 198 -1.60 40.99 -26.91
N GLU C 199 -2.13 39.84 -26.47
CA GLU C 199 -1.61 39.07 -25.30
C GLU C 199 -0.16 38.68 -25.59
N ALA C 200 0.13 38.13 -26.77
CA ALA C 200 1.49 37.68 -27.18
C ALA C 200 2.42 38.89 -27.34
N PHE C 201 1.95 39.96 -27.98
CA PHE C 201 2.75 41.18 -28.27
C PHE C 201 3.25 41.81 -26.97
N LEU C 202 2.43 41.80 -25.92
CA LEU C 202 2.81 42.33 -24.57
C LEU C 202 4.09 41.60 -24.11
N ILE C 203 4.14 40.28 -24.27
CA ILE C 203 5.28 39.48 -23.74
C ILE C 203 6.47 39.62 -24.70
N VAL C 204 6.21 39.70 -26.01
CA VAL C 204 7.30 39.94 -27.00
C VAL C 204 7.96 41.29 -26.66
N TYR C 205 7.13 42.29 -26.37
CA TYR C 205 7.64 43.62 -25.92
C TYR C 205 8.50 43.44 -24.68
N ASP C 206 8.04 42.66 -23.69
CA ASP C 206 8.76 42.50 -22.40
C ASP C 206 10.12 41.83 -22.63
N VAL C 207 10.30 41.03 -23.68
CA VAL C 207 11.61 40.35 -23.91
C VAL C 207 12.36 40.96 -25.10
N THR C 208 11.92 42.09 -25.67
CA THR C 208 12.65 42.80 -26.76
C THR C 208 12.82 44.30 -26.47
N HIS C 209 11.86 44.96 -25.82
CA HIS C 209 11.64 46.46 -25.82
C HIS C 209 11.89 47.02 -27.23
N ASP C 210 11.39 46.31 -28.23
CA ASP C 210 11.12 46.85 -29.58
C ASP C 210 9.70 47.41 -29.61
N LYS C 211 9.59 48.75 -29.64
CA LYS C 211 8.37 49.56 -29.33
C LYS C 211 7.20 49.11 -30.20
N LYS C 212 7.49 48.66 -31.42
CA LYS C 212 6.44 48.31 -32.41
C LYS C 212 5.49 47.26 -31.81
N TRP C 213 5.92 46.35 -30.93
CA TRP C 213 5.02 45.31 -30.36
C TRP C 213 3.93 45.97 -29.50
N LEU C 214 4.29 47.00 -28.73
CA LEU C 214 3.31 47.71 -27.87
C LEU C 214 2.45 48.63 -28.73
N ASP C 215 3.05 49.26 -29.75
CA ASP C 215 2.31 50.10 -30.72
C ASP C 215 1.24 49.27 -31.42
N ARG C 216 1.60 48.07 -31.88
CA ARG C 216 0.64 47.16 -32.56
C ARG C 216 -0.48 46.78 -31.59
N ALA C 217 -0.14 46.40 -30.35
CA ALA C 217 -1.14 46.05 -29.32
C ALA C 217 -2.12 47.20 -29.11
N LEU C 218 -1.62 48.43 -28.92
CA LEU C 218 -2.47 49.64 -28.70
C LEU C 218 -3.39 49.85 -29.90
N ARG C 219 -2.86 49.72 -31.11
CA ARG C 219 -3.61 49.89 -32.38
C ARG C 219 -4.75 48.87 -32.44
N ILE C 220 -4.46 47.60 -32.19
CA ILE C 220 -5.49 46.52 -32.26
C ILE C 220 -6.61 46.89 -31.29
N ALA C 221 -6.27 47.25 -30.05
CA ALA C 221 -7.27 47.58 -29.00
C ALA C 221 -8.06 48.81 -29.43
N SER C 222 -7.42 49.80 -30.07
CA SER C 222 -8.09 51.07 -30.47
C SER C 222 -9.21 50.74 -31.47
N VAL C 223 -9.02 49.75 -32.32
CA VAL C 223 -9.97 49.40 -33.41
C VAL C 223 -11.11 48.54 -32.84
N ILE C 224 -10.77 47.45 -32.17
CA ILE C 224 -11.79 46.44 -31.76
C ILE C 224 -12.55 46.94 -30.52
N ILE C 225 -11.89 47.64 -29.61
CA ILE C 225 -12.53 48.08 -28.32
C ILE C 225 -12.92 49.55 -28.41
N HIS C 226 -11.96 50.45 -28.59
CA HIS C 226 -12.24 51.91 -28.43
C HIS C 226 -13.19 52.40 -29.54
N ASP C 227 -13.05 51.90 -30.77
CA ASP C 227 -13.99 52.23 -31.87
C ASP C 227 -15.25 51.34 -31.74
N VAL C 228 -15.18 50.06 -32.11
CA VAL C 228 -16.40 49.23 -32.33
C VAL C 228 -17.10 48.87 -31.00
N ALA C 229 -16.42 48.23 -30.05
CA ALA C 229 -17.04 47.76 -28.78
C ALA C 229 -17.69 48.93 -28.04
N ARG C 230 -16.97 50.03 -27.80
CA ARG C 230 -17.44 51.20 -27.01
C ARG C 230 -18.73 51.75 -27.63
N ASN C 231 -18.82 51.80 -28.96
CA ASN C 231 -20.00 52.35 -29.69
C ASN C 231 -21.19 51.38 -29.62
N GLY C 232 -21.00 50.11 -29.26
CA GLY C 232 -22.06 49.10 -29.05
C GLY C 232 -22.22 48.70 -27.58
N ASP C 233 -22.14 49.64 -26.64
CA ASP C 233 -22.36 49.42 -25.18
C ASP C 233 -21.36 48.40 -24.64
N TYR C 234 -20.15 48.36 -25.21
CA TYR C 234 -19.01 47.53 -24.80
C TYR C 234 -19.33 46.05 -25.03
N ARG C 235 -20.25 45.75 -25.95
CA ARG C 235 -20.46 44.40 -26.50
C ARG C 235 -19.45 44.22 -27.62
N VAL C 236 -18.39 43.46 -27.39
CA VAL C 236 -17.30 43.32 -28.38
C VAL C 236 -17.81 42.57 -29.59
N ASN C 237 -17.71 43.19 -30.75
CA ASN C 237 -17.94 42.52 -32.04
C ASN C 237 -16.67 41.74 -32.40
N GLU C 238 -16.78 40.43 -32.67
CA GLU C 238 -15.64 39.52 -32.94
C GLU C 238 -15.52 39.21 -34.45
N HIS C 239 -16.63 39.20 -35.19
CA HIS C 239 -16.69 38.72 -36.59
C HIS C 239 -16.74 39.91 -37.55
N PHE C 240 -15.74 39.99 -38.43
CA PHE C 240 -15.61 41.06 -39.43
C PHE C 240 -15.31 40.44 -40.80
N ASP C 241 -15.64 41.16 -41.86
CA ASP C 241 -15.23 40.83 -43.25
C ASP C 241 -13.83 41.41 -43.49
N SER C 242 -13.32 41.27 -44.71
CA SER C 242 -11.92 41.65 -45.09
C SER C 242 -11.73 43.17 -45.06
N GLN C 243 -12.82 43.96 -45.00
CA GLN C 243 -12.76 45.45 -44.93
C GLN C 243 -13.01 45.89 -43.48
N TRP C 244 -13.02 44.96 -42.53
CA TRP C 244 -13.17 45.26 -41.07
C TRP C 244 -14.55 45.90 -40.79
N ASN C 245 -15.57 45.50 -41.55
CA ASN C 245 -17.00 45.77 -41.24
C ASN C 245 -17.54 44.58 -40.46
N PRO C 246 -18.27 44.83 -39.36
CA PRO C 246 -18.89 43.74 -38.61
C PRO C 246 -19.81 42.88 -39.49
N ILE C 247 -19.76 41.56 -39.29
CA ILE C 247 -20.78 40.57 -39.71
C ILE C 247 -21.57 40.18 -38.45
N ARG C 248 -22.62 40.90 -38.13
CA ARG C 248 -23.39 40.72 -36.87
C ARG C 248 -23.99 39.30 -36.82
N ASP C 249 -24.37 38.74 -37.97
CA ASP C 249 -25.13 37.45 -38.02
C ASP C 249 -24.18 36.27 -38.18
N TYR C 250 -22.87 36.46 -38.09
CA TYR C 250 -21.88 35.37 -38.32
C TYR C 250 -22.14 34.21 -37.36
N ASN C 251 -22.15 33.00 -37.92
CA ASN C 251 -22.40 31.70 -37.24
C ASN C 251 -23.79 31.65 -36.60
N LYS C 252 -24.79 32.35 -37.13
CA LYS C 252 -26.19 32.28 -36.62
C LYS C 252 -26.66 30.81 -36.66
N ASP C 253 -26.26 30.07 -37.69
CA ASP C 253 -26.63 28.64 -37.86
C ASP C 253 -25.75 27.72 -36.99
N ASN C 254 -24.72 28.22 -36.31
CA ASN C 254 -23.78 27.39 -35.52
C ASN C 254 -23.39 28.14 -34.24
N PRO C 255 -24.40 28.51 -33.41
CA PRO C 255 -24.21 29.51 -32.37
C PRO C 255 -23.22 29.13 -31.26
N ALA C 256 -23.00 27.83 -31.00
CA ALA C 256 -22.21 27.35 -29.83
C ALA C 256 -20.75 27.03 -30.21
N HIS C 257 -20.24 27.62 -31.30
CA HIS C 257 -18.84 27.43 -31.78
C HIS C 257 -17.84 27.69 -30.63
N ARG C 258 -16.79 26.88 -30.53
CA ARG C 258 -15.79 26.89 -29.42
C ARG C 258 -14.90 28.15 -29.46
N PHE C 259 -14.75 28.77 -30.64
CA PHE C 259 -13.80 29.89 -30.92
C PHE C 259 -14.53 31.10 -31.53
N ARG C 260 -15.66 30.90 -32.24
CA ARG C 260 -16.37 31.95 -33.02
C ARG C 260 -17.88 31.90 -32.75
N ALA C 261 -18.33 31.97 -31.49
CA ALA C 261 -19.76 31.93 -31.12
C ALA C 261 -20.54 33.05 -31.83
N TYR C 262 -21.78 32.76 -32.22
CA TYR C 262 -22.74 33.78 -32.68
C TYR C 262 -22.90 34.85 -31.60
N GLY C 263 -22.98 36.10 -32.05
CA GLY C 263 -23.09 37.29 -31.20
C GLY C 263 -21.84 37.56 -30.37
N GLY C 264 -22.03 37.91 -29.10
CA GLY C 264 -20.95 38.34 -28.20
C GLY C 264 -20.59 37.24 -27.23
N THR C 265 -19.29 37.12 -26.94
CA THR C 265 -18.73 36.17 -25.94
C THR C 265 -18.21 37.01 -24.77
N PRO C 266 -19.03 37.27 -23.72
CA PRO C 266 -18.66 38.16 -22.64
C PRO C 266 -17.34 37.81 -21.92
N GLY C 267 -17.00 36.53 -21.81
CA GLY C 267 -15.65 36.14 -21.35
C GLY C 267 -14.56 36.91 -22.08
N ALA C 268 -14.68 37.06 -23.41
CA ALA C 268 -13.66 37.73 -24.24
C ALA C 268 -13.66 39.23 -23.90
N TRP C 269 -14.83 39.80 -23.61
CA TRP C 269 -14.93 41.25 -23.28
C TRP C 269 -14.04 41.53 -22.06
N ILE C 270 -14.21 40.75 -21.01
CA ILE C 270 -13.55 41.04 -19.70
C ILE C 270 -12.04 40.73 -19.85
N GLU C 271 -11.67 39.76 -20.68
CA GLU C 271 -10.25 39.43 -21.01
C GLU C 271 -9.60 40.62 -21.73
N TRP C 272 -10.26 41.20 -22.72
CA TRP C 272 -9.81 42.43 -23.42
C TRP C 272 -9.47 43.50 -22.37
N GLY C 273 -10.31 43.64 -21.36
CA GLY C 273 -10.16 44.60 -20.27
C GLY C 273 -8.82 44.42 -19.56
N ARG C 274 -8.50 43.19 -19.15
CA ARG C 274 -7.24 42.93 -18.41
C ARG C 274 -6.07 43.28 -19.36
N LEU C 275 -6.14 42.85 -20.63
CA LEU C 275 -5.01 43.05 -21.57
C LEU C 275 -4.74 44.54 -21.72
N MET C 276 -5.79 45.37 -21.75
CA MET C 276 -5.64 46.83 -21.89
C MET C 276 -5.02 47.42 -20.62
N LEU C 277 -5.25 46.81 -19.45
CA LEU C 277 -4.61 47.23 -18.18
C LEU C 277 -3.15 46.78 -18.15
N HIS C 278 -2.77 45.64 -18.72
CA HIS C 278 -1.33 45.28 -18.92
C HIS C 278 -0.66 46.34 -19.83
N LEU C 279 -1.34 46.81 -20.88
CA LEU C 279 -0.85 47.87 -21.80
C LEU C 279 -0.65 49.19 -21.00
N HIS C 280 -1.66 49.58 -20.23
CA HIS C 280 -1.62 50.76 -19.31
C HIS C 280 -0.38 50.63 -18.41
N ALA C 281 -0.19 49.48 -17.80
CA ALA C 281 0.89 49.26 -16.82
C ALA C 281 2.25 49.30 -17.52
N ALA C 282 2.34 48.82 -18.77
CA ALA C 282 3.60 48.85 -19.55
C ALA C 282 4.01 50.32 -19.76
N LEU C 283 3.05 51.19 -20.07
CA LEU C 283 3.31 52.63 -20.27
C LEU C 283 3.74 53.27 -18.95
N GLU C 284 3.03 53.01 -17.84
CA GLU C 284 3.42 53.54 -16.51
C GLU C 284 4.81 53.03 -16.10
N ALA C 285 5.18 51.80 -16.42
CA ALA C 285 6.50 51.24 -16.05
C ALA C 285 7.64 52.03 -16.71
N ARG C 286 7.41 52.72 -17.83
CA ARG C 286 8.46 53.55 -18.48
C ARG C 286 8.14 55.04 -18.29
N PHE C 287 7.38 55.37 -17.24
CA PHE C 287 7.14 56.76 -16.76
C PHE C 287 6.36 57.55 -17.81
N GLU C 288 5.48 56.87 -18.51
CA GLU C 288 4.65 57.47 -19.59
C GLU C 288 3.19 57.43 -19.14
N THR C 289 2.51 58.57 -19.18
CA THR C 289 1.05 58.70 -18.87
C THR C 289 0.29 57.90 -19.92
N PRO C 290 -0.42 56.83 -19.50
CA PRO C 290 -1.19 56.03 -20.45
C PRO C 290 -2.41 56.83 -20.91
N PRO C 291 -2.82 56.69 -22.18
CA PRO C 291 -4.10 57.23 -22.62
C PRO C 291 -5.24 56.76 -21.70
N ALA C 292 -6.16 57.66 -21.39
CA ALA C 292 -7.23 57.46 -20.37
C ALA C 292 -8.18 56.37 -20.85
N TRP C 293 -8.33 56.11 -22.16
CA TRP C 293 -9.34 55.15 -22.71
C TRP C 293 -8.98 53.70 -22.33
N LEU C 294 -7.71 53.37 -22.06
CA LEU C 294 -7.36 51.99 -21.65
C LEU C 294 -8.10 51.64 -20.37
N LEU C 295 -8.00 52.46 -19.32
CA LEU C 295 -8.70 52.22 -18.03
C LEU C 295 -10.22 52.43 -18.20
N GLU C 296 -10.67 53.49 -18.90
CA GLU C 296 -12.12 53.77 -19.07
C GLU C 296 -12.77 52.58 -19.77
N ASP C 297 -12.16 52.07 -20.84
CA ASP C 297 -12.77 50.98 -21.65
C ASP C 297 -12.70 49.66 -20.88
N ALA C 298 -11.64 49.42 -20.11
CA ALA C 298 -11.50 48.19 -19.28
C ALA C 298 -12.66 48.17 -18.28
N LYS C 299 -12.94 49.31 -17.64
CA LYS C 299 -14.11 49.43 -16.74
C LYS C 299 -15.40 49.17 -17.51
N GLY C 300 -15.56 49.76 -18.70
CA GLY C 300 -16.77 49.58 -19.54
C GLY C 300 -16.98 48.10 -19.86
N LEU C 301 -15.92 47.41 -20.26
CA LEU C 301 -15.97 45.96 -20.63
C LEU C 301 -16.31 45.13 -19.38
N PHE C 302 -15.70 45.44 -18.24
CA PHE C 302 -15.93 44.67 -16.99
C PHE C 302 -17.41 44.77 -16.62
N HIS C 303 -17.95 45.98 -16.61
CA HIS C 303 -19.36 46.23 -16.19
C HIS C 303 -20.34 45.69 -17.25
N ALA C 304 -20.02 45.73 -18.54
CA ALA C 304 -20.88 45.18 -19.61
C ALA C 304 -20.95 43.65 -19.47
N THR C 305 -19.82 43.02 -19.16
CA THR C 305 -19.72 41.56 -18.94
C THR C 305 -20.66 41.17 -17.79
N ILE C 306 -20.64 41.90 -16.68
CA ILE C 306 -21.53 41.60 -15.53
C ILE C 306 -22.98 41.90 -15.94
N ARG C 307 -23.24 43.03 -16.60
CA ARG C 307 -24.60 43.47 -17.01
C ARG C 307 -25.31 42.37 -17.81
N ASP C 308 -24.65 41.83 -18.84
CA ASP C 308 -25.30 40.91 -19.80
C ASP C 308 -25.12 39.43 -19.41
N ALA C 309 -24.04 39.07 -18.73
CA ALA C 309 -23.64 37.64 -18.65
C ALA C 309 -23.60 37.10 -17.23
N TRP C 310 -23.55 37.92 -16.19
CA TRP C 310 -23.52 37.35 -14.81
C TRP C 310 -24.95 37.07 -14.32
N ALA C 311 -25.23 35.81 -13.99
CA ALA C 311 -26.50 35.33 -13.42
C ALA C 311 -27.68 36.04 -14.10
N PRO C 312 -27.81 35.98 -15.44
CA PRO C 312 -28.93 36.64 -16.14
C PRO C 312 -30.23 35.82 -16.14
N ASP C 313 -30.19 34.59 -15.62
CA ASP C 313 -31.20 33.54 -15.90
C ASP C 313 -31.58 32.78 -14.62
N GLY C 314 -31.43 33.37 -13.44
CA GLY C 314 -31.92 32.77 -12.18
C GLY C 314 -30.91 31.86 -11.48
N ALA C 315 -29.68 31.74 -11.97
CA ALA C 315 -28.59 31.05 -11.23
C ALA C 315 -27.27 31.81 -11.39
N ASP C 316 -26.33 31.59 -10.47
CA ASP C 316 -24.99 32.22 -10.53
C ASP C 316 -24.25 31.72 -11.79
N GLY C 317 -23.26 32.48 -12.22
CA GLY C 317 -22.27 32.07 -13.24
C GLY C 317 -22.36 32.96 -14.46
N PHE C 318 -21.34 32.88 -15.32
CA PHE C 318 -21.28 33.63 -16.60
C PHE C 318 -21.75 32.73 -17.75
N VAL C 319 -22.74 33.20 -18.48
CA VAL C 319 -23.23 32.54 -19.73
C VAL C 319 -22.11 32.70 -20.77
N TYR C 320 -22.14 31.88 -21.79
CA TYR C 320 -21.09 31.83 -22.84
C TYR C 320 -21.30 32.95 -23.86
N SER C 321 -22.53 33.14 -24.32
CA SER C 321 -22.82 34.09 -25.42
C SER C 321 -24.14 34.81 -25.20
N VAL C 322 -24.20 36.03 -25.73
CA VAL C 322 -25.41 36.89 -25.75
C VAL C 322 -25.55 37.47 -27.16
N ASP C 323 -26.76 37.84 -27.52
CA ASP C 323 -27.07 38.53 -28.80
C ASP C 323 -26.78 40.03 -28.62
N TRP C 324 -27.04 40.84 -29.64
CA TRP C 324 -26.64 42.26 -29.70
C TRP C 324 -27.55 43.11 -28.82
N ASP C 325 -28.63 42.52 -28.28
CA ASP C 325 -29.49 43.14 -27.24
C ASP C 325 -29.07 42.66 -25.85
N GLY C 326 -28.07 41.78 -25.76
CA GLY C 326 -27.56 41.29 -24.46
C GLY C 326 -28.38 40.11 -23.94
N LYS C 327 -29.24 39.51 -24.78
CA LYS C 327 -30.05 38.32 -24.42
C LYS C 327 -29.18 37.07 -24.54
N PRO C 328 -29.10 36.22 -23.49
CA PRO C 328 -28.28 35.02 -23.55
C PRO C 328 -28.70 34.11 -24.71
N ILE C 329 -27.71 33.51 -25.38
CA ILE C 329 -27.95 32.47 -26.42
C ILE C 329 -27.44 31.14 -25.84
N VAL C 330 -26.13 30.97 -25.66
CA VAL C 330 -25.59 29.75 -25.04
C VAL C 330 -25.47 30.03 -23.54
N ARG C 331 -26.26 29.36 -22.72
CA ARG C 331 -26.39 29.65 -21.28
C ARG C 331 -25.44 28.78 -20.46
N GLU C 332 -24.71 27.86 -21.10
CA GLU C 332 -23.73 27.01 -20.40
C GLU C 332 -22.64 27.90 -19.77
N ARG C 333 -22.21 27.55 -18.56
CA ARG C 333 -21.11 28.22 -17.83
C ARG C 333 -19.81 27.50 -18.18
N VAL C 334 -19.08 28.05 -19.16
CA VAL C 334 -17.74 27.53 -19.53
C VAL C 334 -16.74 28.05 -18.49
N ARG C 335 -15.65 27.32 -18.27
CA ARG C 335 -14.69 27.64 -17.19
C ARG C 335 -14.00 28.99 -17.45
N TRP C 336 -13.49 29.25 -18.66
CA TRP C 336 -12.52 30.35 -18.88
C TRP C 336 -13.14 31.73 -18.65
N PRO C 337 -14.41 32.02 -19.01
CA PRO C 337 -14.93 33.38 -18.78
C PRO C 337 -14.84 33.84 -17.31
N ILE C 338 -15.19 33.00 -16.33
CA ILE C 338 -15.16 33.45 -14.91
C ILE C 338 -13.68 33.55 -14.47
N VAL C 339 -12.80 32.70 -15.00
CA VAL C 339 -11.35 32.76 -14.68
C VAL C 339 -10.80 34.10 -15.15
N GLU C 340 -11.11 34.50 -16.37
CA GLU C 340 -10.70 35.80 -16.95
C GLU C 340 -11.31 36.94 -16.12
N ALA C 341 -12.58 36.84 -15.78
CA ALA C 341 -13.28 37.87 -14.95
C ALA C 341 -12.46 38.09 -13.66
N MET C 342 -11.98 37.03 -13.02
CA MET C 342 -11.23 37.11 -11.74
C MET C 342 -9.90 37.84 -11.99
N GLY C 343 -9.22 37.54 -13.12
CA GLY C 343 -8.00 38.25 -13.51
C GLY C 343 -8.24 39.74 -13.66
N THR C 344 -9.33 40.10 -14.33
CA THR C 344 -9.64 41.52 -14.63
C THR C 344 -10.01 42.23 -13.33
N ALA C 345 -10.76 41.56 -12.45
CA ALA C 345 -11.10 42.13 -11.12
C ALA C 345 -9.79 42.53 -10.41
N TYR C 346 -8.79 41.65 -10.40
CA TYR C 346 -7.47 41.93 -9.77
C TYR C 346 -6.83 43.14 -10.44
N ALA C 347 -6.77 43.18 -11.79
CA ALA C 347 -6.12 44.28 -12.51
C ALA C 347 -6.83 45.61 -12.21
N LEU C 348 -8.16 45.62 -12.22
CA LEU C 348 -8.93 46.85 -11.94
C LEU C 348 -8.72 47.27 -10.47
N TYR C 349 -8.70 46.33 -9.53
CA TYR C 349 -8.42 46.66 -8.11
C TYR C 349 -7.06 47.31 -7.99
N THR C 350 -6.06 46.75 -8.67
CA THR C 350 -4.66 47.21 -8.60
C THR C 350 -4.58 48.68 -9.08
N LEU C 351 -5.36 49.05 -10.10
CA LEU C 351 -5.28 50.41 -10.71
C LEU C 351 -6.31 51.38 -10.10
N THR C 352 -7.38 50.93 -9.46
CA THR C 352 -8.42 51.85 -8.93
C THR C 352 -8.44 51.85 -7.41
N ASP C 353 -8.01 50.78 -6.74
CA ASP C 353 -8.18 50.61 -5.26
C ASP C 353 -9.68 50.63 -4.90
N ASP C 354 -10.58 50.42 -5.86
CA ASP C 354 -12.04 50.31 -5.63
C ASP C 354 -12.36 48.88 -5.17
N SER C 355 -12.88 48.75 -3.93
CA SER C 355 -13.04 47.46 -3.25
C SER C 355 -14.16 46.63 -3.92
N GLN C 356 -15.02 47.22 -4.75
CA GLN C 356 -16.04 46.44 -5.51
C GLN C 356 -15.32 45.37 -6.33
N TYR C 357 -14.12 45.64 -6.86
CA TYR C 357 -13.38 44.67 -7.71
C TYR C 357 -12.88 43.49 -6.86
N GLU C 358 -12.45 43.74 -5.63
CA GLU C 358 -12.06 42.62 -4.73
C GLU C 358 -13.30 41.81 -4.34
N GLU C 359 -14.46 42.46 -4.13
CA GLU C 359 -15.69 41.71 -3.73
C GLU C 359 -16.10 40.76 -4.86
N TRP C 360 -16.05 41.22 -6.12
CA TRP C 360 -16.34 40.35 -7.28
C TRP C 360 -15.35 39.19 -7.31
N TYR C 361 -14.05 39.46 -7.17
CA TYR C 361 -13.00 38.41 -7.15
C TYR C 361 -13.36 37.35 -6.10
N GLN C 362 -13.73 37.78 -4.90
CA GLN C 362 -14.03 36.86 -3.77
C GLN C 362 -15.28 36.03 -4.08
N LYS C 363 -16.35 36.67 -4.58
CA LYS C 363 -17.61 36.02 -5.00
C LYS C 363 -17.30 34.97 -6.08
N TRP C 364 -16.49 35.31 -7.08
CA TRP C 364 -16.14 34.36 -8.17
C TRP C 364 -15.29 33.21 -7.62
N TRP C 365 -14.34 33.49 -6.72
CA TRP C 365 -13.58 32.38 -6.09
C TRP C 365 -14.53 31.42 -5.38
N ASP C 366 -15.53 31.92 -4.67
CA ASP C 366 -16.48 31.06 -3.91
C ASP C 366 -17.27 30.19 -4.89
N TYR C 367 -17.69 30.77 -6.01
CA TYR C 367 -18.40 30.03 -7.08
C TYR C 367 -17.47 28.93 -7.62
N CYS C 368 -16.21 29.27 -7.91
CA CYS C 368 -15.26 28.32 -8.53
C CYS C 368 -15.06 27.09 -7.65
N ILE C 369 -14.81 27.27 -6.35
CA ILE C 369 -14.54 26.07 -5.49
C ILE C 369 -15.84 25.27 -5.37
N LYS C 370 -17.00 25.92 -5.37
CA LYS C 370 -18.32 25.24 -5.20
C LYS C 370 -18.67 24.40 -6.44
N TYR C 371 -18.42 24.87 -7.65
CA TYR C 371 -18.98 24.26 -8.90
C TYR C 371 -17.91 23.82 -9.91
N LEU C 372 -16.73 24.45 -10.00
CA LEU C 372 -15.78 24.18 -11.11
C LEU C 372 -14.61 23.32 -10.67
N MET C 373 -14.09 23.54 -9.46
CA MET C 373 -12.86 22.83 -9.02
C MET C 373 -13.20 21.36 -8.82
N ASP C 374 -12.35 20.46 -9.30
CA ASP C 374 -12.55 19.00 -9.25
C ASP C 374 -11.38 18.33 -8.53
N TYR C 375 -11.50 18.22 -7.21
CA TYR C 375 -10.50 17.56 -6.33
C TYR C 375 -10.52 16.03 -6.56
N GLU C 376 -11.64 15.45 -6.92
CA GLU C 376 -11.77 13.96 -7.12
C GLU C 376 -10.98 13.54 -8.38
N ASN C 377 -11.23 14.13 -9.55
CA ASN C 377 -10.64 13.65 -10.84
C ASN C 377 -9.48 14.54 -11.32
N GLY C 378 -9.31 15.74 -10.74
CA GLY C 378 -8.18 16.62 -11.04
C GLY C 378 -8.60 17.88 -11.79
N SER C 379 -7.85 18.95 -11.62
CA SER C 379 -8.05 20.23 -12.34
C SER C 379 -9.46 20.75 -12.04
N TRP C 380 -10.07 21.40 -13.01
CA TRP C 380 -11.41 22.01 -12.93
C TRP C 380 -12.25 21.44 -14.07
N TRP C 381 -13.56 21.38 -13.89
CA TRP C 381 -14.51 21.10 -14.99
C TRP C 381 -14.36 22.19 -16.05
N GLN C 382 -14.60 21.83 -17.32
CA GLN C 382 -14.50 22.77 -18.46
C GLN C 382 -15.85 23.48 -18.63
N GLU C 383 -16.95 22.86 -18.22
CA GLU C 383 -18.30 23.33 -18.62
C GLU C 383 -19.37 22.86 -17.65
N LEU C 384 -20.26 23.76 -17.27
CA LEU C 384 -21.49 23.44 -16.49
C LEU C 384 -22.73 23.87 -17.28
N ASP C 385 -23.89 23.29 -16.94
CA ASP C 385 -25.21 23.68 -17.51
C ASP C 385 -25.68 24.94 -16.79
N ALA C 386 -26.84 25.45 -17.18
CA ALA C 386 -27.45 26.69 -16.68
C ALA C 386 -27.77 26.59 -15.18
N ASP C 387 -27.73 25.39 -14.58
CA ASP C 387 -27.92 25.22 -13.12
C ASP C 387 -26.59 24.87 -12.44
N ASN C 388 -25.47 25.03 -13.14
CA ASN C 388 -24.10 24.91 -12.57
C ASN C 388 -23.80 23.44 -12.20
N LYS C 389 -24.45 22.48 -12.87
CA LYS C 389 -24.09 21.04 -12.80
C LYS C 389 -23.19 20.71 -14.00
N VAL C 390 -22.20 19.83 -13.81
CA VAL C 390 -21.25 19.45 -14.88
C VAL C 390 -22.03 18.97 -16.11
N THR C 391 -21.60 19.36 -17.31
CA THR C 391 -22.26 19.01 -18.58
C THR C 391 -21.21 18.81 -19.67
N THR C 392 -21.64 18.36 -20.85
CA THR C 392 -20.88 18.34 -22.13
C THR C 392 -21.81 18.94 -23.19
N LYS C 393 -21.53 20.13 -23.69
CA LYS C 393 -22.32 20.76 -24.81
C LYS C 393 -21.33 21.47 -25.74
N VAL C 394 -20.74 22.58 -25.29
CA VAL C 394 -19.76 23.38 -26.08
C VAL C 394 -18.47 22.57 -26.18
N TRP C 395 -18.06 21.88 -25.11
CA TRP C 395 -16.67 21.35 -24.95
C TRP C 395 -16.66 19.85 -24.61
N ASP C 396 -15.46 19.31 -24.34
CA ASP C 396 -15.22 17.84 -24.23
C ASP C 396 -13.84 17.57 -23.61
N GLY C 397 -13.81 17.40 -22.28
CA GLY C 397 -12.58 17.09 -21.52
C GLY C 397 -12.04 18.30 -20.78
N LYS C 398 -10.76 18.25 -20.38
CA LYS C 398 -10.07 19.28 -19.54
C LYS C 398 -8.73 19.62 -20.20
N GLN C 399 -8.77 20.03 -21.48
CA GLN C 399 -7.58 20.14 -22.36
C GLN C 399 -6.75 21.42 -22.04
N ASP C 400 -7.27 22.33 -21.21
CA ASP C 400 -6.58 23.64 -20.94
C ASP C 400 -6.25 23.80 -19.45
N ILE C 401 -5.05 24.30 -19.16
CA ILE C 401 -4.71 24.86 -17.81
C ILE C 401 -4.16 26.28 -17.94
N TYR C 402 -3.92 26.78 -19.16
CA TYR C 402 -3.31 28.11 -19.42
C TYR C 402 -4.17 29.22 -18.79
N HIS C 403 -5.49 29.19 -18.95
CA HIS C 403 -6.38 30.26 -18.40
C HIS C 403 -6.21 30.34 -16.89
N LEU C 404 -5.99 29.21 -16.19
CA LEU C 404 -6.02 29.19 -14.71
C LEU C 404 -4.91 30.06 -14.10
N LEU C 405 -3.81 30.28 -14.81
CA LEU C 405 -2.71 31.14 -14.29
C LEU C 405 -3.21 32.58 -14.15
N HIS C 406 -4.28 32.95 -14.86
CA HIS C 406 -4.83 34.33 -14.83
C HIS C 406 -5.61 34.58 -13.54
N CYS C 407 -6.08 33.56 -12.83
CA CYS C 407 -6.72 33.73 -11.48
C CYS C 407 -5.82 33.17 -10.37
N LEU C 408 -4.73 32.44 -10.71
CA LEU C 408 -3.88 31.79 -9.70
C LEU C 408 -2.54 32.49 -9.51
N VAL C 409 -1.94 33.03 -10.58
CA VAL C 409 -0.58 33.63 -10.55
C VAL C 409 -0.68 35.14 -10.75
N ILE C 410 -1.50 35.60 -11.71
CA ILE C 410 -1.61 37.06 -12.03
C ILE C 410 -1.90 37.87 -10.75
N PRO C 411 -2.81 37.44 -9.83
CA PRO C 411 -3.06 38.21 -8.60
C PRO C 411 -1.92 38.28 -7.60
N ARG C 412 -0.80 37.61 -7.88
CA ARG C 412 0.41 37.63 -7.03
C ARG C 412 1.49 38.55 -7.65
N LEU C 413 1.21 39.17 -8.80
CA LEU C 413 2.23 39.88 -9.60
C LEU C 413 1.77 41.30 -9.90
N PRO C 414 2.71 42.24 -10.10
CA PRO C 414 2.39 43.54 -10.67
C PRO C 414 1.86 43.29 -12.10
N LEU C 415 1.27 44.33 -12.70
CA LEU C 415 0.66 44.26 -14.04
C LEU C 415 1.72 44.44 -15.13
N ALA C 416 2.90 44.97 -14.77
CA ALA C 416 4.08 45.08 -15.67
C ALA C 416 5.33 44.65 -14.90
N PRO C 417 6.27 43.90 -15.53
CA PRO C 417 6.06 43.32 -16.85
C PRO C 417 4.99 42.20 -16.75
N GLY C 418 4.71 41.53 -17.86
CA GLY C 418 3.68 40.48 -17.97
C GLY C 418 4.01 39.19 -17.21
N LEU C 419 3.12 38.21 -17.29
CA LEU C 419 3.08 36.99 -16.44
C LEU C 419 4.46 36.30 -16.37
N ALA C 420 4.95 35.75 -17.47
CA ALA C 420 6.19 34.94 -17.44
C ALA C 420 7.37 35.83 -17.06
N PRO C 421 7.57 37.01 -17.68
CA PRO C 421 8.64 37.93 -17.30
C PRO C 421 8.66 38.28 -15.80
N ALA C 422 7.50 38.62 -15.24
CA ALA C 422 7.36 39.04 -13.84
C ALA C 422 7.79 37.90 -12.90
N VAL C 423 7.34 36.66 -13.16
CA VAL C 423 7.73 35.50 -12.31
C VAL C 423 9.25 35.33 -12.42
N ALA C 424 9.79 35.40 -13.63
CA ALA C 424 11.23 35.14 -13.86
C ALA C 424 12.05 36.24 -13.17
N ALA C 425 11.52 37.47 -13.06
CA ALA C 425 12.21 38.62 -12.43
C ALA C 425 12.05 38.59 -10.90
N GLY C 426 11.48 37.54 -10.31
CA GLY C 426 11.39 37.39 -8.84
C GLY C 426 10.25 38.18 -8.23
N LEU C 427 9.20 38.53 -9.00
CA LEU C 427 8.18 39.50 -8.49
C LEU C 427 7.01 38.81 -7.78
N LEU C 428 6.96 37.47 -7.69
CA LEU C 428 5.85 36.74 -7.04
C LEU C 428 5.68 37.27 -5.61
N ASP C 429 4.48 37.70 -5.23
CA ASP C 429 4.15 38.18 -3.87
C ASP C 429 4.91 39.47 -3.52
N ILE C 430 5.51 40.18 -4.48
CA ILE C 430 6.30 41.41 -4.18
C ILE C 430 5.43 42.39 -3.37
N ASN C 431 4.11 42.44 -3.60
CA ASN C 431 3.22 43.45 -2.96
C ASN C 431 2.47 42.87 -1.76
N ALA C 432 2.76 41.63 -1.33
CA ALA C 432 1.96 40.88 -0.33
C ALA C 432 2.68 40.93 1.02
N LYS C 433 1.93 40.86 2.15
CA LYS C 433 2.41 40.90 3.56
C LYS C 433 1.76 39.80 4.42
N SER D 19 18.97 34.32 -20.41
CA SER D 19 18.76 34.78 -19.01
C SER D 19 19.24 33.70 -18.03
N HIS D 20 19.41 34.07 -16.77
CA HIS D 20 19.47 33.14 -15.62
C HIS D 20 18.03 32.86 -15.17
N MET D 21 17.60 31.59 -15.25
CA MET D 21 16.44 31.08 -14.48
C MET D 21 16.86 30.99 -13.00
N LYS D 22 16.14 31.64 -12.09
CA LYS D 22 16.58 31.82 -10.69
C LYS D 22 15.76 30.90 -9.80
N TRP D 23 16.41 29.96 -9.11
CA TRP D 23 15.79 29.08 -8.10
C TRP D 23 16.41 29.30 -6.73
N PHE D 24 17.74 29.22 -6.66
CA PHE D 24 18.47 29.37 -5.36
C PHE D 24 18.00 30.66 -4.72
N ASN D 25 17.68 30.62 -3.42
CA ASN D 25 17.36 31.82 -2.62
C ASN D 25 16.07 32.45 -3.12
N THR D 26 15.18 31.69 -3.77
CA THR D 26 13.80 32.14 -4.04
C THR D 26 12.86 31.36 -3.11
N LEU D 27 11.95 32.08 -2.48
CA LEU D 27 10.95 31.48 -1.56
C LEU D 27 10.07 30.49 -2.34
N SER D 28 9.79 30.76 -3.62
CA SER D 28 8.95 29.86 -4.45
C SER D 28 9.62 28.48 -4.55
N HIS D 29 10.91 28.41 -4.93
CA HIS D 29 11.65 27.12 -5.00
C HIS D 29 11.73 26.51 -3.59
N ASN D 30 12.04 27.30 -2.58
CA ASN D 30 12.25 26.79 -1.20
C ASN D 30 10.93 26.24 -0.62
N ARG D 31 9.79 26.77 -1.03
CA ARG D 31 8.47 26.22 -0.61
C ARG D 31 8.28 24.83 -1.26
N TRP D 32 8.63 24.68 -2.54
CA TRP D 32 8.59 23.36 -3.20
C TRP D 32 9.50 22.39 -2.43
N LEU D 33 10.72 22.81 -2.06
CA LEU D 33 11.67 21.97 -1.30
C LEU D 33 11.06 21.55 0.03
N GLU D 34 10.46 22.48 0.77
CA GLU D 34 9.92 22.14 2.12
C GLU D 34 8.80 21.11 2.00
N GLN D 35 7.95 21.23 0.99
CA GLN D 35 6.78 20.34 0.81
C GLN D 35 7.27 18.94 0.43
N GLU D 36 8.32 18.83 -0.37
CA GLU D 36 8.94 17.52 -0.65
C GLU D 36 9.60 17.02 0.63
N THR D 37 10.25 17.87 1.41
CA THR D 37 10.86 17.46 2.69
C THR D 37 9.81 16.80 3.60
N ASP D 38 8.61 17.36 3.72
CA ASP D 38 7.53 16.79 4.58
C ASP D 38 7.13 15.41 4.05
N ARG D 39 7.06 15.23 2.72
CA ARG D 39 6.75 13.92 2.10
C ARG D 39 7.83 12.92 2.56
N ILE D 40 9.10 13.34 2.61
CA ILE D 40 10.23 12.43 2.98
C ILE D 40 10.17 12.13 4.48
N PHE D 41 9.94 13.14 5.32
CA PHE D 41 9.80 12.95 6.79
C PHE D 41 8.75 11.89 7.08
N ASN D 42 7.61 11.99 6.39
CA ASN D 42 6.42 11.11 6.63
C ASN D 42 6.79 9.66 6.28
N PHE D 43 7.54 9.45 5.18
CA PHE D 43 7.98 8.11 4.73
C PHE D 43 8.84 7.45 5.80
N GLY D 44 9.76 8.20 6.42
CA GLY D 44 10.72 7.62 7.38
C GLY D 44 10.08 7.20 8.69
N LYS D 45 8.93 7.74 9.04
CA LYS D 45 8.27 7.50 10.37
C LYS D 45 7.93 6.02 10.52
N ASN D 46 7.60 5.31 9.43
CA ASN D 46 7.22 3.89 9.48
C ASN D 46 8.44 3.01 9.85
N ALA D 47 9.65 3.56 9.96
CA ALA D 47 10.87 2.76 10.26
C ALA D 47 11.03 2.52 11.76
N VAL D 48 10.19 3.12 12.61
CA VAL D 48 10.28 2.96 14.10
C VAL D 48 10.07 1.48 14.45
N VAL D 49 11.07 0.85 15.08
CA VAL D 49 10.97 -0.51 15.69
C VAL D 49 11.51 -0.41 17.12
N PRO D 50 11.18 -1.36 18.02
CA PRO D 50 11.61 -1.23 19.42
C PRO D 50 13.12 -1.04 19.63
N THR D 51 13.98 -1.60 18.77
CA THR D 51 15.46 -1.50 18.93
C THR D 51 16.06 -0.32 18.17
N GLY D 52 15.28 0.50 17.48
CA GLY D 52 15.79 1.66 16.74
C GLY D 52 14.99 1.95 15.49
N PHE D 53 15.66 1.98 14.35
CA PHE D 53 15.01 2.24 13.04
C PHE D 53 15.28 1.05 12.11
N GLY D 54 14.20 0.51 11.57
CA GLY D 54 14.22 -0.60 10.62
C GLY D 54 14.54 -0.14 9.22
N TRP D 55 14.54 -1.11 8.32
CA TRP D 55 14.99 -0.99 6.91
C TRP D 55 13.74 -0.93 6.04
N LEU D 56 13.39 0.25 5.52
CA LEU D 56 12.16 0.43 4.72
C LEU D 56 12.36 -0.13 3.30
N GLY D 57 11.33 -0.85 2.82
CA GLY D 57 11.26 -1.37 1.45
C GLY D 57 10.62 -0.39 0.49
N ASN D 58 10.38 -0.85 -0.74
CA ASN D 58 9.93 0.00 -1.87
C ASN D 58 8.51 0.52 -1.66
N LYS D 59 7.75 0.00 -0.69
CA LYS D 59 6.38 0.50 -0.41
C LYS D 59 6.34 1.13 0.98
N GLY D 60 7.51 1.37 1.59
CA GLY D 60 7.58 2.05 2.90
C GLY D 60 7.20 1.16 4.07
N GLN D 61 7.24 -0.16 3.83
CA GLN D 61 7.02 -1.21 4.84
C GLN D 61 8.38 -1.58 5.44
N ILE D 62 8.41 -1.99 6.71
CA ILE D 62 9.65 -2.52 7.34
C ILE D 62 9.98 -3.87 6.71
N LYS D 63 11.21 -4.08 6.25
CA LYS D 63 11.78 -5.39 5.89
C LYS D 63 12.42 -5.97 7.16
N GLU D 64 11.61 -6.68 7.97
CA GLU D 64 11.97 -7.12 9.35
C GLU D 64 13.22 -8.03 9.29
N GLU D 65 13.40 -8.77 8.19
CA GLU D 65 14.57 -9.70 8.04
C GLU D 65 15.88 -8.91 8.06
N MET D 66 15.90 -7.62 7.75
CA MET D 66 17.15 -6.82 7.71
C MET D 66 17.60 -6.39 9.12
N GLY D 67 16.67 -6.44 10.10
CA GLY D 67 16.96 -6.05 11.49
C GLY D 67 17.23 -4.56 11.62
N THR D 68 17.90 -4.17 12.72
CA THR D 68 18.19 -2.77 13.10
C THR D 68 19.68 -2.48 12.90
N HIS D 69 20.02 -1.71 11.87
CA HIS D 69 21.40 -1.31 11.53
C HIS D 69 21.76 -0.02 12.29
N LEU D 70 23.01 0.04 12.77
CA LEU D 70 23.56 1.22 13.47
C LEU D 70 23.47 2.43 12.53
N TRP D 71 23.96 2.28 11.29
CA TRP D 71 24.06 3.40 10.33
C TRP D 71 22.65 3.97 10.07
N ILE D 72 21.64 3.13 9.91
CA ILE D 72 20.26 3.59 9.62
C ILE D 72 19.70 4.28 10.87
N THR D 73 19.94 3.72 12.06
CA THR D 73 19.38 4.25 13.33
C THR D 73 20.01 5.63 13.57
N ALA D 74 21.33 5.75 13.41
CA ALA D 74 22.07 7.01 13.65
C ALA D 74 21.63 8.07 12.64
N ARG D 75 21.42 7.68 11.38
CA ARG D 75 20.98 8.62 10.31
C ARG D 75 19.58 9.13 10.62
N MET D 76 18.66 8.26 11.04
CA MET D 76 17.27 8.68 11.37
C MET D 76 17.28 9.61 12.60
N LEU D 77 18.18 9.38 13.56
CA LEU D 77 18.33 10.30 14.73
C LEU D 77 18.65 11.72 14.21
N HIS D 78 19.61 11.80 13.30
CA HIS D 78 20.01 13.04 12.61
C HIS D 78 18.82 13.67 11.87
N VAL D 79 18.12 12.87 11.06
CA VAL D 79 17.02 13.37 10.18
C VAL D 79 15.93 13.99 11.06
N TYR D 80 15.50 13.32 12.13
CA TYR D 80 14.37 13.78 12.95
C TYR D 80 14.82 14.88 13.91
N SER D 81 16.12 15.05 14.14
CA SER D 81 16.64 16.27 14.80
C SER D 81 16.32 17.49 13.93
N VAL D 82 16.62 17.41 12.63
CA VAL D 82 16.32 18.50 11.66
C VAL D 82 14.81 18.74 11.62
N ALA D 83 14.00 17.68 11.49
CA ALA D 83 12.54 17.79 11.41
C ALA D 83 12.01 18.47 12.67
N ALA D 84 12.56 18.13 13.84
CA ALA D 84 12.12 18.68 15.14
C ALA D 84 12.42 20.19 15.16
N SER D 85 13.59 20.61 14.71
CA SER D 85 13.97 22.04 14.63
C SER D 85 13.09 22.72 13.60
N MET D 86 12.52 21.99 12.64
CA MET D 86 11.64 22.59 11.59
C MET D 86 10.22 22.74 12.14
N GLY D 87 9.98 22.34 13.38
CA GLY D 87 8.67 22.51 14.03
C GLY D 87 7.64 21.46 13.61
N ARG D 88 8.09 20.25 13.25
CA ARG D 88 7.17 19.12 12.87
C ARG D 88 6.80 18.33 14.12
N PRO D 89 5.50 18.31 14.49
CA PRO D 89 5.03 17.46 15.58
C PRO D 89 5.41 15.99 15.31
N GLY D 90 5.80 15.26 16.34
CA GLY D 90 6.17 13.83 16.26
C GLY D 90 7.68 13.64 16.09
N ALA D 91 8.38 14.58 15.47
CA ALA D 91 9.83 14.46 15.16
C ALA D 91 10.66 14.28 16.45
N TYR D 92 10.36 15.05 17.49
CA TYR D 92 11.12 15.04 18.77
C TYR D 92 10.98 13.66 19.43
N ASP D 93 9.80 13.06 19.32
CA ASP D 93 9.55 11.67 19.80
C ASP D 93 10.49 10.70 19.09
N LEU D 94 10.71 10.89 17.79
CA LEU D 94 11.65 10.04 17.02
C LEU D 94 13.09 10.30 17.48
N VAL D 95 13.44 11.54 17.83
CA VAL D 95 14.78 11.88 18.38
C VAL D 95 14.95 11.11 19.70
N ASP D 96 13.97 11.22 20.59
CA ASP D 96 13.94 10.51 21.88
C ASP D 96 14.08 9.00 21.61
N HIS D 97 13.31 8.45 20.68
CA HIS D 97 13.40 7.00 20.33
C HIS D 97 14.83 6.68 19.86
N GLY D 98 15.41 7.53 19.01
CA GLY D 98 16.78 7.34 18.49
C GLY D 98 17.81 7.30 19.61
N ILE D 99 17.74 8.24 20.54
CA ILE D 99 18.69 8.33 21.68
C ILE D 99 18.53 7.08 22.55
N LYS D 100 17.29 6.66 22.84
CA LYS D 100 17.07 5.42 23.63
C LYS D 100 17.69 4.20 22.93
N ALA D 101 17.54 4.10 21.62
CA ALA D 101 18.13 2.99 20.81
C ALA D 101 19.66 3.01 20.91
N MET D 102 20.28 4.20 20.89
CA MET D 102 21.76 4.34 20.97
C MET D 102 22.24 4.03 22.40
N ASN D 103 21.36 4.07 23.39
CA ASN D 103 21.69 3.74 24.81
C ASN D 103 21.22 2.32 25.15
N GLY D 104 20.53 1.62 24.22
CA GLY D 104 19.92 0.30 24.45
C GLY D 104 20.60 -0.82 23.68
N ALA D 105 19.84 -1.63 22.96
CA ALA D 105 20.29 -2.94 22.44
C ALA D 105 21.46 -2.77 21.45
N LEU D 106 21.55 -1.67 20.69
CA LEU D 106 22.70 -1.42 19.77
C LEU D 106 24.00 -1.24 20.57
N ARG D 107 23.91 -0.78 21.82
CA ARG D 107 25.12 -0.39 22.59
C ARG D 107 25.75 -1.65 23.18
N ASP D 108 27.05 -1.86 22.93
CA ASP D 108 27.84 -2.98 23.49
C ASP D 108 28.18 -2.62 24.96
N LYS D 109 27.51 -3.25 25.92
CA LYS D 109 27.69 -2.93 27.37
C LYS D 109 29.04 -3.47 27.87
N LYS D 110 29.61 -4.51 27.22
CA LYS D 110 30.87 -5.17 27.64
C LYS D 110 32.07 -4.39 27.08
N TYR D 111 32.13 -4.15 25.77
CA TYR D 111 33.34 -3.56 25.12
C TYR D 111 33.16 -2.09 24.73
N GLY D 112 31.92 -1.56 24.75
CA GLY D 112 31.66 -0.15 24.36
C GLY D 112 31.43 -0.01 22.86
N GLY D 113 31.04 1.18 22.43
CA GLY D 113 30.58 1.43 21.05
C GLY D 113 29.33 0.65 20.76
N TRP D 114 29.09 0.39 19.47
CA TRP D 114 27.79 -0.14 19.00
C TRP D 114 28.02 -1.27 18.01
N TYR D 115 27.24 -2.33 18.18
CA TYR D 115 27.10 -3.43 17.21
C TYR D 115 26.59 -2.84 15.90
N ALA D 116 27.01 -3.40 14.76
CA ALA D 116 26.60 -2.97 13.41
C ALA D 116 25.11 -3.27 13.20
N CYS D 117 24.58 -4.35 13.77
CA CYS D 117 23.19 -4.79 13.51
C CYS D 117 22.69 -5.64 14.69
N VAL D 118 21.47 -5.34 15.15
CA VAL D 118 20.75 -6.10 16.21
C VAL D 118 19.30 -6.29 15.76
N ASN D 119 18.57 -7.12 16.48
CA ASN D 119 17.10 -7.26 16.36
C ASN D 119 16.58 -7.53 17.77
N ASP D 120 15.28 -7.82 17.89
CA ASP D 120 14.58 -7.97 19.20
C ASP D 120 15.18 -9.14 20.00
N GLN D 121 15.82 -10.11 19.33
CA GLN D 121 16.33 -11.37 19.97
C GLN D 121 17.77 -11.15 20.45
N GLY D 122 18.57 -10.32 19.76
CA GLY D 122 19.97 -10.05 20.15
C GLY D 122 20.79 -9.52 18.99
N VAL D 123 22.09 -9.78 19.02
CA VAL D 123 23.09 -9.22 18.08
C VAL D 123 23.09 -10.05 16.78
N VAL D 124 23.07 -9.39 15.62
CA VAL D 124 23.17 -10.07 14.30
C VAL D 124 24.57 -9.82 13.72
N ASP D 125 25.15 -8.63 13.86
CA ASP D 125 26.54 -8.32 13.40
C ASP D 125 27.21 -7.55 14.52
N ALA D 126 28.19 -8.17 15.19
CA ALA D 126 28.83 -7.66 16.43
C ALA D 126 30.03 -6.78 16.08
N SER D 127 30.39 -6.68 14.80
CA SER D 127 31.59 -5.91 14.36
C SER D 127 31.39 -4.41 14.66
N LYS D 128 32.53 -3.71 14.81
CA LYS D 128 32.61 -2.28 15.18
C LYS D 128 33.09 -1.52 13.94
N GLN D 129 32.14 -1.01 13.14
CA GLN D 129 32.41 -0.40 11.82
C GLN D 129 32.57 1.12 11.99
N GLY D 130 33.75 1.62 11.63
CA GLY D 130 34.11 3.04 11.70
C GLY D 130 33.10 3.91 10.98
N TYR D 131 32.74 3.54 9.76
CA TYR D 131 31.82 4.41 8.96
C TYR D 131 30.52 4.54 9.76
N GLN D 132 30.02 3.48 10.39
CA GLN D 132 28.76 3.52 11.17
C GLN D 132 28.93 4.28 12.48
N HIS D 133 30.11 4.22 13.10
CA HIS D 133 30.39 4.95 14.37
C HIS D 133 30.42 6.48 14.11
N PHE D 134 30.94 6.91 12.97
CA PHE D 134 30.96 8.34 12.58
C PHE D 134 29.51 8.83 12.34
N PHE D 135 28.60 7.98 11.87
CA PHE D 135 27.17 8.30 11.77
C PHE D 135 26.59 8.40 13.18
N ALA D 136 27.04 7.56 14.11
CA ALA D 136 26.61 7.66 15.53
C ALA D 136 27.01 9.06 16.05
N LEU D 137 28.22 9.50 15.73
CA LEU D 137 28.73 10.83 16.18
C LEU D 137 27.88 11.94 15.55
N LEU D 138 27.59 11.87 14.25
CA LEU D 138 26.75 12.86 13.55
C LEU D 138 25.37 12.90 14.22
N GLY D 139 24.76 11.75 14.39
CA GLY D 139 23.42 11.64 15.00
C GLY D 139 23.37 12.25 16.38
N ALA D 140 24.36 11.98 17.23
CA ALA D 140 24.43 12.53 18.60
C ALA D 140 24.60 14.05 18.51
N ALA D 141 25.48 14.54 17.63
CA ALA D 141 25.75 16.00 17.51
C ALA D 141 24.50 16.73 17.01
N SER D 142 23.80 16.17 16.00
CA SER D 142 22.54 16.76 15.48
C SER D 142 21.49 16.75 16.60
N ALA D 143 21.39 15.67 17.36
CA ALA D 143 20.41 15.53 18.46
C ALA D 143 20.65 16.61 19.53
N VAL D 144 21.91 16.97 19.78
CA VAL D 144 22.27 18.05 20.74
C VAL D 144 21.54 19.34 20.35
N THR D 145 21.37 19.65 19.06
CA THR D 145 20.75 20.92 18.61
C THR D 145 19.28 21.01 19.03
N THR D 146 18.64 19.88 19.36
CA THR D 146 17.23 19.84 19.82
C THR D 146 17.15 20.15 21.31
N GLY D 147 18.26 20.05 22.04
CA GLY D 147 18.24 20.24 23.50
C GLY D 147 17.63 19.04 24.23
N HIS D 148 17.38 17.92 23.56
CA HIS D 148 16.95 16.69 24.27
C HIS D 148 17.90 16.48 25.46
N PRO D 149 17.37 16.29 26.70
CA PRO D 149 18.22 16.23 27.89
C PRO D 149 19.25 15.09 27.95
N GLU D 150 19.12 14.05 27.13
CA GLU D 150 20.09 12.91 27.06
C GLU D 150 21.05 13.07 25.87
N ALA D 151 20.89 14.11 25.03
CA ALA D 151 21.68 14.22 23.78
C ALA D 151 23.16 14.49 24.10
N ARG D 152 23.44 15.46 24.98
CA ARG D 152 24.82 15.88 25.33
C ARG D 152 25.57 14.66 25.94
N LYS D 153 24.94 13.90 26.82
CA LYS D 153 25.53 12.69 27.45
C LYS D 153 25.84 11.68 26.33
N LEU D 154 24.94 11.50 25.36
CA LEU D 154 25.20 10.56 24.24
C LEU D 154 26.39 11.07 23.41
N LEU D 155 26.44 12.37 23.11
CA LEU D 155 27.58 12.93 22.35
C LEU D 155 28.89 12.70 23.13
N ASP D 156 28.92 12.95 24.44
CA ASP D 156 30.15 12.82 25.27
C ASP D 156 30.62 11.36 25.21
N TYR D 157 29.70 10.40 25.34
CA TYR D 157 30.05 8.97 25.26
C TYR D 157 30.61 8.66 23.86
N THR D 158 29.94 9.12 22.81
CA THR D 158 30.32 8.82 21.42
C THR D 158 31.72 9.35 21.17
N ILE D 159 32.00 10.57 21.63
CA ILE D 159 33.34 11.21 21.50
C ILE D 159 34.38 10.28 22.14
N GLU D 160 34.14 9.76 23.34
CA GLU D 160 35.11 8.87 24.04
C GLU D 160 35.41 7.64 23.16
N VAL D 161 34.38 7.04 22.57
CA VAL D 161 34.53 5.82 21.72
C VAL D 161 35.33 6.20 20.47
N ILE D 162 34.95 7.31 19.82
CA ILE D 162 35.66 7.77 18.59
C ILE D 162 37.14 7.98 18.92
N GLU D 163 37.44 8.68 20.02
CA GLU D 163 38.85 9.07 20.35
C GLU D 163 39.65 7.84 20.82
N LYS D 164 39.00 6.85 21.41
CA LYS D 164 39.65 5.59 21.87
C LYS D 164 39.99 4.75 20.62
N TYR D 165 39.08 4.57 19.66
CA TYR D 165 39.19 3.47 18.67
C TYR D 165 39.17 3.92 17.20
N PHE D 166 38.67 5.11 16.84
CA PHE D 166 38.43 5.42 15.41
C PHE D 166 39.25 6.60 14.92
N TRP D 167 39.52 7.60 15.74
CA TRP D 167 40.51 8.65 15.42
C TRP D 167 41.87 8.20 15.98
N SER D 168 42.87 8.09 15.12
CA SER D 168 44.25 7.68 15.49
C SER D 168 45.10 8.94 15.63
N GLU D 169 45.60 9.21 16.84
CA GLU D 169 46.55 10.32 17.11
C GLU D 169 47.86 10.02 16.36
N GLU D 170 48.26 8.75 16.24
CA GLU D 170 49.51 8.32 15.56
C GLU D 170 49.42 8.67 14.05
N GLU D 171 48.34 8.28 13.37
CA GLU D 171 48.18 8.49 11.90
C GLU D 171 47.59 9.88 11.62
N GLN D 172 46.91 10.50 12.58
CA GLN D 172 46.14 11.75 12.37
C GLN D 172 45.16 11.51 11.20
N MET D 173 44.46 10.38 11.26
CA MET D 173 43.45 9.92 10.28
C MET D 173 42.53 8.96 11.04
N CYS D 174 41.44 8.52 10.41
CA CYS D 174 40.47 7.58 11.02
C CYS D 174 40.77 6.15 10.61
N LEU D 175 40.63 5.24 11.57
CA LEU D 175 40.69 3.77 11.33
C LEU D 175 39.38 3.36 10.67
N GLU D 176 39.30 2.11 10.23
CA GLU D 176 38.16 1.58 9.43
C GLU D 176 37.22 0.76 10.32
N SER D 177 37.71 -0.32 10.95
CA SER D 177 36.84 -1.24 11.70
C SER D 177 37.65 -2.10 12.67
N TRP D 178 36.92 -2.67 13.62
CA TRP D 178 37.45 -3.60 14.64
C TRP D 178 36.48 -4.77 14.76
N ASP D 179 36.98 -5.89 15.31
CA ASP D 179 36.15 -6.98 15.87
C ASP D 179 35.34 -6.44 17.05
N GLU D 180 34.33 -7.19 17.48
CA GLU D 180 33.45 -6.87 18.65
C GLU D 180 34.30 -6.35 19.82
N ALA D 181 35.39 -7.05 20.17
CA ALA D 181 36.13 -6.86 21.44
C ALA D 181 37.18 -5.74 21.31
N PHE D 182 37.27 -5.06 20.16
CA PHE D 182 38.31 -4.04 19.90
C PHE D 182 39.71 -4.62 20.18
N SER D 183 39.97 -5.86 19.75
CA SER D 183 41.29 -6.54 19.90
C SER D 183 42.16 -6.36 18.64
N GLN D 184 41.58 -6.37 17.44
CA GLN D 184 42.33 -6.23 16.15
C GLN D 184 41.59 -5.26 15.23
N THR D 185 42.30 -4.24 14.71
CA THR D 185 41.76 -3.31 13.69
C THR D 185 42.04 -3.88 12.30
N GLU D 186 41.15 -3.62 11.34
CA GLU D 186 41.25 -4.08 9.93
C GLU D 186 42.53 -3.50 9.29
N ASP D 187 43.21 -4.32 8.50
CA ASP D 187 44.42 -3.95 7.71
C ASP D 187 43.93 -3.27 6.42
N TYR D 188 43.34 -2.08 6.57
CA TYR D 188 42.67 -1.31 5.50
C TYR D 188 42.38 0.09 6.05
N ARG D 189 42.52 1.10 5.19
CA ARG D 189 42.08 2.49 5.49
C ARG D 189 41.23 2.95 4.32
N GLY D 190 40.11 3.61 4.62
CA GLY D 190 39.03 3.92 3.67
C GLY D 190 38.75 5.41 3.56
N GLY D 191 38.57 5.89 2.33
CA GLY D 191 38.07 7.25 2.09
C GLY D 191 36.67 7.45 2.68
N ASN D 192 35.81 6.42 2.63
CA ASN D 192 34.38 6.53 2.95
C ASN D 192 34.22 6.83 4.45
N ALA D 193 34.86 6.03 5.31
CA ALA D 193 34.82 6.23 6.76
C ALA D 193 35.38 7.63 7.09
N ASN D 194 36.49 7.99 6.45
CA ASN D 194 37.17 9.28 6.73
C ASN D 194 36.31 10.45 6.23
N MET D 195 35.54 10.25 5.15
CA MET D 195 34.68 11.31 4.61
C MET D 195 33.53 11.57 5.60
N HIS D 196 32.90 10.53 6.13
CA HIS D 196 31.78 10.65 7.09
C HIS D 196 32.31 11.11 8.46
N ALA D 197 33.58 10.87 8.76
CA ALA D 197 34.26 11.49 9.93
C ALA D 197 34.26 13.02 9.78
N VAL D 198 34.66 13.52 8.60
CA VAL D 198 34.70 14.98 8.32
C VAL D 198 33.28 15.55 8.53
N GLU D 199 32.27 14.86 8.00
CA GLU D 199 30.86 15.28 8.05
C GLU D 199 30.44 15.40 9.53
N ALA D 200 30.73 14.38 10.34
CA ALA D 200 30.36 14.36 11.78
C ALA D 200 31.15 15.43 12.56
N PHE D 201 32.44 15.56 12.29
CA PHE D 201 33.36 16.49 13.00
C PHE D 201 32.87 17.92 12.83
N LEU D 202 32.38 18.28 11.64
CA LEU D 202 31.84 19.63 11.35
C LEU D 202 30.72 19.95 12.36
N ILE D 203 29.84 19.00 12.61
CA ILE D 203 28.65 19.23 13.49
C ILE D 203 29.09 19.17 14.95
N VAL D 204 30.05 18.30 15.29
CA VAL D 204 30.63 18.25 16.66
C VAL D 204 31.27 19.62 16.97
N TYR D 205 31.99 20.17 16.00
CA TYR D 205 32.55 21.53 16.11
C TYR D 205 31.43 22.53 16.38
N ASP D 206 30.33 22.45 15.64
CA ASP D 206 29.21 23.41 15.76
C ASP D 206 28.56 23.33 17.15
N VAL D 207 28.62 22.17 17.83
CA VAL D 207 27.95 22.04 19.16
C VAL D 207 28.98 21.97 20.30
N THR D 208 30.26 22.23 20.04
CA THR D 208 31.30 22.32 21.10
C THR D 208 32.12 23.62 20.98
N HIS D 209 32.27 24.17 19.77
CA HIS D 209 33.25 25.20 19.36
C HIS D 209 34.61 24.85 19.95
N ASP D 210 34.93 23.57 19.96
CA ASP D 210 36.31 23.08 20.18
C ASP D 210 36.93 22.88 18.79
N LYS D 211 37.87 23.77 18.45
CA LYS D 211 38.63 23.85 17.18
C LYS D 211 39.24 22.50 16.80
N LYS D 212 39.58 21.60 17.73
CA LYS D 212 40.27 20.34 17.34
C LYS D 212 39.43 19.55 16.31
N TRP D 213 38.10 19.63 16.38
CA TRP D 213 37.22 18.85 15.47
C TRP D 213 37.40 19.37 14.03
N LEU D 214 37.56 20.67 13.86
CA LEU D 214 37.73 21.31 12.55
C LEU D 214 39.17 21.08 12.07
N ASP D 215 40.15 21.11 12.97
CA ASP D 215 41.57 20.78 12.67
C ASP D 215 41.65 19.35 12.13
N ARG D 216 40.98 18.39 12.79
CA ARG D 216 40.95 16.99 12.32
C ARG D 216 40.30 16.89 10.93
N ALA D 217 39.17 17.57 10.72
CA ALA D 217 38.46 17.60 9.41
C ALA D 217 39.41 18.12 8.32
N LEU D 218 40.09 19.24 8.55
CA LEU D 218 41.03 19.87 7.57
C LEU D 218 42.16 18.88 7.25
N ARG D 219 42.71 18.23 8.28
CA ARG D 219 43.80 17.24 8.14
C ARG D 219 43.33 16.06 7.26
N ILE D 220 42.17 15.49 7.54
CA ILE D 220 41.64 14.34 6.76
C ILE D 220 41.57 14.76 5.28
N ALA D 221 40.98 15.92 5.01
CA ALA D 221 40.78 16.42 3.63
C ALA D 221 42.15 16.64 2.98
N SER D 222 43.15 17.13 3.72
CA SER D 222 44.49 17.45 3.18
C SER D 222 45.12 16.17 2.62
N VAL D 223 44.88 15.04 3.27
CA VAL D 223 45.51 13.74 2.91
C VAL D 223 44.77 13.11 1.72
N ILE D 224 43.46 12.94 1.84
CA ILE D 224 42.67 12.15 0.83
C ILE D 224 42.45 12.98 -0.45
N ILE D 225 42.24 14.30 -0.31
CA ILE D 225 41.89 15.16 -1.46
C ILE D 225 43.12 15.95 -1.91
N HIS D 226 43.68 16.81 -1.05
CA HIS D 226 44.73 17.77 -1.50
C HIS D 226 46.00 17.04 -1.94
N ASP D 227 46.39 15.96 -1.26
CA ASP D 227 47.54 15.12 -1.67
C ASP D 227 47.10 14.18 -2.82
N VAL D 228 46.36 13.12 -2.51
CA VAL D 228 46.16 11.98 -3.46
C VAL D 228 45.21 12.37 -4.61
N ALA D 229 43.97 12.79 -4.32
CA ALA D 229 42.95 13.06 -5.38
C ALA D 229 43.47 14.10 -6.39
N ARG D 230 43.98 15.25 -5.89
CA ARG D 230 44.43 16.37 -6.74
C ARG D 230 45.49 15.90 -7.73
N ASN D 231 46.42 15.05 -7.28
CA ASN D 231 47.56 14.57 -8.11
C ASN D 231 47.07 13.56 -9.17
N GLY D 232 45.85 12.99 -9.05
CA GLY D 232 45.27 12.06 -10.03
C GLY D 232 44.06 12.61 -10.79
N ASP D 233 44.09 13.89 -11.17
CA ASP D 233 43.02 14.57 -11.95
C ASP D 233 41.70 14.52 -11.17
N TYR D 234 41.80 14.55 -9.83
CA TYR D 234 40.66 14.67 -8.89
C TYR D 234 39.82 13.40 -8.94
N ARG D 235 40.42 12.27 -9.38
CA ARG D 235 39.82 10.93 -9.22
C ARG D 235 40.19 10.45 -7.82
N VAL D 236 39.26 10.48 -6.87
CA VAL D 236 39.59 10.19 -5.46
C VAL D 236 39.92 8.71 -5.32
N ASN D 237 41.09 8.42 -4.78
CA ASN D 237 41.46 7.06 -4.30
C ASN D 237 40.81 6.80 -2.93
N GLU D 238 40.05 5.71 -2.79
CA GLU D 238 39.26 5.32 -1.59
C GLU D 238 39.96 4.22 -0.78
N HIS D 239 40.73 3.32 -1.43
CA HIS D 239 41.28 2.10 -0.79
C HIS D 239 42.76 2.30 -0.50
N PHE D 240 43.14 2.18 0.77
CA PHE D 240 44.54 2.34 1.24
C PHE D 240 44.89 1.15 2.15
N ASP D 241 46.18 0.87 2.26
CA ASP D 241 46.75 -0.07 3.26
C ASP D 241 46.95 0.70 4.57
N SER D 242 47.50 0.03 5.59
CA SER D 242 47.63 0.58 6.97
C SER D 242 48.66 1.71 7.01
N GLN D 243 49.48 1.87 5.97
CA GLN D 243 50.52 2.94 5.89
C GLN D 243 49.98 4.07 4.99
N TRP D 244 48.70 4.04 4.63
CA TRP D 244 48.04 5.11 3.82
C TRP D 244 48.66 5.20 2.42
N ASN D 245 49.13 4.09 1.86
CA ASN D 245 49.47 3.95 0.42
C ASN D 245 48.24 3.43 -0.31
N PRO D 246 47.89 4.03 -1.46
CA PRO D 246 46.79 3.53 -2.28
C PRO D 246 46.95 2.06 -2.65
N ILE D 247 45.86 1.30 -2.60
CA ILE D 247 45.69 -0.03 -3.25
C ILE D 247 44.79 0.16 -4.48
N ARG D 248 45.38 0.48 -5.63
CA ARG D 248 44.64 0.80 -6.88
C ARG D 248 43.76 -0.37 -7.31
N ASP D 249 44.20 -1.61 -7.06
CA ASP D 249 43.57 -2.86 -7.60
C ASP D 249 42.51 -3.38 -6.63
N TYR D 250 42.24 -2.70 -5.50
CA TYR D 250 41.38 -3.23 -4.43
C TYR D 250 39.98 -3.54 -4.99
N ASN D 251 39.48 -4.73 -4.64
CA ASN D 251 38.16 -5.30 -5.03
C ASN D 251 38.04 -5.42 -6.56
N LYS D 252 39.13 -5.66 -7.28
CA LYS D 252 39.12 -6.35 -8.61
C LYS D 252 38.31 -7.65 -8.46
N PHE D 259 29.79 -0.25 -0.53
CA PHE D 259 30.63 0.75 0.20
C PHE D 259 32.09 0.75 -0.31
N ARG D 260 32.61 -0.33 -0.94
CA ARG D 260 34.04 -0.41 -1.38
C ARG D 260 34.20 -0.84 -2.86
N ALA D 261 33.51 -0.18 -3.79
CA ALA D 261 33.59 -0.46 -5.24
C ALA D 261 35.05 -0.35 -5.72
N TYR D 262 35.43 -1.19 -6.68
CA TYR D 262 36.71 -1.08 -7.42
C TYR D 262 36.80 0.33 -8.04
N GLY D 263 37.98 0.91 -8.02
CA GLY D 263 38.29 2.18 -8.70
C GLY D 263 37.69 3.38 -7.97
N GLY D 264 37.12 4.32 -8.72
CA GLY D 264 36.58 5.60 -8.20
C GLY D 264 35.07 5.57 -8.06
N THR D 265 34.53 6.17 -7.00
CA THR D 265 33.08 6.41 -6.79
C THR D 265 32.83 7.92 -6.94
N PRO D 266 32.49 8.41 -8.14
CA PRO D 266 32.33 9.85 -8.38
C PRO D 266 31.34 10.56 -7.45
N GLY D 267 30.28 9.89 -7.02
CA GLY D 267 29.38 10.43 -5.98
C GLY D 267 30.19 10.90 -4.77
N ALA D 268 31.19 10.12 -4.34
CA ALA D 268 32.02 10.45 -3.17
C ALA D 268 32.89 11.68 -3.50
N TRP D 269 33.37 11.81 -4.74
CA TRP D 269 34.23 12.95 -5.13
C TRP D 269 33.45 14.25 -4.87
N ILE D 270 32.23 14.33 -5.38
CA ILE D 270 31.45 15.59 -5.34
C ILE D 270 30.98 15.86 -3.89
N GLU D 271 30.74 14.82 -3.10
CA GLU D 271 30.40 14.92 -1.64
C GLU D 271 31.57 15.54 -0.90
N TRP D 272 32.79 15.06 -1.14
CA TRP D 272 34.03 15.61 -0.54
C TRP D 272 34.07 17.11 -0.79
N GLY D 273 33.70 17.53 -2.01
CA GLY D 273 33.67 18.94 -2.42
C GLY D 273 32.81 19.78 -1.48
N ARG D 274 31.57 19.34 -1.25
CA ARG D 274 30.63 20.09 -0.39
C ARG D 274 31.23 20.17 1.02
N LEU D 275 31.75 19.06 1.54
CA LEU D 275 32.22 19.00 2.93
C LEU D 275 33.37 20.00 3.11
N MET D 276 34.23 20.13 2.10
CA MET D 276 35.38 21.06 2.17
C MET D 276 34.87 22.51 2.14
N LEU D 277 33.72 22.77 1.48
CA LEU D 277 33.10 24.11 1.47
C LEU D 277 32.41 24.39 2.82
N HIS D 278 31.84 23.40 3.50
CA HIS D 278 31.38 23.57 4.91
C HIS D 278 32.57 23.95 5.81
N LEU D 279 33.74 23.33 5.61
CA LEU D 279 34.98 23.60 6.35
C LEU D 279 35.42 25.05 6.09
N HIS D 280 35.48 25.44 4.82
CA HIS D 280 35.78 26.82 4.36
C HIS D 280 34.86 27.80 5.09
N ALA D 281 33.57 27.53 5.10
CA ALA D 281 32.56 28.45 5.65
C ALA D 281 32.73 28.55 7.18
N ALA D 282 33.08 27.45 7.84
CA ALA D 282 33.29 27.44 9.30
C ALA D 282 34.47 28.36 9.66
N LEU D 283 35.52 28.32 8.87
CA LEU D 283 36.70 29.19 9.07
C LEU D 283 36.32 30.65 8.82
N GLU D 284 35.62 30.97 7.72
CA GLU D 284 35.16 32.35 7.44
C GLU D 284 34.24 32.84 8.58
N ALA D 285 33.39 31.99 9.14
CA ALA D 285 32.44 32.43 10.20
C ALA D 285 33.20 32.92 11.44
N ARG D 286 34.43 32.48 11.68
CA ARG D 286 35.22 32.97 12.84
C ARG D 286 36.36 33.90 12.36
N PHE D 287 36.19 34.52 11.19
CA PHE D 287 37.04 35.61 10.66
C PHE D 287 38.44 35.09 10.38
N GLU D 288 38.52 33.85 9.95
CA GLU D 288 39.80 33.17 9.64
C GLU D 288 39.82 32.88 8.14
N THR D 289 40.89 33.29 7.47
CA THR D 289 41.09 33.06 6.01
C THR D 289 41.22 31.56 5.81
N PRO D 290 40.29 30.94 5.06
CA PRO D 290 40.40 29.51 4.78
C PRO D 290 41.55 29.30 3.78
N PRO D 291 42.30 28.19 3.89
CA PRO D 291 43.28 27.87 2.86
C PRO D 291 42.60 27.79 1.48
N ALA D 292 43.27 28.28 0.44
CA ALA D 292 42.72 28.44 -0.93
C ALA D 292 42.36 27.08 -1.53
N TRP D 293 43.02 26.00 -1.11
CA TRP D 293 42.84 24.65 -1.70
C TRP D 293 41.47 24.06 -1.39
N LEU D 294 40.77 24.49 -0.33
CA LEU D 294 39.41 23.97 -0.04
C LEU D 294 38.50 24.27 -1.24
N LEU D 295 38.42 25.54 -1.65
CA LEU D 295 37.60 25.96 -2.81
C LEU D 295 38.21 25.43 -4.12
N GLU D 296 39.53 25.51 -4.34
CA GLU D 296 40.16 25.06 -5.61
C GLU D 296 39.85 23.56 -5.79
N ASP D 297 40.01 22.74 -4.74
CA ASP D 297 39.85 21.28 -4.85
C ASP D 297 38.36 20.92 -4.99
N ALA D 298 37.46 21.67 -4.33
CA ALA D 298 36.00 21.43 -4.46
C ALA D 298 35.61 21.64 -5.92
N LYS D 299 36.09 22.70 -6.53
CA LYS D 299 35.87 22.95 -7.98
C LYS D 299 36.46 21.80 -8.80
N GLY D 300 37.69 21.36 -8.51
CA GLY D 300 38.33 20.26 -9.26
C GLY D 300 37.51 18.98 -9.18
N LEU D 301 37.03 18.65 -7.97
CA LEU D 301 36.23 17.41 -7.72
C LEU D 301 34.91 17.53 -8.48
N PHE D 302 34.27 18.70 -8.46
CA PHE D 302 32.95 18.88 -9.11
C PHE D 302 33.12 18.64 -10.60
N HIS D 303 34.10 19.27 -11.22
CA HIS D 303 34.34 19.19 -12.69
C HIS D 303 34.83 17.79 -13.10
N ALA D 304 35.59 17.09 -12.27
CA ALA D 304 36.03 15.70 -12.53
C ALA D 304 34.81 14.77 -12.49
N THR D 305 33.91 14.98 -11.54
CA THR D 305 32.67 14.18 -11.38
C THR D 305 31.85 14.33 -12.65
N ILE D 306 31.66 15.55 -13.17
CA ILE D 306 30.92 15.79 -14.45
C ILE D 306 31.69 15.11 -15.60
N ARG D 307 33.01 15.35 -15.69
CA ARG D 307 33.86 14.88 -16.82
C ARG D 307 33.69 13.36 -16.98
N ASP D 308 33.83 12.60 -15.90
CA ASP D 308 33.94 11.12 -15.96
C ASP D 308 32.58 10.44 -15.80
N ALA D 309 31.63 11.02 -15.07
CA ALA D 309 30.52 10.23 -14.50
C ALA D 309 29.16 10.77 -14.92
N TRP D 310 29.06 12.00 -15.42
CA TRP D 310 27.74 12.51 -15.89
C TRP D 310 27.51 12.05 -17.34
N ALA D 311 26.42 11.32 -17.58
CA ALA D 311 26.01 10.84 -18.91
C ALA D 311 27.22 10.36 -19.70
N PRO D 312 28.03 9.42 -19.16
CA PRO D 312 29.24 8.97 -19.86
C PRO D 312 28.99 7.84 -20.86
N ASP D 313 27.74 7.36 -20.96
CA ASP D 313 27.38 6.11 -21.66
C ASP D 313 26.13 6.31 -22.50
N GLY D 314 25.81 7.53 -22.93
CA GLY D 314 24.72 7.78 -23.89
C GLY D 314 23.37 8.04 -23.23
N ALA D 315 23.30 8.14 -21.90
CA ALA D 315 22.03 8.46 -21.19
C ALA D 315 22.35 9.35 -19.99
N ASP D 316 21.39 10.14 -19.55
CA ASP D 316 21.57 11.06 -18.40
C ASP D 316 21.84 10.22 -17.13
N GLY D 317 22.46 10.86 -16.15
CA GLY D 317 22.62 10.32 -14.79
C GLY D 317 24.08 10.14 -14.45
N PHE D 318 24.35 9.94 -13.16
CA PHE D 318 25.70 9.66 -12.64
C PHE D 318 25.88 8.15 -12.49
N VAL D 319 26.91 7.60 -13.12
CA VAL D 319 27.29 6.17 -12.94
C VAL D 319 27.84 6.05 -11.51
N TYR D 320 27.91 4.82 -11.01
CA TYR D 320 28.34 4.52 -9.64
C TYR D 320 29.86 4.54 -9.53
N SER D 321 30.55 3.91 -10.46
CA SER D 321 32.02 3.76 -10.39
C SER D 321 32.66 3.91 -11.77
N VAL D 322 33.92 4.35 -11.76
CA VAL D 322 34.77 4.51 -12.97
C VAL D 322 36.14 3.91 -12.66
N ASP D 323 36.87 3.55 -13.72
CA ASP D 323 38.27 3.08 -13.64
C ASP D 323 39.19 4.31 -13.51
N TRP D 324 40.51 4.10 -13.40
CA TRP D 324 41.50 5.17 -13.20
C TRP D 324 41.69 5.96 -14.51
N ASP D 325 41.09 5.50 -15.63
CA ASP D 325 40.99 6.25 -16.90
C ASP D 325 39.66 7.03 -16.99
N GLY D 326 38.81 6.91 -15.97
CA GLY D 326 37.55 7.66 -15.86
C GLY D 326 36.40 7.03 -16.63
N LYS D 327 36.57 5.82 -17.12
CA LYS D 327 35.54 5.09 -17.92
C LYS D 327 34.69 4.31 -16.92
N PRO D 328 33.36 4.34 -17.09
CA PRO D 328 32.43 3.67 -16.20
C PRO D 328 32.74 2.17 -16.04
N ILE D 329 32.59 1.65 -14.82
CA ILE D 329 32.55 0.20 -14.50
C ILE D 329 31.12 -0.17 -14.10
N VAL D 330 30.63 0.29 -12.96
CA VAL D 330 29.23 0.01 -12.53
C VAL D 330 28.38 1.17 -13.04
N ARG D 331 27.49 0.90 -13.98
CA ARG D 331 26.77 1.94 -14.76
C ARG D 331 25.41 2.22 -14.12
N GLU D 332 25.05 1.50 -13.06
CA GLU D 332 23.77 1.78 -12.34
C GLU D 332 23.78 3.20 -11.80
N ARG D 333 22.64 3.88 -11.88
CA ARG D 333 22.40 5.21 -11.26
C ARG D 333 21.83 4.95 -9.87
N VAL D 334 22.68 4.99 -8.86
CA VAL D 334 22.25 4.94 -7.43
C VAL D 334 21.75 6.34 -7.07
N ARG D 335 20.84 6.44 -6.12
CA ARG D 335 20.18 7.72 -5.78
C ARG D 335 21.21 8.74 -5.23
N TRP D 336 22.07 8.35 -4.28
CA TRP D 336 22.83 9.33 -3.46
C TRP D 336 23.81 10.15 -4.29
N PRO D 337 24.54 9.63 -5.30
CA PRO D 337 25.48 10.48 -6.04
C PRO D 337 24.87 11.76 -6.62
N ILE D 338 23.72 11.69 -7.28
CA ILE D 338 23.12 12.91 -7.89
C ILE D 338 22.59 13.83 -6.78
N VAL D 339 22.12 13.26 -5.67
CA VAL D 339 21.64 14.08 -4.51
C VAL D 339 22.81 14.89 -3.96
N GLU D 340 23.96 14.25 -3.76
CA GLU D 340 25.19 14.92 -3.27
C GLU D 340 25.66 15.95 -4.30
N ALA D 341 25.61 15.61 -5.61
CA ALA D 341 26.00 16.56 -6.68
C ALA D 341 25.17 17.86 -6.53
N MET D 342 23.88 17.73 -6.27
CA MET D 342 22.96 18.88 -6.13
C MET D 342 23.38 19.72 -4.93
N GLY D 343 23.73 19.09 -3.80
CA GLY D 343 24.24 19.81 -2.63
C GLY D 343 25.50 20.59 -2.95
N THR D 344 26.42 19.98 -3.68
CA THR D 344 27.73 20.61 -4.00
C THR D 344 27.50 21.77 -4.96
N ALA D 345 26.60 21.60 -5.93
CA ALA D 345 26.25 22.69 -6.86
C ALA D 345 25.82 23.91 -6.04
N TYR D 346 24.95 23.72 -5.04
CA TYR D 346 24.48 24.82 -4.17
C TYR D 346 25.68 25.46 -3.44
N ALA D 347 26.55 24.65 -2.84
CA ALA D 347 27.68 25.15 -2.04
C ALA D 347 28.63 25.94 -2.95
N LEU D 348 28.90 25.44 -4.16
CA LEU D 348 29.82 26.16 -5.09
C LEU D 348 29.17 27.45 -5.55
N TYR D 349 27.87 27.44 -5.84
CA TYR D 349 27.14 28.68 -6.23
C TYR D 349 27.27 29.69 -5.11
N THR D 350 27.08 29.27 -3.85
CA THR D 350 27.06 30.15 -2.67
C THR D 350 28.43 30.86 -2.55
N LEU D 351 29.53 30.16 -2.84
CA LEU D 351 30.89 30.72 -2.67
C LEU D 351 31.43 31.36 -3.95
N THR D 352 30.92 31.06 -5.14
CA THR D 352 31.50 31.63 -6.39
C THR D 352 30.52 32.59 -7.07
N ASP D 353 29.21 32.47 -6.83
CA ASP D 353 28.16 33.21 -7.57
C ASP D 353 28.23 32.85 -9.07
N ASP D 354 28.84 31.73 -9.43
CA ASP D 354 28.92 31.28 -10.83
C ASP D 354 27.64 30.49 -11.19
N SER D 355 26.86 31.02 -12.12
CA SER D 355 25.50 30.50 -12.45
C SER D 355 25.58 29.12 -13.13
N GLN D 356 26.75 28.67 -13.60
CA GLN D 356 26.93 27.29 -14.14
C GLN D 356 26.51 26.30 -13.05
N TYR D 357 26.78 26.59 -11.78
CA TYR D 357 26.45 25.66 -10.66
C TYR D 357 24.93 25.58 -10.47
N GLU D 358 24.22 26.69 -10.64
CA GLU D 358 22.74 26.66 -10.55
C GLU D 358 22.17 25.90 -11.74
N GLU D 359 22.76 26.02 -12.93
CA GLU D 359 22.25 25.32 -14.13
C GLU D 359 22.32 23.81 -13.90
N TRP D 360 23.44 23.33 -13.37
CA TRP D 360 23.61 21.88 -13.03
C TRP D 360 22.55 21.48 -12.00
N TYR D 361 22.38 22.25 -10.93
CA TYR D 361 21.38 21.98 -9.88
C TYR D 361 19.99 21.80 -10.52
N GLN D 362 19.62 22.71 -11.44
CA GLN D 362 18.29 22.70 -12.10
C GLN D 362 18.13 21.46 -12.97
N LYS D 363 19.15 21.17 -13.79
CA LYS D 363 19.21 19.96 -14.65
C LYS D 363 19.06 18.69 -13.79
N TRP D 364 19.77 18.60 -12.67
CA TRP D 364 19.71 17.42 -11.77
C TRP D 364 18.33 17.34 -11.09
N TRP D 365 17.75 18.46 -10.68
CA TRP D 365 16.37 18.41 -10.15
C TRP D 365 15.41 17.84 -11.19
N ASP D 366 15.53 18.23 -12.46
CA ASP D 366 14.62 17.77 -13.53
C ASP D 366 14.80 16.26 -13.71
N TYR D 367 16.04 15.78 -13.66
CA TYR D 367 16.33 14.33 -13.76
C TYR D 367 15.68 13.62 -12.56
N CYS D 368 15.85 14.14 -11.36
CA CYS D 368 15.32 13.47 -10.13
C CYS D 368 13.80 13.31 -10.19
N ILE D 369 13.04 14.34 -10.58
CA ILE D 369 11.55 14.20 -10.58
C ILE D 369 11.17 13.21 -11.71
N LYS D 370 11.92 13.20 -12.81
CA LYS D 370 11.59 12.37 -13.99
C LYS D 370 11.84 10.87 -13.69
N TYR D 371 12.92 10.52 -12.98
CA TYR D 371 13.39 9.12 -12.86
C TYR D 371 13.43 8.60 -11.42
N LEU D 372 13.66 9.43 -10.40
CA LEU D 372 13.95 8.89 -9.03
C LEU D 372 12.75 9.07 -8.11
N MET D 373 12.03 10.17 -8.21
CA MET D 373 10.97 10.48 -7.24
C MET D 373 9.81 9.52 -7.49
N ASP D 374 9.27 8.96 -6.41
CA ASP D 374 8.19 7.93 -6.47
C ASP D 374 6.99 8.42 -5.67
N TYR D 375 6.10 9.15 -6.33
CA TYR D 375 4.83 9.66 -5.75
C TYR D 375 3.84 8.49 -5.55
N GLU D 376 3.91 7.43 -6.34
CA GLU D 376 2.96 6.27 -6.22
C GLU D 376 3.26 5.48 -4.92
N ASN D 377 4.49 5.02 -4.69
CA ASN D 377 4.81 4.12 -3.54
C ASN D 377 5.53 4.86 -2.41
N GLY D 378 6.01 6.10 -2.63
CA GLY D 378 6.59 6.95 -1.57
C GLY D 378 8.10 7.13 -1.72
N SER D 379 8.60 8.25 -1.21
CA SER D 379 10.05 8.58 -1.22
C SER D 379 10.57 8.54 -2.65
N TRP D 380 11.81 8.10 -2.81
CA TRP D 380 12.52 8.04 -4.11
C TRP D 380 13.00 6.59 -4.30
N TRP D 381 13.13 6.17 -5.53
CA TRP D 381 13.86 4.91 -5.88
C TRP D 381 15.30 5.01 -5.38
N GLN D 382 15.88 3.87 -5.01
CA GLN D 382 17.27 3.78 -4.55
C GLN D 382 18.21 3.61 -5.74
N GLU D 383 17.74 3.00 -6.82
CA GLU D 383 18.66 2.49 -7.88
C GLU D 383 17.93 2.38 -9.22
N LEU D 384 18.57 2.87 -10.29
CA LEU D 384 18.11 2.70 -11.68
C LEU D 384 19.21 1.97 -12.48
N ASP D 385 18.81 1.37 -13.60
CA ASP D 385 19.76 0.78 -14.59
C ASP D 385 20.35 1.91 -15.44
N ALA D 386 21.23 1.56 -16.38
CA ALA D 386 21.95 2.46 -17.29
C ALA D 386 21.00 3.23 -18.20
N ASP D 387 19.73 2.84 -18.28
CA ASP D 387 18.70 3.57 -19.07
C ASP D 387 17.73 4.31 -18.14
N ASN D 388 18.07 4.42 -16.85
CA ASN D 388 17.33 5.24 -15.87
C ASN D 388 15.96 4.64 -15.58
N LYS D 389 15.80 3.32 -15.78
CA LYS D 389 14.59 2.56 -15.37
C LYS D 389 14.89 1.91 -14.02
N VAL D 390 13.89 1.86 -13.14
CA VAL D 390 14.06 1.30 -11.78
C VAL D 390 14.59 -0.13 -11.90
N THR D 391 15.52 -0.53 -11.02
CA THR D 391 16.16 -1.86 -11.08
C THR D 391 16.26 -2.49 -9.68
N THR D 392 16.79 -3.70 -9.60
CA THR D 392 16.65 -4.69 -8.51
C THR D 392 17.96 -4.85 -7.74
N ASP D 396 17.90 -2.97 -2.81
CA ASP D 396 17.07 -3.76 -1.86
C ASP D 396 16.26 -2.81 -0.96
N GLY D 397 15.45 -1.93 -1.52
CA GLY D 397 14.47 -1.13 -0.76
C GLY D 397 14.79 0.36 -0.77
N LYS D 398 14.20 1.10 0.17
CA LYS D 398 14.31 2.58 0.30
C LYS D 398 14.68 2.92 1.75
N GLN D 399 15.78 2.34 2.24
CA GLN D 399 16.17 2.30 3.67
C GLN D 399 16.79 3.65 4.09
N ASP D 400 17.07 4.57 3.17
CA ASP D 400 17.70 5.88 3.51
C ASP D 400 16.81 7.08 3.14
N ILE D 401 16.74 8.08 4.03
CA ILE D 401 16.24 9.44 3.68
C ILE D 401 17.25 10.52 4.03
N TYR D 402 18.35 10.18 4.72
CA TYR D 402 19.36 11.14 5.23
C TYR D 402 19.98 11.91 4.06
N HIS D 403 20.34 11.26 2.95
CA HIS D 403 21.00 11.97 1.81
C HIS D 403 20.07 13.08 1.29
N LEU D 404 18.77 12.86 1.30
CA LEU D 404 17.82 13.78 0.62
C LEU D 404 17.82 15.18 1.26
N LEU D 405 18.19 15.31 2.54
CA LEU D 405 18.27 16.64 3.20
C LEU D 405 19.36 17.48 2.53
N HIS D 406 20.32 16.84 1.84
CA HIS D 406 21.44 17.56 1.19
C HIS D 406 20.97 18.27 -0.10
N CYS D 407 19.88 17.84 -0.71
CA CYS D 407 19.27 18.56 -1.87
C CYS D 407 17.95 19.24 -1.48
N LEU D 408 17.39 18.98 -0.30
CA LEU D 408 16.07 19.55 0.12
C LEU D 408 16.21 20.66 1.16
N VAL D 409 17.19 20.55 2.08
CA VAL D 409 17.32 21.52 3.22
C VAL D 409 18.60 22.34 3.06
N ILE D 410 19.71 21.71 2.67
CA ILE D 410 21.00 22.43 2.52
C ILE D 410 20.86 23.68 1.64
N PRO D 411 20.15 23.63 0.49
CA PRO D 411 20.01 24.83 -0.36
C PRO D 411 19.15 25.96 0.23
N ARG D 412 18.61 25.77 1.43
CA ARG D 412 17.82 26.78 2.15
C ARG D 412 18.65 27.42 3.27
N LEU D 413 19.91 27.00 3.45
CA LEU D 413 20.74 27.38 4.63
C LEU D 413 22.07 27.96 4.18
N PRO D 414 22.69 28.81 5.04
CA PRO D 414 24.10 29.18 4.84
C PRO D 414 24.95 27.89 4.97
N LEU D 415 26.21 27.97 4.58
CA LEU D 415 27.16 26.82 4.66
C LEU D 415 27.72 26.67 6.08
N ALA D 416 27.62 27.71 6.91
CA ALA D 416 27.97 27.68 8.35
C ALA D 416 26.87 28.34 9.16
N PRO D 417 26.51 27.81 10.35
CA PRO D 417 26.98 26.50 10.80
C PRO D 417 26.33 25.42 9.92
N GLY D 418 26.60 24.15 10.22
CA GLY D 418 26.10 22.99 9.45
C GLY D 418 24.59 22.76 9.58
N LEU D 419 24.11 21.72 8.91
CA LEU D 419 22.65 21.47 8.65
C LEU D 419 21.81 21.57 9.93
N ALA D 420 21.99 20.68 10.90
CA ALA D 420 21.11 20.64 12.10
C ALA D 420 21.27 21.93 12.91
N PRO D 421 22.50 22.39 13.23
CA PRO D 421 22.69 23.66 13.92
C PRO D 421 22.03 24.87 13.26
N ALA D 422 22.16 24.99 11.94
CA ALA D 422 21.62 26.14 11.16
C ALA D 422 20.10 26.16 11.27
N VAL D 423 19.45 25.01 11.12
CA VAL D 423 17.97 24.94 11.22
C VAL D 423 17.57 25.33 12.65
N ALA D 424 18.28 24.80 13.65
CA ALA D 424 17.96 25.06 15.08
C ALA D 424 18.15 26.55 15.39
N ALA D 425 19.07 27.23 14.71
CA ALA D 425 19.39 28.67 14.91
C ALA D 425 18.41 29.56 14.13
N GLY D 426 17.39 29.01 13.46
CA GLY D 426 16.36 29.78 12.75
C GLY D 426 16.82 30.28 11.38
N LEU D 427 17.81 29.64 10.76
CA LEU D 427 18.44 30.19 9.53
C LEU D 427 17.77 29.70 8.24
N LEU D 428 16.75 28.85 8.31
CA LEU D 428 16.01 28.37 7.10
C LEU D 428 15.55 29.58 6.29
N ASP D 429 15.91 29.67 5.00
CA ASP D 429 15.48 30.72 4.05
C ASP D 429 16.03 32.10 4.46
N ILE D 430 17.03 32.18 5.34
CA ILE D 430 17.62 33.49 5.76
C ILE D 430 18.04 34.28 4.50
N ASN D 431 18.50 33.63 3.43
CA ASN D 431 19.04 34.34 2.23
C ASN D 431 18.01 34.42 1.11
N ALA D 432 16.76 33.97 1.32
CA ALA D 432 15.74 33.82 0.25
C ALA D 432 14.76 34.99 0.28
N LYS D 433 14.18 35.39 -0.86
CA LYS D 433 13.18 36.50 -0.98
C LYS D 433 12.05 36.13 -1.97
N HIS E 9 20.89 -44.75 -25.84
CA HIS E 9 20.63 -43.32 -25.45
C HIS E 9 20.87 -43.15 -23.95
N HIS E 10 22.06 -42.67 -23.60
CA HIS E 10 22.50 -42.36 -22.21
C HIS E 10 23.43 -41.15 -22.27
N SER E 11 23.13 -40.12 -21.48
CA SER E 11 23.90 -38.86 -21.43
C SER E 11 24.83 -38.87 -20.22
N SER E 12 26.02 -38.27 -20.38
CA SER E 12 26.95 -37.94 -19.27
C SER E 12 26.26 -36.93 -18.33
N GLY E 13 26.63 -36.96 -17.04
CA GLY E 13 26.25 -35.93 -16.04
C GLY E 13 25.46 -36.50 -14.87
N LEU E 14 25.13 -37.80 -14.89
CA LEU E 14 24.36 -38.50 -13.82
C LEU E 14 25.29 -39.49 -13.09
N VAL E 15 25.29 -39.41 -11.75
CA VAL E 15 25.90 -40.46 -10.87
C VAL E 15 25.01 -41.68 -10.95
N PRO E 16 25.55 -42.89 -11.21
CA PRO E 16 24.72 -44.10 -11.26
C PRO E 16 24.00 -44.30 -9.93
N ARG E 17 22.69 -44.44 -9.95
CA ARG E 17 21.88 -44.61 -8.71
C ARG E 17 20.81 -45.65 -9.05
N GLY E 18 20.33 -46.39 -8.05
CA GLY E 18 19.26 -47.39 -8.24
C GLY E 18 17.87 -46.79 -8.07
N SER E 19 17.63 -46.01 -7.00
CA SER E 19 16.28 -45.83 -6.38
C SER E 19 15.51 -44.69 -7.06
N HIS E 20 15.98 -43.44 -6.96
CA HIS E 20 15.29 -42.23 -7.51
C HIS E 20 14.04 -41.86 -6.67
N MET E 21 13.96 -40.61 -6.21
CA MET E 21 12.72 -40.05 -5.66
C MET E 21 11.67 -40.21 -6.79
N LYS E 22 10.42 -40.40 -6.41
CA LYS E 22 9.23 -40.32 -7.29
C LYS E 22 8.60 -38.93 -7.17
N TRP E 23 8.58 -38.16 -8.26
CA TRP E 23 7.90 -36.84 -8.33
C TRP E 23 6.75 -36.90 -9.35
N PHE E 24 7.06 -37.31 -10.57
CA PHE E 24 6.05 -37.36 -11.67
C PHE E 24 4.84 -38.14 -11.14
N ASN E 25 3.63 -37.63 -11.35
CA ASN E 25 2.37 -38.34 -11.05
C ASN E 25 2.23 -38.52 -9.53
N THR E 26 2.87 -37.70 -8.71
CA THR E 26 2.58 -37.61 -7.26
C THR E 26 1.86 -36.30 -7.00
N LEU E 27 0.79 -36.36 -6.20
CA LEU E 27 -0.02 -35.17 -5.84
C LEU E 27 0.83 -34.17 -5.06
N SER E 28 1.78 -34.66 -4.26
CA SER E 28 2.69 -33.79 -3.46
C SER E 28 3.51 -32.90 -4.42
N HIS E 29 4.18 -33.47 -5.42
CA HIS E 29 4.95 -32.65 -6.43
C HIS E 29 3.99 -31.76 -7.20
N ASN E 30 2.85 -32.29 -7.62
CA ASN E 30 1.89 -31.53 -8.47
C ASN E 30 1.28 -30.36 -7.69
N ARG E 31 1.16 -30.46 -6.36
CA ARG E 31 0.68 -29.35 -5.52
C ARG E 31 1.75 -28.25 -5.52
N TRP E 32 3.02 -28.61 -5.36
CA TRP E 32 4.13 -27.64 -5.45
C TRP E 32 4.08 -26.94 -6.84
N LEU E 33 3.90 -27.69 -7.92
CA LEU E 33 3.82 -27.14 -9.30
C LEU E 33 2.66 -26.14 -9.38
N GLU E 34 1.48 -26.48 -8.84
CA GLU E 34 0.30 -25.60 -9.02
C GLU E 34 0.53 -24.28 -8.29
N GLN E 35 1.16 -24.32 -7.12
CA GLN E 35 1.39 -23.12 -6.27
C GLN E 35 2.40 -22.23 -6.96
N GLU E 36 3.43 -22.79 -7.60
CA GLU E 36 4.35 -22.00 -8.44
C GLU E 36 3.60 -21.46 -9.65
N THR E 37 2.72 -22.24 -10.26
CA THR E 37 1.91 -21.78 -11.42
C THR E 37 1.14 -20.51 -11.05
N ASP E 38 0.49 -20.48 -9.87
CA ASP E 38 -0.29 -19.29 -9.42
C ASP E 38 0.64 -18.09 -9.27
N ARG E 39 1.84 -18.27 -8.73
CA ARG E 39 2.84 -17.19 -8.60
C ARG E 39 3.14 -16.63 -10.01
N ILE E 40 3.25 -17.49 -11.02
CA ILE E 40 3.58 -17.05 -12.42
C ILE E 40 2.38 -16.34 -13.05
N PHE E 41 1.16 -16.88 -12.88
CA PHE E 41 -0.08 -16.25 -13.42
C PHE E 41 -0.18 -14.82 -12.88
N ASN E 42 0.08 -14.64 -11.58
CA ASN E 42 -0.08 -13.34 -10.88
C ASN E 42 0.90 -12.32 -11.48
N PHE E 43 2.12 -12.74 -11.76
CA PHE E 43 3.17 -11.86 -12.34
C PHE E 43 2.72 -11.34 -13.72
N GLY E 44 2.13 -12.18 -14.56
CA GLY E 44 1.77 -11.79 -15.94
C GLY E 44 0.63 -10.78 -16.02
N LYS E 45 -0.20 -10.68 -14.98
CA LYS E 45 -1.41 -9.83 -14.99
C LYS E 45 -1.05 -8.36 -15.21
N ASN E 46 0.10 -7.92 -14.69
CA ASN E 46 0.52 -6.49 -14.78
C ASN E 46 0.86 -6.13 -16.24
N ALA E 47 0.86 -7.07 -17.19
CA ALA E 47 1.23 -6.79 -18.60
C ALA E 47 0.05 -6.18 -19.37
N VAL E 48 -1.16 -6.14 -18.79
CA VAL E 48 -2.37 -5.61 -19.47
C VAL E 48 -2.12 -4.14 -19.82
N VAL E 49 -2.20 -3.82 -21.12
CA VAL E 49 -2.20 -2.42 -21.64
C VAL E 49 -3.39 -2.30 -22.59
N PRO E 50 -3.86 -1.08 -22.90
CA PRO E 50 -5.01 -0.91 -23.80
C PRO E 50 -4.90 -1.66 -25.13
N THR E 51 -3.71 -1.76 -25.73
CA THR E 51 -3.51 -2.37 -27.07
C THR E 51 -3.20 -3.88 -26.99
N GLY E 52 -3.14 -4.48 -25.79
CA GLY E 52 -2.82 -5.91 -25.65
C GLY E 52 -2.06 -6.22 -24.40
N PHE E 53 -0.89 -6.86 -24.56
CA PHE E 53 0.00 -7.19 -23.43
C PHE E 53 1.37 -6.56 -23.65
N GLY E 54 1.81 -5.80 -22.65
CA GLY E 54 3.12 -5.14 -22.66
C GLY E 54 4.24 -6.08 -22.27
N TRP E 55 5.43 -5.54 -22.21
CA TRP E 55 6.72 -6.20 -22.00
C TRP E 55 7.14 -5.97 -20.54
N LEU E 56 7.03 -7.00 -19.69
CA LEU E 56 7.33 -6.86 -18.24
C LEU E 56 8.84 -6.86 -18.01
N GLY E 57 9.29 -5.97 -17.12
CA GLY E 57 10.68 -5.89 -16.66
C GLY E 57 10.92 -6.76 -15.43
N ASN E 58 12.09 -6.60 -14.83
CA ASN E 58 12.62 -7.49 -13.77
C ASN E 58 11.82 -7.35 -12.47
N LYS E 59 11.00 -6.29 -12.33
CA LYS E 59 10.16 -6.12 -11.09
C LYS E 59 8.69 -6.25 -11.46
N GLY E 60 8.38 -6.70 -12.67
CA GLY E 60 6.99 -6.96 -13.10
C GLY E 60 6.29 -5.69 -13.50
N GLN E 61 7.04 -4.62 -13.77
CA GLN E 61 6.50 -3.33 -14.29
C GLN E 61 6.57 -3.35 -15.81
N ILE E 62 5.66 -2.64 -16.48
CA ILE E 62 5.66 -2.49 -17.96
C ILE E 62 6.88 -1.65 -18.37
N LYS E 63 7.66 -2.13 -19.34
CA LYS E 63 8.69 -1.36 -20.06
C LYS E 63 8.01 -0.72 -21.27
N GLU E 64 7.47 0.49 -21.09
CA GLU E 64 6.57 1.18 -22.05
C GLU E 64 7.29 1.38 -23.39
N GLU E 65 8.62 1.55 -23.37
CA GLU E 65 9.42 1.80 -24.60
C GLU E 65 9.34 0.59 -25.55
N MET E 66 9.03 -0.61 -25.04
CA MET E 66 9.02 -1.84 -25.90
C MET E 66 7.69 -1.94 -26.67
N GLY E 67 6.64 -1.22 -26.22
CA GLY E 67 5.30 -1.25 -26.81
C GLY E 67 4.64 -2.62 -26.70
N THR E 68 3.66 -2.90 -27.57
CA THR E 68 2.81 -4.11 -27.57
C THR E 68 3.21 -5.01 -28.75
N HIS E 69 3.89 -6.12 -28.44
CA HIS E 69 4.33 -7.12 -29.45
C HIS E 69 3.21 -8.15 -29.68
N LEU E 70 3.02 -8.53 -30.94
CA LEU E 70 2.06 -9.58 -31.34
C LEU E 70 2.41 -10.89 -30.60
N TRP E 71 3.68 -11.28 -30.60
CA TRP E 71 4.10 -12.58 -30.02
C TRP E 71 3.76 -12.62 -28.52
N ILE E 72 4.01 -11.53 -27.81
CA ILE E 72 3.72 -11.47 -26.34
C ILE E 72 2.22 -11.48 -26.12
N THR E 73 1.46 -10.74 -26.93
CA THR E 73 -0.01 -10.61 -26.78
C THR E 73 -0.64 -12.00 -27.01
N ALA E 74 -0.22 -12.68 -28.08
CA ALA E 74 -0.75 -14.00 -28.45
C ALA E 74 -0.39 -15.04 -27.38
N ARG E 75 0.83 -14.98 -26.84
CA ARG E 75 1.30 -15.90 -25.78
C ARG E 75 0.47 -15.70 -24.51
N MET E 76 0.21 -14.45 -24.12
CA MET E 76 -0.59 -14.17 -22.90
C MET E 76 -2.03 -14.65 -23.10
N LEU E 77 -2.59 -14.53 -24.30
CA LEU E 77 -3.94 -15.05 -24.61
C LEU E 77 -3.98 -16.56 -24.33
N HIS E 78 -2.96 -17.28 -24.79
CA HIS E 78 -2.78 -18.74 -24.57
C HIS E 78 -2.67 -19.02 -23.05
N VAL E 79 -1.82 -18.27 -22.35
CA VAL E 79 -1.50 -18.53 -20.93
C VAL E 79 -2.79 -18.40 -20.10
N TYR E 80 -3.57 -17.34 -20.31
CA TYR E 80 -4.76 -17.05 -19.48
C TYR E 80 -5.92 -17.93 -19.94
N SER E 81 -5.88 -18.53 -21.12
CA SER E 81 -6.82 -19.62 -21.50
C SER E 81 -6.60 -20.81 -20.54
N VAL E 82 -5.35 -21.21 -20.32
CA VAL E 82 -5.02 -22.33 -19.39
C VAL E 82 -5.45 -21.94 -17.98
N ALA E 83 -5.12 -20.72 -17.53
CA ALA E 83 -5.44 -20.22 -16.18
C ALA E 83 -6.96 -20.28 -15.97
N ALA E 84 -7.71 -19.87 -16.99
CA ALA E 84 -9.19 -19.82 -16.94
C ALA E 84 -9.74 -21.23 -16.77
N SER E 85 -9.23 -22.19 -17.53
CA SER E 85 -9.66 -23.61 -17.41
C SER E 85 -9.24 -24.15 -16.03
N MET E 86 -8.22 -23.56 -15.39
CA MET E 86 -7.75 -24.04 -14.06
C MET E 86 -8.63 -23.44 -12.95
N GLY E 87 -9.63 -22.62 -13.31
CA GLY E 87 -10.56 -22.06 -12.34
C GLY E 87 -10.02 -20.83 -11.63
N ARG E 88 -9.08 -20.09 -12.24
CA ARG E 88 -8.51 -18.83 -11.63
C ARG E 88 -9.35 -17.63 -12.03
N PRO E 89 -10.00 -16.96 -11.04
CA PRO E 89 -10.68 -15.70 -11.29
C PRO E 89 -9.75 -14.69 -11.97
N GLY E 90 -10.28 -13.93 -12.93
CA GLY E 90 -9.55 -12.86 -13.63
C GLY E 90 -8.98 -13.35 -14.95
N ALA E 91 -8.70 -14.65 -15.08
CA ALA E 91 -8.02 -15.22 -16.25
C ALA E 91 -8.88 -15.03 -17.50
N TYR E 92 -10.19 -15.30 -17.39
CA TYR E 92 -11.14 -15.24 -18.53
C TYR E 92 -11.20 -13.79 -19.05
N ASP E 93 -11.16 -12.82 -18.13
CA ASP E 93 -11.10 -11.37 -18.47
C ASP E 93 -9.85 -11.11 -19.32
N LEU E 94 -8.71 -11.71 -18.98
CA LEU E 94 -7.46 -11.54 -19.77
C LEU E 94 -7.61 -12.22 -21.14
N VAL E 95 -8.33 -13.35 -21.23
CA VAL E 95 -8.65 -14.00 -22.52
C VAL E 95 -9.48 -13.01 -23.37
N ASP E 96 -10.53 -12.48 -22.79
CA ASP E 96 -11.41 -11.45 -23.42
C ASP E 96 -10.54 -10.26 -23.87
N HIS E 97 -9.66 -9.75 -23.00
CA HIS E 97 -8.77 -8.61 -23.34
C HIS E 97 -7.90 -9.03 -24.53
N GLY E 98 -7.34 -10.24 -24.51
CA GLY E 98 -6.48 -10.75 -25.60
C GLY E 98 -7.22 -10.78 -26.93
N ILE E 99 -8.45 -11.29 -26.94
CA ILE E 99 -9.25 -11.43 -28.18
C ILE E 99 -9.57 -10.02 -28.70
N LYS E 100 -9.95 -9.09 -27.83
CA LYS E 100 -10.19 -7.68 -28.22
C LYS E 100 -8.92 -7.08 -28.87
N ALA E 101 -7.74 -7.32 -28.30
CA ALA E 101 -6.45 -6.83 -28.83
C ALA E 101 -6.18 -7.44 -30.21
N MET E 102 -6.51 -8.72 -30.43
CA MET E 102 -6.30 -9.41 -31.72
C MET E 102 -7.34 -8.92 -32.76
N ASN E 103 -8.42 -8.28 -32.33
CA ASN E 103 -9.45 -7.68 -33.24
C ASN E 103 -9.26 -6.16 -33.32
N GLY E 104 -8.31 -5.57 -32.59
CA GLY E 104 -8.13 -4.10 -32.46
C GLY E 104 -6.83 -3.60 -33.07
N ALA E 105 -6.02 -2.85 -32.31
CA ALA E 105 -4.89 -2.07 -32.86
C ALA E 105 -3.85 -2.98 -33.52
N LEU E 106 -3.63 -4.21 -33.02
CA LEU E 106 -2.64 -5.15 -33.63
C LEU E 106 -3.11 -5.59 -35.02
N ARG E 107 -4.42 -5.59 -35.27
CA ARG E 107 -5.00 -6.15 -36.52
C ARG E 107 -4.83 -5.12 -37.64
N ASP E 108 -4.24 -5.55 -38.77
CA ASP E 108 -4.09 -4.71 -39.97
C ASP E 108 -5.44 -4.68 -40.71
N LYS E 109 -6.17 -3.57 -40.62
CA LYS E 109 -7.52 -3.43 -41.22
C LYS E 109 -7.42 -3.32 -42.75
N LYS E 110 -6.29 -2.88 -43.31
CA LYS E 110 -6.09 -2.69 -44.78
C LYS E 110 -5.68 -4.03 -45.44
N TYR E 111 -4.62 -4.68 -44.95
CA TYR E 111 -4.03 -5.88 -45.62
C TYR E 111 -4.34 -7.19 -44.89
N GLY E 112 -4.86 -7.16 -43.66
CA GLY E 112 -5.14 -8.38 -42.87
C GLY E 112 -3.92 -8.88 -42.09
N GLY E 113 -4.10 -9.94 -41.30
CA GLY E 113 -3.11 -10.38 -40.31
C GLY E 113 -2.81 -9.28 -39.31
N TRP E 114 -1.64 -9.33 -38.69
CA TRP E 114 -1.30 -8.51 -37.52
C TRP E 114 0.09 -7.89 -37.67
N TYR E 115 0.18 -6.62 -37.32
CA TYR E 115 1.45 -5.87 -37.16
C TYR E 115 2.26 -6.58 -36.07
N ALA E 116 3.59 -6.57 -36.22
CA ALA E 116 4.54 -7.17 -35.24
C ALA E 116 4.48 -6.39 -33.91
N CYS E 117 4.28 -5.08 -33.96
CA CYS E 117 4.39 -4.21 -32.75
C CYS E 117 3.60 -2.92 -32.97
N VAL E 118 2.78 -2.56 -31.96
CA VAL E 118 2.01 -1.29 -31.91
C VAL E 118 2.18 -0.70 -30.53
N ASN E 119 1.77 0.56 -30.36
CA ASN E 119 1.66 1.22 -29.05
C ASN E 119 0.46 2.16 -29.15
N ASP E 120 0.23 2.96 -28.12
CA ASP E 120 -0.98 3.84 -27.99
C ASP E 120 -0.98 4.90 -29.11
N GLN E 121 0.17 5.22 -29.69
CA GLN E 121 0.32 6.29 -30.74
C GLN E 121 0.05 5.71 -32.14
N GLY E 122 0.40 4.44 -32.39
CA GLY E 122 0.13 3.76 -33.68
C GLY E 122 1.01 2.55 -33.90
N VAL E 123 1.33 2.24 -35.16
CA VAL E 123 2.13 1.05 -35.56
C VAL E 123 3.62 1.37 -35.38
N VAL E 124 4.36 0.45 -34.76
CA VAL E 124 5.82 0.56 -34.49
C VAL E 124 6.56 -0.31 -35.51
N ASP E 125 6.08 -1.54 -35.74
CA ASP E 125 6.68 -2.49 -36.71
C ASP E 125 5.51 -3.09 -37.48
N ALA E 126 5.39 -2.74 -38.77
CA ALA E 126 4.23 -3.06 -39.64
C ALA E 126 4.46 -4.41 -40.32
N SER E 127 5.63 -5.02 -40.17
CA SER E 127 5.99 -6.28 -40.86
C SER E 127 5.09 -7.43 -40.36
N LYS E 128 4.95 -8.45 -41.19
CA LYS E 128 4.06 -9.63 -40.98
C LYS E 128 4.97 -10.83 -40.72
N GLN E 129 5.22 -11.12 -39.44
CA GLN E 129 6.21 -12.11 -38.98
C GLN E 129 5.51 -13.46 -38.79
N GLY E 130 5.92 -14.48 -39.53
CA GLY E 130 5.36 -15.85 -39.46
C GLY E 130 5.48 -16.39 -38.04
N TYR E 131 6.64 -16.22 -37.41
CA TYR E 131 6.91 -16.67 -36.02
C TYR E 131 5.76 -16.21 -35.13
N GLN E 132 5.42 -14.93 -35.23
CA GLN E 132 4.43 -14.25 -34.37
C GLN E 132 3.01 -14.65 -34.81
N HIS E 133 2.76 -14.87 -36.09
CA HIS E 133 1.44 -15.32 -36.61
C HIS E 133 1.09 -16.72 -36.11
N PHE E 134 2.08 -17.61 -36.00
CA PHE E 134 1.87 -18.99 -35.46
C PHE E 134 1.54 -18.91 -33.96
N PHE E 135 2.06 -17.92 -33.24
CA PHE E 135 1.66 -17.67 -31.83
C PHE E 135 0.23 -17.14 -31.84
N ALA E 136 -0.17 -16.34 -32.82
CA ALA E 136 -1.55 -15.87 -32.95
C ALA E 136 -2.45 -17.11 -33.10
N LEU E 137 -2.05 -18.07 -33.92
CA LEU E 137 -2.84 -19.31 -34.16
C LEU E 137 -2.94 -20.11 -32.85
N LEU E 138 -1.83 -20.28 -32.12
CA LEU E 138 -1.83 -21.01 -30.83
C LEU E 138 -2.77 -20.31 -29.85
N GLY E 139 -2.62 -18.99 -29.71
CA GLY E 139 -3.45 -18.17 -28.82
C GLY E 139 -4.94 -18.33 -29.10
N ALA E 140 -5.31 -18.25 -30.38
CA ALA E 140 -6.73 -18.38 -30.79
C ALA E 140 -7.21 -19.80 -30.50
N ALA E 141 -6.41 -20.82 -30.80
CA ALA E 141 -6.82 -22.23 -30.60
C ALA E 141 -6.99 -22.51 -29.10
N SER E 142 -6.07 -22.04 -28.26
CA SER E 142 -6.16 -22.20 -26.79
C SER E 142 -7.40 -21.45 -26.29
N ALA E 143 -7.66 -20.24 -26.82
CA ALA E 143 -8.82 -19.43 -26.38
C ALA E 143 -10.13 -20.15 -26.67
N VAL E 144 -10.19 -20.90 -27.77
CA VAL E 144 -11.40 -21.70 -28.14
C VAL E 144 -11.74 -22.65 -26.97
N THR E 145 -10.76 -23.21 -26.25
CA THR E 145 -11.01 -24.21 -25.17
C THR E 145 -11.75 -23.56 -24.01
N THR E 146 -11.76 -22.24 -23.90
CA THR E 146 -12.47 -21.50 -22.83
C THR E 146 -13.94 -21.31 -23.22
N GLY E 147 -14.29 -21.49 -24.50
CA GLY E 147 -15.65 -21.25 -24.99
C GLY E 147 -15.98 -19.77 -25.05
N HIS E 148 -15.01 -18.86 -24.90
CA HIS E 148 -15.25 -17.42 -25.14
C HIS E 148 -15.99 -17.30 -26.47
N PRO E 149 -17.15 -16.59 -26.51
CA PRO E 149 -17.98 -16.55 -27.72
C PRO E 149 -17.35 -15.96 -28.99
N GLU E 150 -16.23 -15.22 -28.88
CA GLU E 150 -15.53 -14.63 -30.05
C GLU E 150 -14.28 -15.46 -30.39
N ALA E 151 -13.98 -16.53 -29.66
CA ALA E 151 -12.72 -17.29 -29.84
C ALA E 151 -12.75 -18.02 -31.18
N ARG E 152 -13.82 -18.72 -31.49
CA ARG E 152 -13.93 -19.56 -32.72
C ARG E 152 -13.82 -18.64 -33.95
N LYS E 153 -14.48 -17.47 -33.93
CA LYS E 153 -14.38 -16.46 -35.03
C LYS E 153 -12.91 -16.02 -35.18
N LEU E 154 -12.21 -15.77 -34.07
CA LEU E 154 -10.78 -15.37 -34.14
C LEU E 154 -9.95 -16.53 -34.75
N LEU E 155 -10.17 -17.76 -34.30
CA LEU E 155 -9.43 -18.92 -34.85
C LEU E 155 -9.71 -19.03 -36.35
N ASP E 156 -10.96 -18.92 -36.79
CA ASP E 156 -11.32 -19.10 -38.24
C ASP E 156 -10.57 -18.03 -39.05
N TYR E 157 -10.53 -16.79 -38.57
CA TYR E 157 -9.81 -15.70 -39.27
C TYR E 157 -8.31 -16.03 -39.32
N THR E 158 -7.73 -16.43 -38.19
CA THR E 158 -6.27 -16.71 -38.08
C THR E 158 -5.93 -17.83 -39.06
N ILE E 159 -6.75 -18.87 -39.12
CA ILE E 159 -6.55 -20.01 -40.07
C ILE E 159 -6.51 -19.45 -41.50
N GLU E 160 -7.42 -18.57 -41.88
CA GLU E 160 -7.45 -17.97 -43.25
C GLU E 160 -6.13 -17.26 -43.53
N VAL E 161 -5.62 -16.49 -42.58
CA VAL E 161 -4.35 -15.72 -42.76
C VAL E 161 -3.20 -16.73 -42.89
N ILE E 162 -3.15 -17.72 -42.02
CA ILE E 162 -2.08 -18.76 -42.05
C ILE E 162 -2.09 -19.43 -43.43
N GLU E 163 -3.26 -19.86 -43.90
CA GLU E 163 -3.38 -20.66 -45.16
C GLU E 163 -3.12 -19.77 -46.39
N LYS E 164 -3.42 -18.48 -46.31
CA LYS E 164 -3.17 -17.52 -47.40
C LYS E 164 -1.66 -17.24 -47.49
N TYR E 165 -0.96 -17.00 -46.37
CA TYR E 165 0.38 -16.35 -46.42
C TYR E 165 1.51 -17.15 -45.75
N PHE E 166 1.24 -18.10 -44.84
CA PHE E 166 2.32 -18.67 -44.00
C PHE E 166 2.50 -20.15 -44.19
N TRP E 167 1.44 -20.91 -44.48
CA TRP E 167 1.56 -22.32 -44.93
C TRP E 167 1.59 -22.31 -46.46
N SER E 168 2.66 -22.84 -47.06
CA SER E 168 2.85 -22.94 -48.53
C SER E 168 2.46 -24.35 -48.97
N GLU E 169 1.40 -24.45 -49.78
CA GLU E 169 0.97 -25.73 -50.41
C GLU E 169 2.09 -26.19 -51.37
N GLU E 170 2.80 -25.27 -52.03
CA GLU E 170 3.89 -25.59 -52.99
C GLU E 170 5.06 -26.27 -52.23
N GLU E 171 5.54 -25.69 -51.14
CA GLU E 171 6.72 -26.19 -50.38
C GLU E 171 6.28 -27.25 -49.36
N GLN E 172 5.00 -27.27 -48.95
CA GLN E 172 4.51 -28.13 -47.83
C GLN E 172 5.39 -27.84 -46.60
N MET E 173 5.60 -26.56 -46.33
CA MET E 173 6.37 -26.02 -45.19
C MET E 173 5.84 -24.61 -44.93
N CYS E 174 6.28 -23.96 -43.86
CA CYS E 174 5.85 -22.59 -43.53
C CYS E 174 6.85 -21.57 -44.05
N LEU E 175 6.34 -20.46 -44.59
CA LEU E 175 7.13 -19.26 -44.96
C LEU E 175 7.54 -18.55 -43.67
N GLU E 176 8.41 -17.54 -43.78
CA GLU E 176 8.97 -16.84 -42.60
C GLU E 176 8.24 -15.51 -42.39
N SER E 177 8.28 -14.60 -43.35
CA SER E 177 7.73 -13.24 -43.12
C SER E 177 7.43 -12.52 -44.44
N TRP E 178 6.63 -11.47 -44.30
CA TRP E 178 6.24 -10.58 -45.42
C TRP E 178 6.38 -9.14 -44.95
N ASP E 179 6.46 -8.21 -45.91
CA ASP E 179 6.19 -6.76 -45.67
C ASP E 179 4.73 -6.59 -45.22
N GLU E 180 4.41 -5.42 -44.72
CA GLU E 180 3.04 -5.00 -44.29
C GLU E 180 2.00 -5.46 -45.30
N ALA E 181 2.23 -5.18 -46.59
CA ALA E 181 1.22 -5.29 -47.68
C ALA E 181 1.13 -6.71 -48.23
N PHE E 182 1.88 -7.68 -47.69
CA PHE E 182 1.94 -9.07 -48.24
C PHE E 182 2.28 -9.02 -49.74
N SER E 183 3.23 -8.17 -50.16
CA SER E 183 3.66 -8.04 -51.58
C SER E 183 4.92 -8.88 -51.84
N GLN E 184 5.86 -8.98 -50.90
CA GLN E 184 7.12 -9.75 -51.04
C GLN E 184 7.39 -10.57 -49.77
N THR E 185 7.65 -11.87 -49.90
CA THR E 185 8.06 -12.75 -48.77
C THR E 185 9.60 -12.72 -48.63
N GLU E 186 10.10 -12.85 -47.40
CA GLU E 186 11.56 -12.86 -47.08
C GLU E 186 12.23 -14.06 -47.77
N ASP E 187 13.43 -13.85 -48.29
CA ASP E 187 14.27 -14.90 -48.95
C ASP E 187 15.01 -15.66 -47.85
N TYR E 188 14.24 -16.41 -47.06
CA TYR E 188 14.68 -17.09 -45.82
C TYR E 188 13.57 -18.06 -45.40
N ARG E 189 13.96 -19.23 -44.90
CA ARG E 189 13.05 -20.19 -44.26
C ARG E 189 13.65 -20.57 -42.90
N GLY E 190 12.80 -20.63 -41.87
CA GLY E 190 13.24 -20.72 -40.47
C GLY E 190 12.67 -21.93 -39.75
N GLY E 191 13.54 -22.65 -39.04
CA GLY E 191 13.16 -23.73 -38.12
C GLY E 191 12.28 -23.21 -36.98
N ASN E 192 12.52 -21.99 -36.50
CA ASN E 192 11.84 -21.43 -35.30
C ASN E 192 10.36 -21.23 -35.63
N ALA E 193 10.05 -20.52 -36.72
CA ALA E 193 8.67 -20.29 -37.18
C ALA E 193 8.00 -21.65 -37.44
N ASN E 194 8.71 -22.57 -38.09
CA ASN E 194 8.14 -23.90 -38.44
C ASN E 194 7.91 -24.72 -37.17
N MET E 195 8.74 -24.55 -36.13
CA MET E 195 8.59 -25.30 -34.86
C MET E 195 7.31 -24.82 -34.16
N HIS E 196 7.10 -23.52 -34.10
CA HIS E 196 5.91 -22.90 -33.44
C HIS E 196 4.66 -23.13 -34.29
N ALA E 197 4.80 -23.34 -35.59
CA ALA E 197 3.70 -23.82 -36.46
C ALA E 197 3.25 -25.22 -35.98
N VAL E 198 4.20 -26.14 -35.77
CA VAL E 198 3.89 -27.51 -35.28
C VAL E 198 3.14 -27.40 -33.95
N GLU E 199 3.62 -26.53 -33.05
CA GLU E 199 3.04 -26.33 -31.70
C GLU E 199 1.59 -25.87 -31.84
N ALA E 200 1.33 -24.88 -32.69
CA ALA E 200 -0.02 -24.31 -32.90
C ALA E 200 -0.92 -25.34 -33.61
N PHE E 201 -0.41 -26.04 -34.62
CA PHE E 201 -1.17 -27.03 -35.43
C PHE E 201 -1.70 -28.14 -34.53
N LEU E 202 -0.91 -28.58 -33.56
CA LEU E 202 -1.33 -29.61 -32.57
C LEU E 202 -2.61 -29.15 -31.86
N ILE E 203 -2.69 -27.89 -31.46
CA ILE E 203 -3.86 -27.37 -30.70
C ILE E 203 -5.01 -27.11 -31.67
N VAL E 204 -4.72 -26.65 -32.89
CA VAL E 204 -5.76 -26.46 -33.93
C VAL E 204 -6.40 -27.84 -34.21
N TYR E 205 -5.58 -28.88 -34.32
CA TYR E 205 -6.06 -30.27 -34.45
C TYR E 205 -6.99 -30.60 -33.28
N ASP E 206 -6.59 -30.29 -32.05
CA ASP E 206 -7.37 -30.64 -30.84
C ASP E 206 -8.73 -29.91 -30.84
N VAL E 207 -8.87 -28.76 -31.49
CA VAL E 207 -10.15 -28.00 -31.49
C VAL E 207 -10.87 -28.08 -32.85
N THR E 208 -10.39 -28.93 -33.78
CA THR E 208 -11.07 -29.16 -35.08
C THR E 208 -11.28 -30.67 -35.37
N HIS E 209 -10.41 -31.52 -34.81
CA HIS E 209 -10.18 -32.94 -35.21
C HIS E 209 -10.19 -33.05 -36.74
N ASP E 210 -9.62 -32.06 -37.41
CA ASP E 210 -9.32 -32.14 -38.86
C ASP E 210 -7.84 -32.58 -38.96
N LYS E 211 -7.63 -33.83 -39.38
CA LYS E 211 -6.28 -34.46 -39.49
C LYS E 211 -5.33 -33.65 -40.39
N LYS E 212 -5.74 -32.75 -41.26
CA LYS E 212 -4.74 -32.01 -42.10
C LYS E 212 -3.74 -31.23 -41.21
N TRP E 213 -4.19 -30.77 -40.04
CA TRP E 213 -3.31 -29.99 -39.12
C TRP E 213 -2.18 -30.89 -38.59
N LEU E 214 -2.51 -32.15 -38.31
CA LEU E 214 -1.56 -33.13 -37.80
C LEU E 214 -0.66 -33.61 -38.94
N ASP E 215 -1.20 -33.78 -40.14
CA ASP E 215 -0.44 -34.13 -41.37
C ASP E 215 0.60 -33.04 -41.63
N ARG E 216 0.22 -31.78 -41.56
CA ARG E 216 1.18 -30.65 -41.77
C ARG E 216 2.27 -30.68 -40.69
N ALA E 217 1.91 -30.88 -39.42
CA ALA E 217 2.87 -30.97 -38.31
C ALA E 217 3.87 -32.10 -38.57
N LEU E 218 3.40 -33.29 -38.92
CA LEU E 218 4.26 -34.48 -39.19
C LEU E 218 5.22 -34.17 -40.35
N ARG E 219 4.71 -33.54 -41.42
CA ARG E 219 5.50 -33.16 -42.60
C ARG E 219 6.62 -32.17 -42.18
N ILE E 220 6.28 -31.13 -41.43
CA ILE E 220 7.30 -30.11 -41.00
C ILE E 220 8.40 -30.86 -40.23
N ALA E 221 8.02 -31.71 -39.28
CA ALA E 221 8.98 -32.45 -38.43
C ALA E 221 9.83 -33.37 -39.31
N SER E 222 9.24 -34.00 -40.33
CA SER E 222 9.95 -34.98 -41.21
C SER E 222 11.10 -34.25 -41.92
N VAL E 223 10.92 -33.00 -42.30
CA VAL E 223 11.91 -32.23 -43.09
C VAL E 223 13.00 -31.67 -42.14
N ILE E 224 12.61 -30.97 -41.09
CA ILE E 224 13.57 -30.25 -40.21
C ILE E 224 14.30 -31.21 -39.28
N ILE E 225 13.63 -32.26 -38.79
CA ILE E 225 14.20 -33.19 -37.78
C ILE E 225 14.63 -34.48 -38.45
N HIS E 226 13.70 -35.23 -39.03
CA HIS E 226 14.00 -36.61 -39.50
C HIS E 226 15.01 -36.57 -40.66
N ASP E 227 14.90 -35.59 -41.56
CA ASP E 227 15.90 -35.41 -42.66
C ASP E 227 17.13 -34.66 -42.10
N VAL E 228 17.06 -33.36 -41.89
CA VAL E 228 18.28 -32.50 -41.68
C VAL E 228 18.90 -32.73 -40.29
N ALA E 229 18.16 -32.57 -39.19
CA ALA E 229 18.71 -32.71 -37.83
C ALA E 229 19.35 -34.09 -37.63
N ARG E 230 18.65 -35.18 -37.94
CA ARG E 230 19.12 -36.58 -37.70
C ARG E 230 20.43 -36.81 -38.47
N ASN E 231 20.55 -36.28 -39.69
CA ASN E 231 21.76 -36.45 -40.55
C ASN E 231 22.95 -35.62 -40.00
N GLY E 232 22.71 -34.63 -39.14
CA GLY E 232 23.77 -33.80 -38.49
C GLY E 232 23.86 -34.04 -36.99
N ASP E 233 23.75 -35.29 -36.52
CA ASP E 233 23.94 -35.70 -35.11
C ASP E 233 22.90 -35.00 -34.21
N TYR E 234 21.72 -34.72 -34.75
CA TYR E 234 20.54 -34.16 -34.07
C TYR E 234 20.83 -32.70 -33.66
N ARG E 235 21.77 -32.06 -34.35
CA ARG E 235 21.97 -30.58 -34.26
C ARG E 235 20.98 -29.95 -35.24
N VAL E 236 19.91 -29.36 -34.73
CA VAL E 236 18.82 -28.83 -35.60
C VAL E 236 19.37 -27.64 -36.35
N ASN E 237 19.28 -27.71 -37.68
CA ASN E 237 19.55 -26.54 -38.55
C ASN E 237 18.30 -25.66 -38.57
N GLU E 238 18.42 -24.36 -38.26
CA GLU E 238 17.30 -23.38 -38.17
C GLU E 238 17.24 -22.46 -39.42
N HIS E 239 18.38 -22.17 -40.06
CA HIS E 239 18.47 -21.13 -41.13
C HIS E 239 18.57 -21.83 -42.50
N PHE E 240 17.61 -21.54 -43.37
CA PHE E 240 17.54 -22.11 -44.74
C PHE E 240 17.29 -20.97 -45.74
N ASP E 241 17.66 -21.22 -47.00
CA ASP E 241 17.29 -20.36 -48.16
C ASP E 241 15.91 -20.80 -48.65
N SER E 242 15.42 -20.17 -49.74
CA SER E 242 14.05 -20.36 -50.27
C SER E 242 13.86 -21.76 -50.85
N GLN E 243 14.93 -22.51 -51.09
CA GLN E 243 14.89 -23.90 -51.64
C GLN E 243 15.10 -24.90 -50.49
N TRP E 244 15.07 -24.44 -49.25
CA TRP E 244 15.18 -25.31 -48.04
C TRP E 244 16.58 -25.98 -47.99
N ASN E 245 17.62 -25.31 -48.49
CA ASN E 245 19.03 -25.68 -48.26
C ASN E 245 19.54 -24.91 -47.05
N PRO E 246 20.22 -25.59 -46.10
CA PRO E 246 20.80 -24.91 -44.95
C PRO E 246 21.75 -23.76 -45.36
N ILE E 247 21.68 -22.65 -44.64
CA ILE E 247 22.70 -21.56 -44.59
C ILE E 247 23.45 -21.69 -43.25
N ARG E 248 24.50 -22.50 -43.23
CA ARG E 248 25.23 -22.83 -41.99
C ARG E 248 25.81 -21.57 -41.34
N ASP E 249 26.20 -20.56 -42.12
CA ASP E 249 26.95 -19.36 -41.64
C ASP E 249 25.99 -18.23 -41.23
N TYR E 250 24.67 -18.45 -41.29
CA TYR E 250 23.67 -17.37 -41.06
C TYR E 250 23.87 -16.73 -39.68
N ASN E 251 23.87 -15.39 -39.67
CA ASN E 251 24.04 -14.48 -38.51
C ASN E 251 25.39 -14.71 -37.81
N LYS E 252 26.45 -15.14 -38.51
CA LYS E 252 27.79 -15.29 -37.90
C LYS E 252 28.22 -13.95 -37.26
N ASP E 253 27.84 -12.84 -37.89
CA ASP E 253 28.07 -11.43 -37.47
C ASP E 253 27.20 -11.03 -36.27
N ASN E 254 26.17 -11.79 -35.90
CA ASN E 254 25.19 -11.39 -34.85
C ASN E 254 24.79 -12.64 -34.08
N PRO E 255 25.76 -13.32 -33.44
CA PRO E 255 25.54 -14.67 -32.92
C PRO E 255 24.49 -14.76 -31.79
N ALA E 256 24.24 -13.68 -31.03
CA ALA E 256 23.37 -13.68 -29.83
C ALA E 256 21.95 -13.18 -30.16
N HIS E 257 21.54 -13.21 -31.43
CA HIS E 257 20.16 -12.86 -31.88
C HIS E 257 19.13 -13.62 -31.03
N ARG E 258 18.05 -12.93 -30.64
CA ARG E 258 17.04 -13.44 -29.64
C ARG E 258 16.18 -14.56 -30.26
N PHE E 259 16.09 -14.61 -31.60
CA PHE E 259 15.18 -15.52 -32.37
C PHE E 259 15.95 -16.33 -33.41
N ARG E 260 17.09 -15.85 -33.92
CA ARG E 260 17.85 -16.46 -35.06
C ARG E 260 19.35 -16.52 -34.74
N ALA E 261 19.73 -17.14 -33.62
CA ALA E 261 21.14 -17.28 -33.18
C ALA E 261 21.98 -17.95 -34.28
N TYR E 262 23.23 -17.56 -34.41
CA TYR E 262 24.22 -18.29 -35.24
C TYR E 262 24.31 -19.74 -34.74
N GLY E 263 24.41 -20.68 -35.69
CA GLY E 263 24.54 -22.11 -35.43
C GLY E 263 23.28 -22.73 -34.84
N GLY E 264 23.47 -23.60 -33.85
CA GLY E 264 22.38 -24.36 -33.21
C GLY E 264 21.97 -23.77 -31.88
N THR E 265 20.66 -23.78 -31.61
CA THR E 265 20.06 -23.37 -30.32
C THR E 265 19.52 -24.63 -29.63
N PRO E 266 20.33 -25.29 -28.77
CA PRO E 266 19.95 -26.58 -28.18
C PRO E 266 18.61 -26.57 -27.43
N GLY E 267 18.22 -25.47 -26.80
CA GLY E 267 16.85 -25.33 -26.26
C GLY E 267 15.80 -25.71 -27.30
N ALA E 268 15.97 -25.28 -28.55
CA ALA E 268 15.00 -25.55 -29.64
C ALA E 268 15.02 -27.05 -29.96
N TRP E 269 16.19 -27.69 -29.87
CA TRP E 269 16.30 -29.13 -30.21
C TRP E 269 15.38 -29.92 -29.28
N ILE E 270 15.50 -29.66 -27.98
CA ILE E 270 14.80 -30.47 -26.95
C ILE E 270 13.30 -30.13 -27.01
N GLU E 271 12.93 -28.90 -27.36
CA GLU E 271 11.51 -28.47 -27.57
C GLU E 271 10.90 -29.26 -28.75
N TRP E 272 11.61 -29.35 -29.88
CA TRP E 272 11.18 -30.15 -31.05
C TRP E 272 10.83 -31.58 -30.58
N GLY E 273 11.66 -32.13 -29.69
CA GLY E 273 11.47 -33.48 -29.14
C GLY E 273 10.12 -33.62 -28.46
N ARG E 274 9.76 -32.69 -27.58
CA ARG E 274 8.47 -32.78 -26.85
C ARG E 274 7.33 -32.69 -27.89
N LEU E 275 7.44 -31.76 -28.85
CA LEU E 275 6.35 -31.52 -29.82
C LEU E 275 6.09 -32.82 -30.61
N MET E 276 7.15 -33.54 -30.94
CA MET E 276 7.02 -34.81 -31.72
C MET E 276 6.37 -35.90 -30.86
N LEU E 277 6.55 -35.84 -29.54
CA LEU E 277 5.88 -36.77 -28.59
C LEU E 277 4.40 -36.39 -28.42
N HIS E 278 4.04 -35.10 -28.44
CA HIS E 278 2.61 -34.69 -28.53
C HIS E 278 1.97 -35.25 -29.80
N LEU E 279 2.70 -35.22 -30.94
CA LEU E 279 2.24 -35.73 -32.24
C LEU E 279 2.03 -37.24 -32.14
N HIS E 280 3.01 -37.96 -31.61
CA HIS E 280 2.95 -39.42 -31.34
C HIS E 280 1.68 -39.71 -30.52
N ALA E 281 1.45 -38.97 -29.45
CA ALA E 281 0.34 -39.23 -28.50
C ALA E 281 -1.00 -38.95 -29.21
N ALA E 282 -1.05 -37.94 -30.09
CA ALA E 282 -2.28 -37.61 -30.85
C ALA E 282 -2.67 -38.79 -31.75
N LEU E 283 -1.68 -39.41 -32.39
CA LEU E 283 -1.90 -40.58 -33.26
C LEU E 283 -2.36 -41.77 -32.42
N GLU E 284 -1.70 -42.08 -31.30
CA GLU E 284 -2.13 -43.17 -30.40
C GLU E 284 -3.56 -42.92 -29.89
N ALA E 285 -3.94 -41.68 -29.61
CA ALA E 285 -5.28 -41.36 -29.04
C ALA E 285 -6.38 -41.76 -30.04
N ARG E 286 -6.09 -41.80 -31.35
CA ARG E 286 -7.12 -42.21 -32.35
C ARG E 286 -6.79 -43.61 -32.90
N PHE E 287 -6.04 -44.42 -32.13
CA PHE E 287 -5.81 -45.86 -32.38
C PHE E 287 -5.01 -46.04 -33.68
N GLU E 288 -4.10 -45.09 -33.91
CA GLU E 288 -3.20 -45.13 -35.08
C GLU E 288 -1.77 -45.33 -34.57
N THR E 289 -1.08 -46.34 -35.09
CA THR E 289 0.35 -46.62 -34.77
C THR E 289 1.18 -45.45 -35.27
N PRO E 290 1.86 -44.72 -34.36
CA PRO E 290 2.68 -43.59 -34.77
C PRO E 290 3.94 -44.13 -35.45
N PRO E 291 4.47 -43.42 -36.47
CA PRO E 291 5.78 -43.77 -37.00
C PRO E 291 6.83 -43.78 -35.87
N ALA E 292 7.75 -44.74 -35.93
CA ALA E 292 8.75 -45.02 -34.88
C ALA E 292 9.72 -43.83 -34.74
N TRP E 293 9.93 -43.03 -35.78
CA TRP E 293 10.95 -41.95 -35.79
C TRP E 293 10.55 -40.79 -34.88
N LEU E 294 9.28 -40.61 -34.55
CA LEU E 294 8.87 -39.54 -33.61
C LEU E 294 9.57 -39.78 -32.26
N LEU E 295 9.42 -40.96 -31.68
CA LEU E 295 10.08 -41.31 -30.38
C LEU E 295 11.60 -41.43 -30.56
N GLU E 296 12.08 -42.09 -31.62
CA GLU E 296 13.55 -42.27 -31.84
C GLU E 296 14.21 -40.88 -31.92
N ASP E 297 13.64 -39.96 -32.68
CA ASP E 297 14.28 -38.64 -32.94
C ASP E 297 14.13 -37.76 -31.70
N ALA E 298 13.04 -37.88 -30.93
CA ALA E 298 12.88 -37.14 -29.67
C ALA E 298 14.00 -37.54 -28.71
N LYS E 299 14.28 -38.84 -28.60
CA LYS E 299 15.41 -39.34 -27.79
C LYS E 299 16.72 -38.77 -28.33
N GLY E 300 16.93 -38.79 -29.67
CA GLY E 300 18.17 -38.28 -30.27
C GLY E 300 18.37 -36.80 -29.92
N LEU E 301 17.31 -35.99 -30.04
CA LEU E 301 17.34 -34.54 -29.76
C LEU E 301 17.63 -34.32 -28.27
N PHE E 302 17.00 -35.09 -27.39
CA PHE E 302 17.18 -34.92 -25.93
C PHE E 302 18.66 -35.14 -25.58
N HIS E 303 19.22 -36.25 -26.05
CA HIS E 303 20.62 -36.63 -25.74
C HIS E 303 21.62 -35.69 -26.44
N ALA E 304 21.33 -35.18 -27.63
CA ALA E 304 22.22 -34.22 -28.35
C ALA E 304 22.25 -32.90 -27.59
N THR E 305 21.09 -32.47 -27.06
CA THR E 305 20.96 -31.23 -26.26
C THR E 305 21.87 -31.35 -25.03
N ILE E 306 21.84 -32.49 -24.33
CA ILE E 306 22.70 -32.69 -23.15
C ILE E 306 24.17 -32.78 -23.60
N ARG E 307 24.46 -33.51 -24.68
CA ARG E 307 25.85 -33.73 -25.19
C ARG E 307 26.54 -32.37 -25.43
N ASP E 308 25.90 -31.46 -26.14
CA ASP E 308 26.53 -30.21 -26.62
C ASP E 308 26.32 -29.04 -25.65
N ALA E 309 25.22 -29.02 -24.89
CA ALA E 309 24.81 -27.78 -24.21
C ALA E 309 24.73 -27.90 -22.69
N TRP E 310 24.67 -29.09 -22.10
CA TRP E 310 24.58 -29.18 -20.61
C TRP E 310 25.98 -29.12 -19.99
N ALA E 311 26.22 -28.13 -19.14
CA ALA E 311 27.48 -27.92 -18.40
C ALA E 311 28.68 -28.25 -19.28
N PRO E 312 28.83 -27.65 -20.49
CA PRO E 312 29.98 -27.95 -21.35
C PRO E 312 31.26 -27.20 -20.96
N ASP E 313 31.19 -26.30 -19.98
CA ASP E 313 32.19 -25.23 -19.74
C ASP E 313 32.53 -25.12 -18.24
N GLY E 314 32.34 -26.18 -17.46
CA GLY E 314 32.77 -26.26 -16.05
C GLY E 314 31.73 -25.73 -15.06
N ALA E 315 30.52 -25.38 -15.49
CA ALA E 315 29.43 -24.98 -14.58
C ALA E 315 28.10 -25.56 -15.07
N ASP E 316 27.15 -25.74 -14.16
CA ASP E 316 25.82 -26.30 -14.52
C ASP E 316 25.10 -25.32 -15.45
N GLY E 317 24.13 -25.85 -16.18
CA GLY E 317 23.19 -25.05 -16.98
C GLY E 317 23.34 -25.34 -18.46
N PHE E 318 22.35 -24.91 -19.25
CA PHE E 318 22.36 -25.04 -20.72
C PHE E 318 22.84 -23.75 -21.36
N VAL E 319 23.87 -23.84 -22.20
CA VAL E 319 24.34 -22.70 -23.03
C VAL E 319 23.25 -22.42 -24.05
N TYR E 320 23.27 -21.22 -24.64
CA TYR E 320 22.25 -20.74 -25.59
C TYR E 320 22.52 -21.30 -26.98
N SER E 321 23.77 -21.27 -27.44
CA SER E 321 24.08 -21.65 -28.84
C SER E 321 25.41 -22.40 -28.94
N VAL E 322 25.50 -23.27 -29.94
CA VAL E 322 26.75 -24.02 -30.28
C VAL E 322 26.94 -23.94 -31.80
N ASP E 323 28.17 -24.14 -32.26
CA ASP E 323 28.52 -24.21 -33.69
C ASP E 323 28.26 -25.66 -34.16
N TRP E 324 28.58 -25.96 -35.41
CA TRP E 324 28.20 -27.24 -36.10
C TRP E 324 29.11 -28.36 -35.64
N ASP E 325 30.16 -28.05 -34.89
CA ASP E 325 31.02 -29.04 -34.17
C ASP E 325 30.53 -29.21 -32.72
N GLY E 326 29.50 -28.45 -32.30
CA GLY E 326 28.94 -28.55 -30.93
C GLY E 326 29.73 -27.70 -29.94
N LYS E 327 30.63 -26.82 -30.41
CA LYS E 327 31.38 -25.86 -29.56
C LYS E 327 30.49 -24.69 -29.15
N PRO E 328 30.37 -24.39 -27.84
CA PRO E 328 29.53 -23.29 -27.38
C PRO E 328 29.95 -21.95 -27.99
N ILE E 329 28.98 -21.12 -28.36
CA ILE E 329 29.22 -19.73 -28.84
C ILE E 329 28.67 -18.76 -27.80
N VAL E 330 27.36 -18.71 -27.64
CA VAL E 330 26.77 -17.86 -26.56
C VAL E 330 26.63 -18.76 -25.32
N ARG E 331 27.40 -18.48 -24.27
CA ARG E 331 27.48 -19.37 -23.10
C ARG E 331 26.49 -18.92 -22.03
N GLU E 332 25.78 -17.82 -22.24
CA GLU E 332 24.72 -17.35 -21.30
C GLU E 332 23.67 -18.46 -21.14
N ARG E 333 23.19 -18.65 -19.90
CA ARG E 333 22.07 -19.54 -19.55
C ARG E 333 20.78 -18.73 -19.63
N VAL E 334 20.08 -18.81 -20.75
CA VAL E 334 18.73 -18.22 -20.94
C VAL E 334 17.72 -19.15 -20.25
N ARG E 335 16.61 -18.60 -19.79
CA ARG E 335 15.62 -19.35 -19.00
C ARG E 335 14.99 -20.48 -19.82
N TRP E 336 14.51 -20.22 -21.05
CA TRP E 336 13.55 -21.13 -21.72
C TRP E 336 14.21 -22.47 -22.07
N PRO E 337 15.49 -22.58 -22.48
CA PRO E 337 16.04 -23.89 -22.81
C PRO E 337 15.90 -24.96 -21.72
N ILE E 338 16.24 -24.63 -20.47
CA ILE E 338 16.15 -25.63 -19.37
C ILE E 338 14.66 -25.91 -19.06
N VAL E 339 13.79 -24.92 -19.23
CA VAL E 339 12.33 -25.11 -19.01
C VAL E 339 11.79 -26.13 -20.01
N GLU E 340 12.16 -25.98 -21.29
CA GLU E 340 11.77 -26.90 -22.37
C GLU E 340 12.38 -28.29 -22.09
N ALA E 341 13.65 -28.35 -21.68
CA ALA E 341 14.32 -29.61 -21.34
C ALA E 341 13.48 -30.37 -20.30
N MET E 342 12.96 -29.67 -19.30
CA MET E 342 12.16 -30.30 -18.22
C MET E 342 10.85 -30.87 -18.81
N GLY E 343 10.19 -30.13 -19.71
CA GLY E 343 9.00 -30.60 -20.42
C GLY E 343 9.29 -31.87 -21.20
N THR E 344 10.41 -31.91 -21.91
CA THR E 344 10.76 -33.07 -22.77
C THR E 344 11.09 -34.27 -21.88
N ALA E 345 11.80 -34.05 -20.78
CA ALA E 345 12.09 -35.12 -19.80
C ALA E 345 10.78 -35.78 -19.36
N TYR E 346 9.76 -34.98 -19.04
CA TYR E 346 8.42 -35.51 -18.67
C TYR E 346 7.84 -36.34 -19.81
N ALA E 347 7.84 -35.80 -21.03
CA ALA E 347 7.21 -36.48 -22.19
C ALA E 347 7.94 -37.81 -22.45
N LEU E 348 9.27 -37.81 -22.39
CA LEU E 348 10.06 -39.05 -22.64
C LEU E 348 9.79 -40.06 -21.52
N TYR E 349 9.73 -39.62 -20.27
CA TYR E 349 9.39 -40.52 -19.14
C TYR E 349 8.02 -41.16 -19.37
N THR E 350 7.05 -40.37 -19.80
CA THR E 350 5.66 -40.80 -20.00
C THR E 350 5.62 -41.92 -21.04
N LEU E 351 6.43 -41.83 -22.10
CA LEU E 351 6.41 -42.81 -23.22
C LEU E 351 7.41 -43.94 -23.02
N THR E 352 8.48 -43.79 -22.22
CA THR E 352 9.51 -44.84 -22.09
C THR E 352 9.50 -45.50 -20.71
N ASP E 353 9.00 -44.83 -19.68
CA ASP E 353 9.13 -45.27 -18.27
C ASP E 353 10.61 -45.42 -17.88
N ASP E 354 11.52 -44.78 -18.61
CA ASP E 354 12.97 -44.82 -18.31
C ASP E 354 13.26 -43.71 -17.27
N SER E 355 13.73 -44.12 -16.09
CA SER E 355 13.84 -43.24 -14.91
C SER E 355 14.96 -42.21 -15.11
N GLN E 356 15.87 -42.40 -16.10
CA GLN E 356 16.91 -41.40 -16.41
C GLN E 356 16.21 -40.06 -16.72
N TYR E 357 15.04 -40.08 -17.36
CA TYR E 357 14.31 -38.85 -17.74
C TYR E 357 13.78 -38.13 -16.49
N GLU E 358 13.30 -38.86 -15.50
CA GLU E 358 12.85 -38.23 -14.23
C GLU E 358 14.08 -37.67 -13.48
N GLU E 359 15.24 -38.35 -13.53
CA GLU E 359 16.44 -37.87 -12.81
C GLU E 359 16.87 -36.51 -13.38
N TRP E 360 16.88 -36.37 -14.71
CA TRP E 360 17.21 -35.09 -15.37
C TRP E 360 16.20 -34.04 -14.95
N TYR E 361 14.90 -34.34 -15.02
CA TYR E 361 13.83 -33.40 -14.60
C TYR E 361 14.13 -32.89 -13.18
N GLN E 362 14.46 -33.78 -12.27
CA GLN E 362 14.70 -33.44 -10.84
C GLN E 362 15.94 -32.56 -10.71
N LYS E 363 17.04 -32.93 -11.39
CA LYS E 363 18.31 -32.16 -11.44
C LYS E 363 18.03 -30.75 -11.97
N TRP E 364 17.27 -30.63 -13.05
CA TRP E 364 16.95 -29.31 -13.64
C TRP E 364 16.04 -28.51 -12.70
N TRP E 365 15.06 -29.14 -12.05
CA TRP E 365 14.25 -28.42 -11.04
C TRP E 365 15.15 -27.83 -9.94
N ASP E 366 16.15 -28.59 -9.47
CA ASP E 366 17.06 -28.16 -8.39
C ASP E 366 17.87 -26.93 -8.87
N TYR E 367 18.35 -26.98 -10.12
CA TYR E 367 19.09 -25.86 -10.72
C TYR E 367 18.16 -24.64 -10.80
N CYS E 368 16.93 -24.81 -11.27
CA CYS E 368 15.97 -23.70 -11.47
C CYS E 368 15.70 -22.98 -10.14
N ILE E 369 15.41 -23.68 -9.05
CA ILE E 369 15.10 -22.96 -7.77
C ILE E 369 16.39 -22.29 -7.26
N LYS E 370 17.55 -22.88 -7.50
CA LYS E 370 18.86 -22.33 -7.04
C LYS E 370 19.23 -21.03 -7.78
N TYR E 371 19.01 -20.93 -9.09
CA TYR E 371 19.58 -19.84 -9.93
C TYR E 371 18.53 -19.01 -10.67
N LEU E 372 17.38 -19.56 -11.06
CA LEU E 372 16.45 -18.85 -11.99
C LEU E 372 15.24 -18.28 -11.26
N MET E 373 14.69 -19.00 -10.29
CA MET E 373 13.43 -18.57 -9.64
C MET E 373 13.71 -17.33 -8.80
N ASP E 374 12.84 -16.33 -8.91
CA ASP E 374 13.02 -15.02 -8.24
C ASP E 374 11.80 -14.73 -7.35
N TYR E 375 11.87 -15.21 -6.12
CA TYR E 375 10.83 -14.99 -5.08
C TYR E 375 10.82 -13.51 -4.63
N GLU E 376 11.95 -12.81 -4.67
CA GLU E 376 12.04 -11.41 -4.21
C GLU E 376 11.31 -10.48 -5.20
N ASN E 377 11.61 -10.51 -6.50
CA ASN E 377 11.04 -9.53 -7.47
C ASN E 377 9.92 -10.13 -8.32
N GLY E 378 9.77 -11.47 -8.32
CA GLY E 378 8.66 -12.15 -9.03
C GLY E 378 9.14 -12.94 -10.22
N SER E 379 8.37 -13.99 -10.56
CA SER E 379 8.65 -14.83 -11.74
C SER E 379 10.05 -15.42 -11.63
N TRP E 380 10.72 -15.58 -12.76
CA TRP E 380 12.08 -16.17 -12.88
C TRP E 380 12.93 -15.15 -13.62
N TRP E 381 14.23 -15.16 -13.37
CA TRP E 381 15.22 -14.42 -14.21
C TRP E 381 15.13 -14.94 -15.64
N GLN E 382 15.40 -14.06 -16.61
CA GLN E 382 15.40 -14.42 -18.05
C GLN E 382 16.77 -14.97 -18.43
N GLU E 383 17.84 -14.56 -17.76
CA GLU E 383 19.21 -14.79 -18.30
C GLU E 383 20.27 -14.78 -17.18
N LEU E 384 21.18 -15.74 -17.21
CA LEU E 384 22.37 -15.78 -16.34
C LEU E 384 23.64 -15.80 -17.22
N ASP E 385 24.78 -15.41 -16.65
CA ASP E 385 26.11 -15.55 -17.28
C ASP E 385 26.57 -17.01 -17.15
N ALA E 386 27.75 -17.30 -17.69
CA ALA E 386 28.38 -18.64 -17.73
C ALA E 386 28.64 -19.18 -16.32
N ASP E 387 28.53 -18.35 -15.28
CA ASP E 387 28.74 -18.76 -13.86
C ASP E 387 27.39 -18.76 -13.14
N ASN E 388 26.27 -18.63 -13.88
CA ASN E 388 24.91 -18.77 -13.33
C ASN E 388 24.58 -17.59 -12.39
N LYS E 389 25.23 -16.43 -12.58
CA LYS E 389 24.87 -15.15 -11.92
C LYS E 389 23.98 -14.36 -12.89
N VAL E 390 22.96 -13.71 -12.35
CA VAL E 390 21.99 -12.89 -13.14
C VAL E 390 22.78 -11.88 -14.00
N THR E 391 22.36 -11.69 -15.24
CA THR E 391 23.03 -10.80 -16.22
C THR E 391 21.96 -10.18 -17.12
N THR E 392 22.36 -9.21 -17.94
CA THR E 392 21.57 -8.63 -19.06
C THR E 392 22.54 -8.58 -20.25
N LYS E 393 22.36 -9.42 -21.27
CA LYS E 393 23.24 -9.48 -22.47
C LYS E 393 22.36 -9.79 -23.68
N VAL E 394 21.86 -11.03 -23.78
CA VAL E 394 20.95 -11.47 -24.88
C VAL E 394 19.60 -10.77 -24.71
N TRP E 395 19.12 -10.62 -23.48
CA TRP E 395 17.71 -10.26 -23.19
C TRP E 395 17.59 -9.05 -22.27
N ASP E 396 16.35 -8.69 -21.90
CA ASP E 396 16.06 -7.41 -21.21
C ASP E 396 14.67 -7.46 -20.55
N GLY E 397 14.60 -7.88 -19.30
CA GLY E 397 13.35 -8.00 -18.53
C GLY E 397 12.84 -9.43 -18.40
N LYS E 398 11.56 -9.57 -18.06
CA LYS E 398 10.87 -10.86 -17.78
C LYS E 398 9.55 -10.89 -18.57
N GLN E 399 9.65 -10.70 -19.89
CA GLN E 399 8.50 -10.45 -20.80
C GLN E 399 7.71 -11.74 -21.09
N ASP E 400 8.22 -12.91 -20.73
CA ASP E 400 7.55 -14.21 -21.03
C ASP E 400 7.17 -14.99 -19.76
N ILE E 401 5.97 -15.56 -19.75
CA ILE E 401 5.61 -16.65 -18.79
C ILE E 401 5.10 -17.89 -19.52
N TYR E 402 4.90 -17.82 -20.83
CA TYR E 402 4.34 -18.93 -21.66
C TYR E 402 5.20 -20.19 -21.53
N HIS E 403 6.53 -20.09 -21.60
CA HIS E 403 7.42 -21.29 -21.52
C HIS E 403 7.19 -22.02 -20.19
N LEU E 404 6.91 -21.30 -19.11
CA LEU E 404 6.87 -21.92 -17.74
C LEU E 404 5.77 -22.97 -17.61
N LEU E 405 4.70 -22.87 -18.41
CA LEU E 405 3.60 -23.86 -18.37
C LEU E 405 4.13 -25.23 -18.81
N HIS E 406 5.23 -25.26 -19.57
CA HIS E 406 5.82 -26.51 -20.11
C HIS E 406 6.55 -27.29 -19.02
N CYS E 407 6.99 -26.65 -17.94
CA CYS E 407 7.57 -27.38 -16.77
C CYS E 407 6.62 -27.35 -15.55
N LEU E 408 5.55 -26.57 -15.58
CA LEU E 408 4.63 -26.41 -14.40
C LEU E 408 3.30 -27.14 -14.60
N VAL E 409 2.76 -27.17 -15.83
CA VAL E 409 1.41 -27.74 -16.12
C VAL E 409 1.54 -29.01 -16.95
N ILE E 410 2.40 -29.02 -17.96
CA ILE E 410 2.57 -30.20 -18.85
C ILE E 410 2.82 -31.47 -18.04
N PRO E 411 3.68 -31.48 -16.98
CA PRO E 411 3.89 -32.69 -16.19
C PRO E 411 2.71 -33.17 -15.35
N ARG E 412 1.60 -32.45 -15.37
CA ARG E 412 0.35 -32.82 -14.67
C ARG E 412 -0.70 -33.37 -15.64
N LEU E 413 -0.37 -33.47 -16.94
CA LEU E 413 -1.35 -33.79 -18.01
C LEU E 413 -0.84 -34.96 -18.84
N PRO E 414 -1.76 -35.71 -19.48
CA PRO E 414 -1.40 -36.63 -20.54
C PRO E 414 -0.79 -35.82 -21.70
N LEU E 415 -0.16 -36.50 -22.64
CA LEU E 415 0.47 -35.86 -23.83
C LEU E 415 -0.57 -35.57 -24.92
N ALA E 416 -1.73 -36.20 -24.86
CA ALA E 416 -2.90 -35.92 -25.75
C ALA E 416 -4.17 -35.83 -24.91
N PRO E 417 -5.10 -34.89 -25.19
CA PRO E 417 -4.85 -33.81 -26.13
C PRO E 417 -3.80 -32.85 -25.52
N GLY E 418 -3.47 -31.77 -26.23
CA GLY E 418 -2.48 -30.76 -25.84
C GLY E 418 -2.91 -29.93 -24.63
N LEU E 419 -2.04 -29.00 -24.23
CA LEU E 419 -2.05 -28.32 -22.91
C LEU E 419 -3.43 -27.69 -22.65
N ALA E 420 -3.87 -26.71 -23.44
CA ALA E 420 -5.13 -25.99 -23.13
C ALA E 420 -6.32 -26.95 -23.20
N PRO E 421 -6.48 -27.74 -24.28
CA PRO E 421 -7.57 -28.72 -24.35
C PRO E 421 -7.63 -29.69 -23.17
N ALA E 422 -6.49 -30.22 -22.75
CA ALA E 422 -6.39 -31.23 -21.66
C ALA E 422 -6.88 -30.62 -20.36
N VAL E 423 -6.44 -29.39 -20.04
CA VAL E 423 -6.88 -28.70 -18.80
C VAL E 423 -8.39 -28.50 -18.88
N ALA E 424 -8.89 -28.03 -20.02
CA ALA E 424 -10.33 -27.72 -20.20
C ALA E 424 -11.15 -29.01 -20.08
N ALA E 425 -10.58 -30.17 -20.47
CA ALA E 425 -11.26 -31.49 -20.43
C ALA E 425 -11.19 -32.12 -19.04
N GLY E 426 -10.66 -31.42 -18.03
CA GLY E 426 -10.63 -31.89 -16.63
C GLY E 426 -9.49 -32.87 -16.36
N LEU E 427 -8.42 -32.87 -17.17
CA LEU E 427 -7.39 -33.94 -17.08
C LEU E 427 -6.25 -33.59 -16.12
N LEU E 428 -6.23 -32.41 -15.48
CA LEU E 428 -5.15 -32.06 -14.52
C LEU E 428 -5.03 -33.15 -13.45
N ASP E 429 -3.84 -33.71 -13.24
CA ASP E 429 -3.55 -34.73 -12.20
C ASP E 429 -4.29 -36.04 -12.47
N ILE E 430 -4.84 -36.26 -13.67
CA ILE E 430 -5.60 -37.51 -13.95
C ILE E 430 -4.72 -38.74 -13.62
N ASN E 431 -3.41 -38.66 -13.79
CA ASN E 431 -2.49 -39.83 -13.62
C ASN E 431 -1.81 -39.82 -12.26
N ALA E 432 -2.12 -38.86 -11.35
CA ALA E 432 -1.37 -38.63 -10.11
C ALA E 432 -2.10 -39.25 -8.92
N LYS E 433 -1.40 -39.70 -7.86
CA LYS E 433 -1.97 -40.36 -6.63
C LYS E 433 -1.32 -39.76 -5.35
N HIS F 9 -7.11 -44.75 31.79
CA HIS F 9 -6.22 -43.68 31.23
C HIS F 9 -7.06 -42.46 30.81
N HIS F 10 -7.16 -41.48 31.70
CA HIS F 10 -7.90 -40.22 31.50
C HIS F 10 -7.16 -39.12 32.27
N SER F 11 -6.82 -38.04 31.59
CA SER F 11 -6.02 -36.91 32.14
C SER F 11 -6.98 -35.76 32.48
N SER F 12 -6.63 -35.01 33.53
CA SER F 12 -7.24 -33.68 33.83
C SER F 12 -6.95 -32.71 32.69
N GLY F 13 -7.82 -31.70 32.48
CA GLY F 13 -7.55 -30.49 31.67
C GLY F 13 -8.50 -30.31 30.50
N LEU F 14 -9.37 -31.29 30.22
CA LEU F 14 -10.38 -31.24 29.12
C LEU F 14 -11.78 -31.13 29.74
N VAL F 15 -12.56 -30.14 29.27
CA VAL F 15 -14.02 -30.01 29.56
C VAL F 15 -14.73 -31.14 28.83
N PRO F 16 -15.61 -31.91 29.52
CA PRO F 16 -16.30 -33.03 28.87
C PRO F 16 -17.09 -32.53 27.65
N ARG F 17 -16.88 -33.15 26.51
CA ARG F 17 -17.56 -32.77 25.25
C ARG F 17 -18.02 -34.05 24.59
N GLY F 18 -19.16 -34.01 23.88
CA GLY F 18 -19.67 -35.19 23.17
C GLY F 18 -19.17 -35.25 21.74
N SER F 19 -19.39 -34.17 20.98
CA SER F 19 -19.02 -34.12 19.55
C SER F 19 -17.56 -33.63 19.44
N HIS F 20 -16.77 -34.31 18.62
CA HIS F 20 -15.35 -33.96 18.35
C HIS F 20 -15.37 -33.32 16.96
N MET F 21 -14.70 -32.19 16.75
CA MET F 21 -14.21 -31.82 15.40
C MET F 21 -13.40 -33.00 14.88
N LYS F 22 -13.47 -33.26 13.60
CA LYS F 22 -12.61 -34.25 12.91
C LYS F 22 -11.52 -33.50 12.15
N TRP F 23 -10.25 -33.73 12.52
CA TRP F 23 -9.07 -33.21 11.80
C TRP F 23 -8.27 -34.37 11.24
N PHE F 24 -7.90 -35.33 12.09
CA PHE F 24 -7.07 -36.48 11.67
C PHE F 24 -7.71 -37.11 10.44
N ASN F 25 -6.90 -37.38 9.41
CA ASN F 25 -7.35 -38.12 8.20
C ASN F 25 -8.38 -37.30 7.42
N THR F 26 -8.39 -35.99 7.56
CA THR F 26 -9.15 -35.08 6.66
C THR F 26 -8.14 -34.34 5.77
N LEU F 27 -8.43 -34.28 4.47
CA LEU F 27 -7.57 -33.60 3.48
C LEU F 27 -7.50 -32.10 3.80
N SER F 28 -8.57 -31.53 4.36
CA SER F 28 -8.61 -30.10 4.73
C SER F 28 -7.52 -29.82 5.79
N HIS F 29 -7.46 -30.60 6.88
CA HIS F 29 -6.40 -30.43 7.92
C HIS F 29 -5.03 -30.72 7.29
N ASN F 30 -4.92 -31.78 6.52
CA ASN F 30 -3.63 -32.22 5.95
C ASN F 30 -3.10 -31.19 4.94
N ARG F 31 -3.97 -30.44 4.27
CA ARG F 31 -3.55 -29.34 3.36
C ARG F 31 -2.94 -28.22 4.20
N TRP F 32 -3.59 -27.86 5.31
CA TRP F 32 -3.02 -26.86 6.25
C TRP F 32 -1.64 -27.33 6.72
N LEU F 33 -1.49 -28.60 7.10
CA LEU F 33 -0.21 -29.18 7.57
C LEU F 33 0.85 -29.05 6.46
N GLU F 34 0.51 -29.39 5.21
CA GLU F 34 1.53 -29.37 4.14
C GLU F 34 2.03 -27.94 3.91
N GLN F 35 1.13 -26.97 3.97
CA GLN F 35 1.45 -25.54 3.68
C GLN F 35 2.33 -25.01 4.80
N GLU F 36 2.08 -25.40 6.06
CA GLU F 36 2.99 -25.04 7.16
C GLU F 36 4.32 -25.77 6.96
N THR F 37 4.30 -27.02 6.52
CA THR F 37 5.55 -27.78 6.26
C THR F 37 6.45 -27.00 5.27
N ASP F 38 5.88 -26.48 4.18
CA ASP F 38 6.66 -25.71 3.16
C ASP F 38 7.27 -24.46 3.80
N ARG F 39 6.52 -23.77 4.67
CA ARG F 39 7.03 -22.58 5.40
C ARG F 39 8.27 -23.01 6.22
N ILE F 40 8.24 -24.18 6.83
CA ILE F 40 9.35 -24.67 7.71
C ILE F 40 10.54 -25.09 6.83
N PHE F 41 10.31 -25.79 5.72
CA PHE F 41 11.39 -26.21 4.79
C PHE F 41 12.16 -24.96 4.34
N ASN F 42 11.42 -23.90 3.99
CA ASN F 42 12.02 -22.65 3.42
C ASN F 42 12.91 -21.99 4.47
N PHE F 43 12.50 -22.00 5.75
CA PHE F 43 13.28 -21.40 6.87
C PHE F 43 14.63 -22.11 7.01
N GLY F 44 14.68 -23.44 6.89
CA GLY F 44 15.90 -24.20 7.15
C GLY F 44 16.94 -24.03 6.05
N LYS F 45 16.55 -23.61 4.86
CA LYS F 45 17.48 -23.48 3.70
C LYS F 45 18.59 -22.47 4.00
N ASN F 46 18.33 -21.45 4.81
CA ASN F 46 19.35 -20.40 5.12
C ASN F 46 20.47 -20.99 5.99
N ALA F 47 20.37 -22.24 6.47
CA ALA F 47 21.39 -22.83 7.38
C ALA F 47 22.58 -23.40 6.60
N VAL F 48 22.52 -23.43 5.27
CA VAL F 48 23.61 -24.00 4.42
C VAL F 48 24.89 -23.20 4.67
N VAL F 49 25.96 -23.87 5.12
CA VAL F 49 27.34 -23.31 5.22
C VAL F 49 28.29 -24.32 4.56
N PRO F 50 29.50 -23.91 4.16
CA PRO F 50 30.44 -24.83 3.52
C PRO F 50 30.68 -26.16 4.25
N THR F 51 30.69 -26.17 5.58
CA THR F 51 31.01 -27.37 6.39
C THR F 51 29.76 -28.18 6.76
N GLY F 52 28.55 -27.76 6.36
CA GLY F 52 27.31 -28.49 6.71
C GLY F 52 26.14 -27.55 6.89
N PHE F 53 25.50 -27.62 8.05
CA PHE F 53 24.34 -26.76 8.38
C PHE F 53 24.65 -25.96 9.65
N GLY F 54 24.50 -24.65 9.57
CA GLY F 54 24.74 -23.72 10.67
C GLY F 54 23.55 -23.66 11.62
N TRP F 55 23.68 -22.76 12.58
CA TRP F 55 22.75 -22.59 13.73
C TRP F 55 21.93 -21.32 13.46
N LEU F 56 20.65 -21.47 13.07
CA LEU F 56 19.79 -20.32 12.70
C LEU F 56 19.33 -19.59 13.96
N GLY F 57 19.35 -18.25 13.90
CA GLY F 57 18.81 -17.35 14.94
C GLY F 57 17.36 -17.00 14.64
N ASN F 58 16.81 -16.06 15.40
CA ASN F 58 15.34 -15.81 15.49
C ASN F 58 14.82 -15.16 14.22
N LYS F 59 15.68 -14.64 13.33
CA LYS F 59 15.23 -14.06 12.04
C LYS F 59 15.77 -14.89 10.88
N GLY F 60 16.24 -16.10 11.16
CA GLY F 60 16.67 -17.05 10.13
C GLY F 60 18.07 -16.70 9.59
N GLN F 61 18.85 -15.93 10.34
CA GLN F 61 20.27 -15.63 10.03
C GLN F 61 21.16 -16.69 10.69
N ILE F 62 22.27 -17.04 10.06
CA ILE F 62 23.30 -17.94 10.67
C ILE F 62 23.95 -17.21 11.86
N LYS F 63 24.00 -17.86 13.01
CA LYS F 63 24.82 -17.45 14.18
C LYS F 63 26.18 -18.14 14.02
N GLU F 64 27.11 -17.46 13.33
CA GLU F 64 28.43 -18.01 12.92
C GLU F 64 29.22 -18.43 14.17
N GLU F 65 29.02 -17.76 15.30
CA GLU F 65 29.73 -18.07 16.58
C GLU F 65 29.44 -19.53 17.02
N MET F 66 28.31 -20.12 16.61
CA MET F 66 27.90 -21.47 17.08
C MET F 66 28.60 -22.56 16.25
N GLY F 67 29.13 -22.21 15.08
CA GLY F 67 29.78 -23.16 14.15
C GLY F 67 28.81 -24.20 13.61
N THR F 68 29.35 -25.32 13.13
CA THR F 68 28.63 -26.44 12.45
C THR F 68 28.54 -27.64 13.40
N HIS F 69 27.37 -27.91 13.95
CA HIS F 69 27.13 -29.04 14.89
C HIS F 69 26.76 -30.30 14.09
N LEU F 70 27.27 -31.44 14.53
CA LEU F 70 26.95 -32.77 13.96
C LEU F 70 25.44 -32.98 14.04
N TRP F 71 24.84 -32.74 15.22
CA TRP F 71 23.41 -33.04 15.45
C TRP F 71 22.56 -32.21 14.50
N ILE F 72 22.89 -30.93 14.31
CA ILE F 72 22.11 -30.04 13.43
C ILE F 72 22.27 -30.49 11.96
N THR F 73 23.51 -30.85 11.57
CA THR F 73 23.81 -31.22 10.16
C THR F 73 23.06 -32.53 9.85
N ALA F 74 23.12 -33.51 10.75
CA ALA F 74 22.46 -34.84 10.56
C ALA F 74 20.94 -34.66 10.52
N ARG F 75 20.39 -33.79 11.36
CA ARG F 75 18.93 -33.53 11.41
C ARG F 75 18.49 -32.88 10.09
N MET F 76 19.25 -31.91 9.57
CA MET F 76 18.89 -31.23 8.29
C MET F 76 18.99 -32.24 7.13
N LEU F 77 19.94 -33.17 7.16
CA LEU F 77 20.03 -34.24 6.14
C LEU F 77 18.71 -35.03 6.12
N HIS F 78 18.23 -35.42 7.30
CA HIS F 78 16.94 -36.12 7.51
C HIS F 78 15.78 -35.27 6.96
N VAL F 79 15.72 -33.99 7.36
CA VAL F 79 14.59 -33.09 7.01
C VAL F 79 14.48 -32.98 5.48
N TYR F 80 15.59 -32.73 4.80
CA TYR F 80 15.58 -32.45 3.33
C TYR F 80 15.45 -33.76 2.57
N SER F 81 15.73 -34.92 3.19
CA SER F 81 15.35 -36.23 2.60
C SER F 81 13.82 -36.28 2.46
N VAL F 82 13.09 -35.94 3.52
CA VAL F 82 11.60 -35.92 3.52
C VAL F 82 11.13 -34.91 2.46
N ALA F 83 11.68 -33.71 2.46
CA ALA F 83 11.29 -32.63 1.52
C ALA F 83 11.48 -33.13 0.08
N ALA F 84 12.60 -33.81 -0.18
CA ALA F 84 12.95 -34.31 -1.53
C ALA F 84 11.91 -35.37 -1.94
N SER F 85 11.53 -36.29 -1.06
CA SER F 85 10.49 -37.30 -1.36
C SER F 85 9.14 -36.59 -1.57
N MET F 86 8.95 -35.40 -1.02
CA MET F 86 7.67 -34.64 -1.16
C MET F 86 7.67 -33.88 -2.48
N GLY F 87 8.74 -33.98 -3.26
CA GLY F 87 8.82 -33.38 -4.60
C GLY F 87 9.13 -31.89 -4.57
N ARG F 88 9.82 -31.39 -3.54
CA ARG F 88 10.25 -29.97 -3.44
C ARG F 88 11.60 -29.76 -4.12
N PRO F 89 11.63 -28.96 -5.22
CA PRO F 89 12.89 -28.63 -5.88
C PRO F 89 13.87 -28.00 -4.86
N GLY F 90 15.15 -28.34 -4.96
CA GLY F 90 16.22 -27.81 -4.11
C GLY F 90 16.49 -28.69 -2.90
N ALA F 91 15.52 -29.47 -2.44
CA ALA F 91 15.67 -30.34 -1.24
C ALA F 91 16.81 -31.36 -1.48
N TYR F 92 16.84 -31.97 -2.65
CA TYR F 92 17.82 -33.03 -3.00
C TYR F 92 19.24 -32.45 -2.97
N ASP F 93 19.40 -31.20 -3.40
CA ASP F 93 20.66 -30.44 -3.32
C ASP F 93 21.10 -30.34 -1.86
N LEU F 94 20.17 -30.10 -0.94
CA LEU F 94 20.49 -30.02 0.51
C LEU F 94 20.85 -31.42 1.02
N VAL F 95 20.24 -32.48 0.50
CA VAL F 95 20.59 -33.90 0.88
C VAL F 95 22.03 -34.13 0.44
N ASP F 96 22.34 -33.79 -0.81
CA ASP F 96 23.70 -33.91 -1.38
C ASP F 96 24.68 -33.10 -0.53
N HIS F 97 24.34 -31.86 -0.20
CA HIS F 97 25.21 -31.02 0.67
C HIS F 97 25.41 -31.72 2.03
N GLY F 98 24.35 -32.26 2.62
CA GLY F 98 24.42 -32.97 3.91
C GLY F 98 25.37 -34.17 3.84
N ILE F 99 25.25 -34.99 2.80
CA ILE F 99 26.11 -36.20 2.62
C ILE F 99 27.57 -35.75 2.43
N LYS F 100 27.81 -34.71 1.63
CA LYS F 100 29.19 -34.16 1.46
C LYS F 100 29.76 -33.71 2.81
N ALA F 101 28.98 -33.04 3.65
CA ALA F 101 29.40 -32.60 5.00
C ALA F 101 29.71 -33.81 5.88
N MET F 102 28.95 -34.90 5.78
CA MET F 102 29.17 -36.14 6.60
C MET F 102 30.40 -36.89 6.07
N ASN F 103 30.86 -36.61 4.85
CA ASN F 103 32.08 -37.22 4.27
C ASN F 103 33.26 -36.23 4.35
N GLY F 104 33.04 -34.99 4.82
CA GLY F 104 34.03 -33.89 4.79
C GLY F 104 34.48 -33.46 6.18
N ALA F 105 34.40 -32.17 6.48
CA ALA F 105 35.06 -31.56 7.65
C ALA F 105 34.56 -32.18 8.98
N LEU F 106 33.29 -32.59 9.07
CA LEU F 106 32.75 -33.20 10.31
C LEU F 106 33.37 -34.58 10.54
N ARG F 107 33.81 -35.24 9.48
CA ARG F 107 34.28 -36.65 9.56
C ARG F 107 35.71 -36.66 10.12
N ASP F 108 35.93 -37.45 11.17
CA ASP F 108 37.28 -37.65 11.75
C ASP F 108 38.04 -38.64 10.87
N LYS F 109 38.99 -38.15 10.06
CA LYS F 109 39.73 -38.99 9.10
C LYS F 109 40.74 -39.88 9.82
N LYS F 110 41.20 -39.51 11.03
CA LYS F 110 42.21 -40.26 11.82
C LYS F 110 41.52 -41.38 12.61
N TYR F 111 40.49 -41.09 13.42
CA TYR F 111 39.89 -42.07 14.36
C TYR F 111 38.51 -42.58 13.90
N GLY F 112 37.89 -41.96 12.91
CA GLY F 112 36.54 -42.35 12.45
C GLY F 112 35.43 -41.68 13.25
N GLY F 113 34.18 -41.90 12.84
CA GLY F 113 33.02 -41.15 13.35
C GLY F 113 33.17 -39.67 13.05
N TRP F 114 32.49 -38.83 13.83
CA TRP F 114 32.31 -37.40 13.53
C TRP F 114 32.57 -36.57 14.78
N TYR F 115 33.30 -35.48 14.59
CA TYR F 115 33.45 -34.38 15.57
C TYR F 115 32.06 -33.83 15.90
N ALA F 116 31.85 -33.40 17.14
CA ALA F 116 30.59 -32.79 17.62
C ALA F 116 30.37 -31.43 16.94
N CYS F 117 31.45 -30.69 16.66
CA CYS F 117 31.34 -29.30 16.15
C CYS F 117 32.62 -28.91 15.40
N VAL F 118 32.47 -28.33 14.20
CA VAL F 118 33.57 -27.76 13.38
C VAL F 118 33.14 -26.38 12.88
N ASN F 119 34.08 -25.63 12.33
CA ASN F 119 33.82 -24.39 11.57
C ASN F 119 34.86 -24.31 10.46
N ASP F 120 34.89 -23.21 9.72
CA ASP F 120 35.76 -23.05 8.52
C ASP F 120 37.24 -23.14 8.89
N GLN F 121 37.61 -22.89 10.15
CA GLN F 121 39.02 -22.86 10.62
C GLN F 121 39.47 -24.26 11.04
N GLY F 122 38.57 -25.10 11.58
CA GLY F 122 38.89 -26.49 11.98
C GLY F 122 37.91 -27.01 13.02
N VAL F 123 38.40 -27.91 13.89
CA VAL F 123 37.56 -28.62 14.90
C VAL F 123 37.34 -27.71 16.11
N VAL F 124 36.10 -27.61 16.58
CA VAL F 124 35.68 -26.80 17.75
C VAL F 124 35.47 -27.75 18.93
N ASP F 125 34.79 -28.88 18.72
CA ASP F 125 34.54 -29.91 19.76
C ASP F 125 34.83 -31.26 19.11
N ALA F 126 35.90 -31.92 19.53
CA ALA F 126 36.46 -33.14 18.91
C ALA F 126 35.82 -34.38 19.53
N SER F 127 34.99 -34.21 20.56
CA SER F 127 34.40 -35.35 21.31
C SER F 127 33.44 -36.12 20.39
N LYS F 128 33.24 -37.40 20.74
CA LYS F 128 32.42 -38.38 19.98
C LYS F 128 31.15 -38.63 20.80
N GLN F 129 30.10 -37.89 20.51
CA GLN F 129 28.84 -37.84 21.31
C GLN F 129 27.88 -38.87 20.71
N GLY F 130 27.48 -39.86 21.52
CA GLY F 130 26.53 -40.92 21.12
C GLY F 130 25.22 -40.32 20.62
N TYR F 131 24.69 -39.35 21.35
CA TYR F 131 23.42 -38.66 21.02
C TYR F 131 23.50 -38.21 19.54
N GLN F 132 24.60 -37.58 19.18
CA GLN F 132 24.82 -36.95 17.85
C GLN F 132 25.10 -38.02 16.81
N HIS F 133 25.75 -39.12 17.18
CA HIS F 133 26.05 -40.23 16.24
C HIS F 133 24.75 -40.94 15.83
N PHE F 134 23.80 -41.09 16.75
CA PHE F 134 22.48 -41.70 16.47
C PHE F 134 21.69 -40.80 15.51
N PHE F 135 21.86 -39.47 15.57
CA PHE F 135 21.27 -38.55 14.58
C PHE F 135 21.99 -38.74 13.24
N ALA F 136 23.29 -39.00 13.24
CA ALA F 136 24.04 -39.31 12.01
C ALA F 136 23.40 -40.56 11.37
N LEU F 137 23.10 -41.57 12.18
CA LEU F 137 22.50 -42.84 11.68
C LEU F 137 21.11 -42.56 11.10
N LEU F 138 20.27 -41.78 11.78
CA LEU F 138 18.92 -41.41 11.30
C LEU F 138 19.07 -40.67 9.97
N GLY F 139 19.93 -39.67 9.91
CA GLY F 139 20.15 -38.85 8.71
C GLY F 139 20.55 -39.72 7.52
N ALA F 140 21.48 -40.66 7.71
CA ALA F 140 21.96 -41.57 6.66
C ALA F 140 20.81 -42.48 6.21
N ALA F 141 20.04 -43.02 7.15
CA ALA F 141 18.93 -43.94 6.82
C ALA F 141 17.83 -43.19 6.07
N SER F 142 17.48 -41.98 6.50
CA SER F 142 16.47 -41.14 5.79
C SER F 142 17.00 -40.81 4.38
N ALA F 143 18.28 -40.47 4.26
CA ALA F 143 18.89 -40.11 2.95
C ALA F 143 18.82 -41.30 1.99
N VAL F 144 18.93 -42.54 2.49
CA VAL F 144 18.81 -43.76 1.66
C VAL F 144 17.46 -43.74 0.92
N THR F 145 16.37 -43.26 1.54
CA THR F 145 15.02 -43.30 0.93
C THR F 145 14.95 -42.41 -0.32
N THR F 146 15.87 -41.48 -0.49
CA THR F 146 15.93 -40.59 -1.67
C THR F 146 16.67 -41.28 -2.82
N GLY F 147 17.40 -42.36 -2.55
CA GLY F 147 18.23 -43.04 -3.56
C GLY F 147 19.47 -42.23 -3.93
N HIS F 148 19.82 -41.18 -3.18
CA HIS F 148 21.12 -40.48 -3.41
C HIS F 148 22.19 -41.56 -3.52
N PRO F 149 23.03 -41.54 -4.59
CA PRO F 149 23.98 -42.63 -4.83
C PRO F 149 25.06 -42.84 -3.75
N GLU F 150 25.31 -41.87 -2.87
CA GLU F 150 26.29 -42.01 -1.77
C GLU F 150 25.59 -42.30 -0.43
N ALA F 151 24.26 -42.38 -0.38
CA ALA F 151 23.51 -42.51 0.90
C ALA F 151 23.78 -43.90 1.51
N ARG F 152 23.66 -44.97 0.73
CA ARG F 152 23.81 -46.36 1.23
C ARG F 152 25.24 -46.53 1.78
N LYS F 153 26.27 -46.02 1.09
CA LYS F 153 27.68 -46.08 1.55
C LYS F 153 27.79 -45.32 2.88
N LEU F 154 27.14 -44.16 3.01
CA LEU F 154 27.19 -43.38 4.28
C LEU F 154 26.51 -44.20 5.38
N LEU F 155 25.36 -44.80 5.11
CA LEU F 155 24.65 -45.62 6.13
C LEU F 155 25.56 -46.79 6.55
N ASP F 156 26.20 -47.49 5.60
CA ASP F 156 27.04 -48.68 5.92
C ASP F 156 28.19 -48.25 6.83
N TYR F 157 28.82 -47.11 6.53
CA TYR F 157 29.92 -46.59 7.37
C TYR F 157 29.38 -46.25 8.77
N THR F 158 28.25 -45.54 8.85
CA THR F 158 27.67 -45.09 10.13
C THR F 158 27.36 -46.31 10.98
N ILE F 159 26.80 -47.35 10.39
CA ILE F 159 26.49 -48.63 11.07
C ILE F 159 27.78 -49.19 11.69
N GLU F 160 28.89 -49.21 10.94
CA GLU F 160 30.17 -49.75 11.47
C GLU F 160 30.58 -48.96 12.72
N VAL F 161 30.48 -47.63 12.67
CA VAL F 161 30.88 -46.74 13.81
C VAL F 161 29.95 -47.04 15.00
N ILE F 162 28.64 -47.11 14.75
CA ILE F 162 27.65 -47.37 15.83
C ILE F 162 27.98 -48.73 16.47
N GLU F 163 28.23 -49.76 15.68
CA GLU F 163 28.43 -51.14 16.22
C GLU F 163 29.80 -51.27 16.91
N LYS F 164 30.78 -50.48 16.49
CA LYS F 164 32.12 -50.48 17.10
C LYS F 164 32.05 -49.76 18.46
N TYR F 165 31.38 -48.62 18.57
CA TYR F 165 31.59 -47.69 19.73
C TYR F 165 30.32 -47.33 20.49
N PHE F 166 29.10 -47.47 19.94
CA PHE F 166 27.91 -46.88 20.58
C PHE F 166 26.88 -47.93 20.98
N TRP F 167 26.75 -49.02 20.25
CA TRP F 167 25.97 -50.20 20.70
C TRP F 167 26.90 -51.16 21.41
N SER F 168 26.61 -51.48 22.67
CA SER F 168 27.39 -52.45 23.49
C SER F 168 26.69 -53.81 23.46
N GLU F 169 27.33 -54.82 22.87
CA GLU F 169 26.84 -56.23 22.87
C GLU F 169 26.83 -56.73 24.33
N GLU F 170 27.78 -56.30 25.17
CA GLU F 170 27.87 -56.73 26.60
C GLU F 170 26.63 -56.23 27.38
N GLU F 171 26.30 -54.93 27.28
CA GLU F 171 25.19 -54.31 28.03
C GLU F 171 23.85 -54.47 27.28
N GLN F 172 23.88 -54.70 25.96
CA GLN F 172 22.68 -54.72 25.10
C GLN F 172 21.95 -53.38 25.32
N MET F 173 22.70 -52.29 25.28
CA MET F 173 22.23 -50.90 25.42
C MET F 173 23.25 -50.02 24.70
N CYS F 174 22.98 -48.72 24.57
CA CYS F 174 23.89 -47.76 23.91
C CYS F 174 24.76 -47.06 24.95
N LEU F 175 26.03 -46.86 24.60
CA LEU F 175 26.99 -46.03 25.37
C LEU F 175 26.66 -44.57 25.13
N GLU F 176 27.31 -43.66 25.84
CA GLU F 176 26.98 -42.22 25.82
C GLU F 176 27.98 -41.47 24.94
N SER F 177 29.26 -41.48 25.27
CA SER F 177 30.26 -40.65 24.58
C SER F 177 31.67 -41.18 24.81
N TRP F 178 32.56 -40.72 23.94
CA TRP F 178 34.00 -41.02 23.97
C TRP F 178 34.77 -39.72 23.73
N ASP F 179 36.04 -39.71 24.13
CA ASP F 179 37.05 -38.72 23.66
C ASP F 179 37.22 -38.89 22.15
N GLU F 180 37.85 -37.91 21.51
CA GLU F 180 38.19 -37.89 20.06
C GLU F 180 38.72 -39.26 19.62
N ALA F 181 39.67 -39.83 20.35
CA ALA F 181 40.48 -41.00 19.92
C ALA F 181 39.77 -42.32 20.22
N PHE F 182 38.55 -42.30 20.77
CA PHE F 182 37.82 -43.53 21.20
C PHE F 182 38.71 -44.37 22.13
N SER F 183 39.42 -43.73 23.07
CA SER F 183 40.28 -44.42 24.08
C SER F 183 39.52 -44.65 25.40
N GLN F 184 38.67 -43.73 25.84
CA GLN F 184 37.91 -43.83 27.11
C GLN F 184 36.44 -43.43 26.87
N THR F 185 35.49 -44.28 27.29
CA THR F 185 34.04 -43.96 27.26
C THR F 185 33.63 -43.29 28.57
N GLU F 186 32.65 -42.38 28.52
CA GLU F 186 32.10 -41.65 29.68
C GLU F 186 31.52 -42.65 30.70
N ASP F 187 31.75 -42.39 31.99
CA ASP F 187 31.21 -43.17 33.14
C ASP F 187 29.78 -42.66 33.40
N TYR F 188 28.88 -42.92 32.46
CA TYR F 188 27.50 -42.37 32.37
C TYR F 188 26.76 -43.14 31.28
N ARG F 189 25.47 -43.41 31.53
CA ARG F 189 24.54 -43.97 30.53
C ARG F 189 23.29 -43.10 30.53
N GLY F 190 22.80 -42.77 29.32
CA GLY F 190 21.78 -41.72 29.11
C GLY F 190 20.54 -42.25 28.39
N GLY F 191 19.38 -41.91 28.93
CA GLY F 191 18.07 -42.11 28.28
C GLY F 191 18.02 -41.43 26.90
N ASN F 192 18.59 -40.22 26.78
CA ASN F 192 18.42 -39.35 25.60
C ASN F 192 19.11 -40.01 24.39
N ALA F 193 20.37 -40.40 24.53
CA ALA F 193 21.14 -41.10 23.49
C ALA F 193 20.41 -42.40 23.11
N ASN F 194 19.95 -43.14 24.12
CA ASN F 194 19.28 -44.45 23.88
C ASN F 194 17.92 -44.22 23.19
N MET F 195 17.24 -43.11 23.48
CA MET F 195 15.93 -42.80 22.85
C MET F 195 16.15 -42.53 21.35
N HIS F 196 17.16 -41.71 21.01
CA HIS F 196 17.46 -41.33 19.60
C HIS F 196 18.07 -42.52 18.87
N ALA F 197 18.68 -43.47 19.59
CA ALA F 197 19.07 -44.77 19.01
C ALA F 197 17.83 -45.53 18.52
N VAL F 198 16.79 -45.63 19.35
CA VAL F 198 15.53 -46.32 18.99
C VAL F 198 14.97 -45.66 17.73
N GLU F 199 14.94 -44.33 17.70
CA GLU F 199 14.40 -43.52 16.58
C GLU F 199 15.16 -43.88 15.29
N ALA F 200 16.49 -43.89 15.34
CA ALA F 200 17.36 -44.18 14.17
C ALA F 200 17.22 -45.65 13.75
N PHE F 201 17.20 -46.57 14.71
CA PHE F 201 17.14 -48.03 14.47
C PHE F 201 15.87 -48.38 13.71
N LEU F 202 14.74 -47.72 14.03
CA LEU F 202 13.45 -47.93 13.32
C LEU F 202 13.65 -47.68 11.82
N ILE F 203 14.35 -46.61 11.47
CA ILE F 203 14.51 -46.21 10.03
C ILE F 203 15.58 -47.11 9.39
N VAL F 204 16.62 -47.47 10.14
CA VAL F 204 17.67 -48.40 9.63
C VAL F 204 16.99 -49.74 9.31
N TYR F 205 16.10 -50.19 10.20
CA TYR F 205 15.27 -51.40 9.96
C TYR F 205 14.48 -51.23 8.66
N ASP F 206 13.84 -50.09 8.46
CA ASP F 206 12.96 -49.85 7.29
C ASP F 206 13.80 -49.89 6.00
N VAL F 207 15.10 -49.56 6.03
CA VAL F 207 15.91 -49.57 4.78
C VAL F 207 16.86 -50.78 4.72
N THR F 208 16.80 -51.72 5.65
CA THR F 208 17.65 -52.94 5.62
C THR F 208 16.83 -54.24 5.76
N HIS F 209 15.71 -54.19 6.50
CA HIS F 209 14.99 -55.38 7.04
C HIS F 209 15.99 -56.40 7.60
N ASP F 210 17.04 -55.90 8.23
CA ASP F 210 17.89 -56.69 9.16
C ASP F 210 17.29 -56.56 10.57
N LYS F 211 16.70 -57.67 11.06
CA LYS F 211 15.80 -57.78 12.24
C LYS F 211 16.48 -57.18 13.47
N LYS F 212 17.79 -57.30 13.56
CA LYS F 212 18.56 -56.92 14.77
C LYS F 212 18.27 -55.45 15.12
N TRP F 213 18.02 -54.57 14.15
CA TRP F 213 17.77 -53.13 14.45
C TRP F 213 16.48 -52.98 15.28
N LEU F 214 15.46 -53.75 14.95
CA LEU F 214 14.17 -53.70 15.66
C LEU F 214 14.29 -54.43 17.01
N ASP F 215 15.06 -55.52 17.05
CA ASP F 215 15.36 -56.26 18.30
C ASP F 215 16.07 -55.33 19.29
N ARG F 216 17.07 -54.60 18.82
CA ARG F 216 17.82 -53.63 19.67
C ARG F 216 16.86 -52.53 20.18
N ALA F 217 16.02 -51.98 19.31
CA ALA F 217 15.05 -50.93 19.69
C ALA F 217 14.12 -51.47 20.80
N LEU F 218 13.55 -52.68 20.63
CA LEU F 218 12.63 -53.30 21.62
C LEU F 218 13.36 -53.48 22.96
N ARG F 219 14.60 -53.96 22.92
CA ARG F 219 15.45 -54.18 24.11
C ARG F 219 15.66 -52.85 24.84
N ILE F 220 16.07 -51.79 24.13
CA ILE F 220 16.33 -50.47 24.77
C ILE F 220 15.06 -50.03 25.48
N ALA F 221 13.90 -50.10 24.81
CA ALA F 221 12.61 -49.64 25.36
C ALA F 221 12.27 -50.50 26.58
N SER F 222 12.55 -51.81 26.54
CA SER F 222 12.19 -52.75 27.64
C SER F 222 12.91 -52.30 28.90
N VAL F 223 14.14 -51.80 28.80
CA VAL F 223 14.98 -51.43 29.97
C VAL F 223 14.57 -50.05 30.48
N ILE F 224 14.54 -49.03 29.62
CA ILE F 224 14.37 -47.62 30.06
C ILE F 224 12.90 -47.34 30.40
N ILE F 225 11.95 -47.94 29.68
CA ILE F 225 10.50 -47.68 29.86
C ILE F 225 9.87 -48.81 30.65
N HIS F 226 9.86 -50.03 30.12
CA HIS F 226 9.04 -51.13 30.71
C HIS F 226 9.55 -51.49 32.10
N ASP F 227 10.86 -51.51 32.33
CA ASP F 227 11.45 -51.73 33.67
C ASP F 227 11.41 -50.42 34.48
N VAL F 228 12.30 -49.45 34.22
CA VAL F 228 12.55 -48.30 35.14
C VAL F 228 11.36 -47.32 35.13
N ALA F 229 10.98 -46.75 33.98
CA ALA F 229 9.91 -45.71 33.91
C ALA F 229 8.60 -46.24 34.52
N ARG F 230 8.13 -47.41 34.10
CA ARG F 230 6.83 -47.99 34.53
C ARG F 230 6.81 -48.12 36.07
N ASN F 231 7.92 -48.54 36.68
CA ASN F 231 8.03 -48.76 38.14
C ASN F 231 8.06 -47.41 38.89
N GLY F 232 8.33 -46.28 38.22
CA GLY F 232 8.33 -44.92 38.81
C GLY F 232 7.21 -44.05 38.25
N ASP F 233 6.01 -44.59 38.08
CA ASP F 233 4.78 -43.83 37.64
C ASP F 233 5.02 -43.19 36.28
N TYR F 234 5.83 -43.84 35.43
CA TYR F 234 6.11 -43.46 34.03
C TYR F 234 6.87 -42.14 34.00
N ARG F 235 7.58 -41.80 35.09
CA ARG F 235 8.58 -40.71 35.11
C ARG F 235 9.89 -41.32 34.58
N VAL F 236 10.26 -41.02 33.35
CA VAL F 236 11.45 -41.65 32.73
C VAL F 236 12.70 -41.14 33.44
N ASN F 237 13.48 -42.08 33.96
CA ASN F 237 14.84 -41.79 34.48
C ASN F 237 15.80 -41.71 33.30
N GLU F 238 16.57 -40.62 33.18
CA GLU F 238 17.51 -40.37 32.03
C GLU F 238 18.97 -40.65 32.44
N HIS F 239 19.34 -40.44 33.71
CA HIS F 239 20.76 -40.45 34.17
C HIS F 239 21.05 -41.77 34.90
N PHE F 240 22.02 -42.53 34.39
CA PHE F 240 22.44 -43.83 34.94
C PHE F 240 23.96 -43.84 35.05
N ASP F 241 24.48 -44.67 35.95
CA ASP F 241 25.91 -45.02 36.06
C ASP F 241 26.22 -46.15 35.07
N SER F 242 27.46 -46.63 35.05
CA SER F 242 27.96 -47.64 34.07
C SER F 242 27.29 -49.00 34.28
N GLN F 243 26.63 -49.22 35.41
CA GLN F 243 25.93 -50.50 35.75
C GLN F 243 24.43 -50.33 35.50
N TRP F 244 24.01 -49.22 34.88
CA TRP F 244 22.59 -48.96 34.53
C TRP F 244 21.71 -48.85 35.81
N ASN F 245 22.29 -48.35 36.90
CA ASN F 245 21.53 -47.89 38.10
C ASN F 245 21.25 -46.40 37.96
N PRO F 246 20.01 -45.97 38.24
CA PRO F 246 19.69 -44.55 38.21
C PRO F 246 20.58 -43.73 39.15
N ILE F 247 21.00 -42.56 38.69
CA ILE F 247 21.56 -41.45 39.50
C ILE F 247 20.46 -40.37 39.61
N ARG F 248 19.60 -40.49 40.62
CA ARG F 248 18.42 -39.61 40.78
C ARG F 248 18.87 -38.15 40.95
N ASP F 249 20.02 -37.88 41.56
CA ASP F 249 20.45 -36.50 41.94
C ASP F 249 21.32 -35.87 40.82
N TYR F 250 21.49 -36.55 39.68
CA TYR F 250 22.41 -36.09 38.60
C TYR F 250 22.02 -34.67 38.14
N ASN F 251 23.04 -33.81 38.06
CA ASN F 251 22.98 -32.37 37.64
C ASN F 251 22.05 -31.56 38.56
N LYS F 252 21.92 -31.90 39.84
CA LYS F 252 21.13 -31.08 40.81
C LYS F 252 21.67 -29.63 40.80
N ASP F 253 22.99 -29.45 40.63
CA ASP F 253 23.66 -28.12 40.48
C ASP F 253 23.47 -27.59 39.05
N ARG F 260 20.89 -32.58 29.56
CA ARG F 260 20.81 -33.53 30.71
C ARG F 260 20.19 -32.85 31.94
N ALA F 261 18.96 -32.36 31.81
CA ALA F 261 18.20 -31.66 32.89
C ALA F 261 18.14 -32.53 34.15
N TYR F 262 18.22 -31.90 35.32
CA TYR F 262 17.98 -32.58 36.61
C TYR F 262 16.54 -33.11 36.60
N GLY F 263 16.38 -34.31 37.15
CA GLY F 263 15.09 -35.02 37.22
C GLY F 263 14.56 -35.48 35.87
N GLY F 264 13.27 -35.29 35.64
CA GLY F 264 12.56 -35.83 34.47
C GLY F 264 12.28 -34.73 33.45
N THR F 265 12.40 -35.07 32.16
CA THR F 265 12.03 -34.19 31.01
C THR F 265 10.79 -34.77 30.35
N PRO F 266 9.58 -34.33 30.76
CA PRO F 266 8.34 -34.91 30.26
C PRO F 266 8.18 -34.92 28.73
N GLY F 267 8.71 -33.94 28.03
CA GLY F 267 8.79 -34.00 26.55
C GLY F 267 9.36 -35.33 26.07
N ALA F 268 10.42 -35.82 26.73
CA ALA F 268 11.09 -37.08 26.35
C ALA F 268 10.16 -38.25 26.64
N TRP F 269 9.38 -38.18 27.73
CA TRP F 269 8.47 -39.30 28.10
C TRP F 269 7.49 -39.53 26.96
N ILE F 270 6.86 -38.47 26.47
CA ILE F 270 5.77 -38.60 25.47
C ILE F 270 6.39 -39.00 24.12
N GLU F 271 7.62 -38.57 23.82
CA GLU F 271 8.38 -38.96 22.61
C GLU F 271 8.65 -40.48 22.64
N TRP F 272 9.11 -41.01 23.78
CA TRP F 272 9.31 -42.47 23.98
C TRP F 272 8.03 -43.22 23.58
N GLY F 273 6.87 -42.68 23.98
CA GLY F 273 5.56 -43.26 23.69
C GLY F 273 5.34 -43.42 22.20
N ARG F 274 5.58 -42.39 21.42
CA ARG F 274 5.37 -42.45 19.95
C ARG F 274 6.32 -43.52 19.38
N LEU F 275 7.58 -43.51 19.81
CA LEU F 275 8.61 -44.41 19.23
C LEU F 275 8.17 -45.86 19.48
N MET F 276 7.58 -46.15 20.63
CA MET F 276 7.14 -47.52 20.97
C MET F 276 5.93 -47.91 20.11
N LEU F 277 5.13 -46.94 19.68
CA LEU F 277 3.99 -47.18 18.74
C LEU F 277 4.53 -47.38 17.31
N HIS F 278 5.59 -46.71 16.89
CA HIS F 278 6.30 -47.06 15.61
C HIS F 278 6.81 -48.51 15.66
N LEU F 279 7.35 -48.95 16.80
CA LEU F 279 7.82 -50.33 17.02
C LEU F 279 6.65 -51.31 16.90
N HIS F 280 5.55 -51.03 17.60
CA HIS F 280 4.28 -51.79 17.54
C HIS F 280 3.86 -51.94 16.07
N ALA F 281 3.84 -50.83 15.35
CA ALA F 281 3.35 -50.81 13.95
C ALA F 281 4.30 -51.60 13.05
N ALA F 282 5.60 -51.56 13.30
CA ALA F 282 6.60 -52.32 12.50
C ALA F 282 6.33 -53.82 12.65
N LEU F 283 6.00 -54.27 13.88
CA LEU F 283 5.67 -55.69 14.14
C LEU F 283 4.36 -56.05 13.42
N GLU F 284 3.31 -55.23 13.53
CA GLU F 284 2.02 -55.49 12.82
C GLU F 284 2.26 -55.52 11.31
N ALA F 285 3.12 -54.68 10.76
CA ALA F 285 3.35 -54.62 9.29
C ALA F 285 3.90 -55.96 8.77
N ARG F 286 4.57 -56.77 9.61
CA ARG F 286 5.08 -58.09 9.17
C ARG F 286 4.23 -59.22 9.81
N PHE F 287 2.97 -58.92 10.14
CA PHE F 287 1.93 -59.89 10.53
C PHE F 287 2.31 -60.53 11.87
N GLU F 288 2.99 -59.77 12.72
CA GLU F 288 3.45 -60.27 14.04
C GLU F 288 2.70 -59.52 15.14
N THR F 289 2.10 -60.25 16.09
CA THR F 289 1.43 -59.69 17.28
C THR F 289 2.46 -58.96 18.12
N PRO F 290 2.32 -57.63 18.28
CA PRO F 290 3.24 -56.88 19.11
C PRO F 290 2.96 -57.20 20.58
N PRO F 291 4.01 -57.23 21.44
CA PRO F 291 3.79 -57.28 22.88
C PRO F 291 2.84 -56.14 23.33
N ALA F 292 1.97 -56.46 24.28
CA ALA F 292 0.93 -55.56 24.82
C ALA F 292 1.57 -54.35 25.51
N TRP F 293 2.78 -54.46 26.04
CA TRP F 293 3.40 -53.37 26.86
C TRP F 293 3.75 -52.14 26.01
N LEU F 294 3.96 -52.30 24.69
CA LEU F 294 4.30 -51.14 23.83
C LEU F 294 3.15 -50.12 23.90
N LEU F 295 1.92 -50.54 23.61
CA LEU F 295 0.71 -49.69 23.70
C LEU F 295 0.39 -49.30 25.17
N GLU F 296 0.44 -50.23 26.11
CA GLU F 296 0.11 -49.93 27.54
C GLU F 296 1.07 -48.85 28.06
N ASP F 297 2.37 -48.97 27.77
CA ASP F 297 3.38 -48.04 28.32
C ASP F 297 3.30 -46.70 27.59
N ALA F 298 2.97 -46.68 26.30
CA ALA F 298 2.81 -45.44 25.52
C ALA F 298 1.67 -44.64 26.16
N LYS F 299 0.56 -45.30 26.46
CA LYS F 299 -0.56 -44.66 27.18
C LYS F 299 -0.08 -44.14 28.54
N GLY F 300 0.67 -44.96 29.31
CA GLY F 300 1.18 -44.55 30.63
C GLY F 300 2.04 -43.28 30.52
N LEU F 301 2.95 -43.24 29.56
CA LEU F 301 3.87 -42.10 29.34
C LEU F 301 3.06 -40.86 28.92
N PHE F 302 2.06 -41.02 28.06
CA PHE F 302 1.25 -39.89 27.56
C PHE F 302 0.53 -39.24 28.75
N HIS F 303 -0.13 -40.05 29.56
CA HIS F 303 -0.94 -39.55 30.72
C HIS F 303 -0.01 -39.03 31.83
N ALA F 304 1.18 -39.59 32.03
CA ALA F 304 2.14 -39.10 33.05
C ALA F 304 2.66 -37.73 32.63
N THR F 305 2.92 -37.54 31.32
CA THR F 305 3.38 -36.27 30.76
C THR F 305 2.32 -35.19 31.06
N ILE F 306 1.05 -35.47 30.81
CA ILE F 306 -0.04 -34.49 31.10
C ILE F 306 -0.16 -34.29 32.62
N ARG F 307 -0.10 -35.36 33.41
CA ARG F 307 -0.26 -35.31 34.90
C ARG F 307 0.75 -34.31 35.50
N ASP F 308 2.03 -34.43 35.13
CA ASP F 308 3.12 -33.68 35.81
C ASP F 308 3.44 -32.36 35.09
N ALA F 309 3.24 -32.27 33.78
CA ALA F 309 3.87 -31.20 32.99
C ALA F 309 2.87 -30.32 32.26
N TRP F 310 1.62 -30.72 32.06
CA TRP F 310 0.65 -29.84 31.36
C TRP F 310 0.00 -28.86 32.34
N ALA F 311 0.18 -27.56 32.11
CA ALA F 311 -0.41 -26.44 32.89
C ALA F 311 -0.41 -26.78 34.38
N PRO F 312 0.76 -27.10 34.99
CA PRO F 312 0.80 -27.40 36.43
C PRO F 312 0.84 -26.16 37.33
N ASP F 313 0.90 -24.97 36.74
CA ASP F 313 1.34 -23.72 37.42
C ASP F 313 0.44 -22.54 37.03
N GLY F 314 -0.79 -22.78 36.61
CA GLY F 314 -1.82 -21.75 36.36
C GLY F 314 -1.80 -21.18 34.95
N ALA F 315 -0.99 -21.70 34.04
CA ALA F 315 -0.98 -21.26 32.62
C ALA F 315 -0.83 -22.49 31.72
N ASP F 316 -1.32 -22.40 30.50
CA ASP F 316 -1.22 -23.50 29.51
C ASP F 316 0.27 -23.74 29.18
N GLY F 317 0.56 -24.94 28.69
CA GLY F 317 1.86 -25.32 28.12
C GLY F 317 2.50 -26.42 28.94
N PHE F 318 3.52 -27.04 28.36
CA PHE F 318 4.34 -28.08 29.01
C PHE F 318 5.60 -27.45 29.61
N VAL F 319 5.80 -27.66 30.92
CA VAL F 319 7.06 -27.29 31.61
C VAL F 319 8.14 -28.23 31.08
N TYR F 320 9.40 -27.82 31.23
CA TYR F 320 10.57 -28.55 30.68
C TYR F 320 10.94 -29.74 31.57
N SER F 321 10.98 -29.52 32.89
CA SER F 321 11.48 -30.57 33.81
C SER F 321 10.68 -30.58 35.11
N VAL F 322 10.62 -31.75 35.73
CA VAL F 322 10.00 -31.98 37.05
C VAL F 322 10.93 -32.86 37.88
N ASP F 323 10.79 -32.80 39.20
CA ASP F 323 11.52 -33.65 40.16
C ASP F 323 10.79 -35.00 40.27
N TRP F 324 11.27 -35.88 41.14
CA TRP F 324 10.79 -37.29 41.22
C TRP F 324 9.45 -37.35 41.94
N ASP F 325 8.97 -36.23 42.50
CA ASP F 325 7.58 -36.08 43.01
C ASP F 325 6.68 -35.43 41.94
N GLY F 326 7.23 -35.07 40.79
CA GLY F 326 6.45 -34.47 39.69
C GLY F 326 6.31 -32.96 39.87
N LYS F 327 7.08 -32.35 40.78
CA LYS F 327 7.10 -30.88 40.99
C LYS F 327 7.94 -30.20 39.92
N PRO F 328 7.39 -29.19 39.21
CA PRO F 328 8.16 -28.52 38.14
C PRO F 328 9.44 -27.90 38.69
N ILE F 329 10.52 -27.99 37.91
CA ILE F 329 11.82 -27.31 38.20
C ILE F 329 12.02 -26.22 37.16
N VAL F 330 12.25 -26.57 35.90
CA VAL F 330 12.37 -25.55 34.82
C VAL F 330 10.97 -25.37 34.23
N ARG F 331 10.36 -24.20 34.42
CA ARG F 331 8.94 -23.97 34.08
C ARG F 331 8.83 -23.35 32.69
N GLU F 332 9.96 -23.03 32.04
CA GLU F 332 9.95 -22.51 30.65
C GLU F 332 9.27 -23.55 29.73
N ARG F 333 8.48 -23.04 28.78
CA ARG F 333 7.83 -23.84 27.72
C ARG F 333 8.77 -23.89 26.52
N VAL F 334 9.53 -24.96 26.39
CA VAL F 334 10.39 -25.19 25.20
C VAL F 334 9.50 -25.74 24.08
N ARG F 335 9.88 -25.51 22.83
CA ARG F 335 9.04 -25.87 21.66
C ARG F 335 8.86 -27.39 21.56
N TRP F 336 9.92 -28.20 21.66
CA TRP F 336 9.86 -29.61 21.19
C TRP F 336 8.92 -30.46 22.06
N PRO F 337 8.82 -30.29 23.39
CA PRO F 337 7.91 -31.13 24.16
C PRO F 337 6.45 -31.16 23.66
N ILE F 338 5.85 -30.00 23.37
CA ILE F 338 4.44 -29.96 22.91
C ILE F 338 4.36 -30.51 21.48
N VAL F 339 5.39 -30.32 20.66
CA VAL F 339 5.43 -30.86 19.26
C VAL F 339 5.41 -32.38 19.34
N GLU F 340 6.23 -32.98 20.20
CA GLU F 340 6.28 -34.44 20.40
C GLU F 340 4.94 -34.92 20.97
N ALA F 341 4.37 -34.18 21.94
CA ALA F 341 3.04 -34.54 22.53
C ALA F 341 2.02 -34.70 21.38
N MET F 342 2.03 -33.77 20.43
CA MET F 342 1.08 -33.78 19.29
C MET F 342 1.32 -35.03 18.41
N GLY F 343 2.58 -35.40 18.15
CA GLY F 343 2.92 -36.64 17.43
C GLY F 343 2.37 -37.86 18.14
N THR F 344 2.54 -37.92 19.46
CA THR F 344 2.13 -39.10 20.25
C THR F 344 0.60 -39.17 20.27
N ALA F 345 -0.07 -38.03 20.40
CA ALA F 345 -1.55 -37.99 20.36
C ALA F 345 -2.04 -38.63 19.06
N TYR F 346 -1.40 -38.29 17.92
CA TYR F 346 -1.77 -38.89 16.61
C TYR F 346 -1.54 -40.41 16.66
N ALA F 347 -0.39 -40.85 17.13
CA ALA F 347 -0.04 -42.30 17.13
C ALA F 347 -1.02 -43.05 18.04
N LEU F 348 -1.35 -42.50 19.21
CA LEU F 348 -2.32 -43.16 20.13
C LEU F 348 -3.72 -43.19 19.50
N TYR F 349 -4.14 -42.09 18.86
CA TYR F 349 -5.44 -42.06 18.16
C TYR F 349 -5.49 -43.16 17.10
N THR F 350 -4.41 -43.30 16.33
CA THR F 350 -4.32 -44.25 15.20
C THR F 350 -4.53 -45.68 15.73
N LEU F 351 -3.98 -45.99 16.90
CA LEU F 351 -4.02 -47.38 17.45
C LEU F 351 -5.21 -47.59 18.40
N THR F 352 -5.82 -46.56 18.98
CA THR F 352 -6.94 -46.76 19.96
C THR F 352 -8.29 -46.28 19.39
N ASP F 353 -8.30 -45.35 18.45
CA ASP F 353 -9.53 -44.65 17.97
C ASP F 353 -10.22 -43.93 19.15
N ASP F 354 -9.49 -43.65 20.23
CA ASP F 354 -10.02 -42.90 21.40
C ASP F 354 -9.92 -41.39 21.11
N SER F 355 -11.06 -40.72 21.05
CA SER F 355 -11.17 -39.31 20.59
C SER F 355 -10.51 -38.33 21.60
N GLN F 356 -10.22 -38.77 22.84
CA GLN F 356 -9.49 -37.93 23.82
C GLN F 356 -8.13 -37.53 23.20
N TYR F 357 -7.52 -38.42 22.42
CA TYR F 357 -6.18 -38.15 21.82
C TYR F 357 -6.29 -37.08 20.75
N GLU F 358 -7.37 -37.07 19.96
CA GLU F 358 -7.57 -36.00 18.96
C GLU F 358 -7.86 -34.68 19.68
N GLU F 359 -8.59 -34.70 20.79
CA GLU F 359 -8.93 -33.44 21.52
C GLU F 359 -7.63 -32.80 22.02
N TRP F 360 -6.72 -33.57 22.59
CA TRP F 360 -5.40 -33.06 23.05
C TRP F 360 -4.62 -32.52 21.84
N TYR F 361 -4.55 -33.26 20.74
CA TYR F 361 -3.87 -32.80 19.50
C TYR F 361 -4.41 -31.42 19.10
N GLN F 362 -5.73 -31.25 19.10
CA GLN F 362 -6.40 -30.00 18.66
C GLN F 362 -6.06 -28.86 19.63
N LYS F 363 -6.18 -29.12 20.94
CA LYS F 363 -5.85 -28.15 22.02
C LYS F 363 -4.39 -27.70 21.88
N TRP F 364 -3.47 -28.64 21.66
CA TRP F 364 -2.03 -28.30 21.50
C TRP F 364 -1.80 -27.52 20.19
N TRP F 365 -2.46 -27.88 19.10
CA TRP F 365 -2.35 -27.07 17.86
C TRP F 365 -2.77 -25.62 18.14
N ASP F 366 -3.87 -25.41 18.91
CA ASP F 366 -4.40 -24.06 19.18
C ASP F 366 -3.37 -23.28 20.00
N TYR F 367 -2.75 -23.92 20.98
CA TYR F 367 -1.68 -23.30 21.79
C TYR F 367 -0.51 -22.93 20.87
N CYS F 368 -0.10 -23.84 19.99
CA CYS F 368 1.08 -23.60 19.11
C CYS F 368 0.87 -22.37 18.22
N ILE F 369 -0.27 -22.23 17.56
CA ILE F 369 -0.46 -21.05 16.67
C ILE F 369 -0.55 -19.78 17.52
N LYS F 370 -1.10 -19.87 18.74
CA LYS F 370 -1.28 -18.69 19.62
C LYS F 370 0.07 -18.18 20.15
N TYR F 371 0.99 -19.06 20.55
CA TYR F 371 2.21 -18.68 21.31
C TYR F 371 3.52 -19.03 20.60
N LEU F 372 3.61 -20.08 19.77
CA LEU F 372 4.91 -20.59 19.28
C LEU F 372 5.15 -20.20 17.82
N MET F 373 4.12 -20.24 16.97
CA MET F 373 4.32 -20.05 15.52
C MET F 373 4.67 -18.58 15.28
N ASP F 374 5.67 -18.35 14.43
CA ASP F 374 6.19 -16.98 14.15
C ASP F 374 6.12 -16.72 12.65
N TYR F 375 4.98 -16.18 12.21
CA TYR F 375 4.72 -15.78 10.81
C TYR F 375 5.55 -14.55 10.43
N GLU F 376 5.85 -13.66 11.38
CA GLU F 376 6.62 -12.41 11.10
C GLU F 376 8.08 -12.76 10.77
N ASN F 377 8.80 -13.51 11.62
CA ASN F 377 10.27 -13.72 11.46
C ASN F 377 10.59 -15.10 10.88
N GLY F 378 9.62 -16.03 10.90
CA GLY F 378 9.78 -17.35 10.30
C GLY F 378 9.83 -18.45 11.34
N SER F 379 9.43 -19.66 10.93
CA SER F 379 9.49 -20.86 11.78
C SER F 379 8.68 -20.62 13.06
N TRP F 380 9.13 -21.21 14.16
CA TRP F 380 8.45 -21.13 15.47
C TRP F 380 9.48 -20.62 16.48
N TRP F 381 9.01 -19.97 17.54
CA TRP F 381 9.85 -19.65 18.73
C TRP F 381 10.36 -20.97 19.32
N GLN F 382 11.55 -20.92 19.92
CA GLN F 382 12.19 -22.09 20.55
C GLN F 382 11.71 -22.20 21.99
N GLU F 383 11.37 -21.07 22.63
CA GLU F 383 11.25 -21.05 24.11
C GLU F 383 10.36 -19.89 24.56
N LEU F 384 9.46 -20.18 25.49
CA LEU F 384 8.62 -19.16 26.17
C LEU F 384 8.86 -19.28 27.68
N ASP F 385 8.54 -18.20 28.41
CA ASP F 385 8.56 -18.21 29.90
C ASP F 385 7.28 -18.88 30.40
N ALA F 386 7.14 -18.98 31.73
CA ALA F 386 6.03 -19.64 32.43
C ALA F 386 4.68 -18.95 32.13
N ASP F 387 4.68 -17.76 31.52
CA ASP F 387 3.44 -17.05 31.11
C ASP F 387 3.28 -17.10 29.59
N ASN F 388 4.07 -17.93 28.90
CA ASN F 388 3.93 -18.19 27.44
C ASN F 388 4.31 -16.94 26.64
N LYS F 389 5.17 -16.07 27.20
CA LYS F 389 5.78 -14.93 26.46
C LYS F 389 7.15 -15.38 25.97
N VAL F 390 7.53 -14.97 24.75
CA VAL F 390 8.85 -15.34 24.15
C VAL F 390 9.96 -14.95 25.14
N THR F 391 10.97 -15.81 25.29
CA THR F 391 12.10 -15.60 26.23
C THR F 391 13.37 -16.16 25.60
N THR F 392 14.52 -16.02 26.29
CA THR F 392 15.80 -16.71 25.99
C THR F 392 16.29 -17.45 27.24
N TRP F 395 17.64 -21.79 25.93
CA TRP F 395 18.05 -21.93 24.50
C TRP F 395 18.44 -20.56 23.90
N ASP F 396 18.75 -20.53 22.61
CA ASP F 396 19.27 -19.32 21.92
C ASP F 396 19.13 -19.46 20.39
N GLY F 397 18.02 -19.02 19.83
CA GLY F 397 17.78 -18.97 18.36
C GLY F 397 16.73 -19.99 17.93
N LYS F 398 16.71 -20.32 16.64
CA LYS F 398 15.73 -21.26 16.01
C LYS F 398 16.49 -22.31 15.19
N GLN F 399 17.42 -23.01 15.84
CA GLN F 399 18.42 -23.90 15.19
C GLN F 399 17.81 -25.24 14.76
N ASP F 400 16.56 -25.56 15.15
CA ASP F 400 15.94 -26.87 14.80
C ASP F 400 14.65 -26.70 13.97
N ILE F 401 14.46 -27.54 12.96
CA ILE F 401 13.12 -27.76 12.31
C ILE F 401 12.75 -29.25 12.30
N TYR F 402 13.66 -30.14 12.69
CA TYR F 402 13.47 -31.62 12.63
C TYR F 402 12.25 -32.03 13.46
N HIS F 403 12.08 -31.50 14.69
CA HIS F 403 10.95 -31.89 15.57
C HIS F 403 9.61 -31.61 14.87
N LEU F 404 9.52 -30.53 14.09
CA LEU F 404 8.24 -30.05 13.54
C LEU F 404 7.63 -31.06 12.57
N LEU F 405 8.42 -31.92 11.93
CA LEU F 405 7.88 -32.96 11.01
C LEU F 405 7.04 -33.95 11.82
N HIS F 406 7.23 -34.05 13.12
CA HIS F 406 6.49 -34.99 14.00
C HIS F 406 5.07 -34.50 14.25
N CYS F 407 4.78 -33.21 14.12
CA CYS F 407 3.39 -32.67 14.21
C CYS F 407 2.86 -32.24 12.83
N LEU F 408 3.71 -32.18 11.80
CA LEU F 408 3.31 -31.67 10.45
C LEU F 408 3.19 -32.78 9.41
N VAL F 409 4.04 -33.80 9.47
CA VAL F 409 4.09 -34.89 8.43
C VAL F 409 3.63 -36.22 9.04
N ILE F 410 4.06 -36.54 10.25
CA ILE F 410 3.67 -37.82 10.91
C ILE F 410 2.14 -38.01 10.89
N PRO F 411 1.30 -37.00 11.19
CA PRO F 411 -0.15 -37.18 11.18
C PRO F 411 -0.78 -37.41 9.80
N ARG F 412 0.03 -37.40 8.74
CA ARG F 412 -0.41 -37.66 7.36
C ARG F 412 -0.03 -39.07 6.92
N LEU F 413 0.65 -39.85 7.80
CA LEU F 413 1.28 -41.14 7.41
C LEU F 413 0.82 -42.25 8.34
N PRO F 414 0.87 -43.51 7.86
CA PRO F 414 0.74 -44.66 8.74
C PRO F 414 1.94 -44.65 9.70
N LEU F 415 1.89 -45.46 10.74
CA LEU F 415 2.96 -45.57 11.76
C LEU F 415 4.08 -46.49 11.26
N ALA F 416 3.82 -47.31 10.24
CA ALA F 416 4.82 -48.16 9.56
C ALA F 416 4.63 -48.06 8.05
N PRO F 417 5.73 -48.00 7.25
CA PRO F 417 7.08 -47.81 7.77
C PRO F 417 7.20 -46.39 8.34
N GLY F 418 8.38 -46.03 8.85
CA GLY F 418 8.64 -44.73 9.50
C GLY F 418 8.60 -43.54 8.52
N LEU F 419 8.83 -42.34 9.05
CA LEU F 419 8.59 -41.03 8.40
C LEU F 419 9.19 -40.99 6.98
N ALA F 420 10.51 -41.03 6.84
CA ALA F 420 11.15 -40.84 5.50
C ALA F 420 10.73 -41.97 4.57
N PRO F 421 10.83 -43.26 4.97
CA PRO F 421 10.38 -44.36 4.11
C PRO F 421 8.93 -44.25 3.63
N ALA F 422 8.01 -43.88 4.52
CA ALA F 422 6.57 -43.77 4.22
C ALA F 422 6.35 -42.69 3.16
N VAL F 423 6.98 -41.52 3.29
CA VAL F 423 6.81 -40.42 2.30
C VAL F 423 7.35 -40.93 0.96
N ALA F 424 8.53 -41.58 0.98
CA ALA F 424 9.19 -42.04 -0.26
C ALA F 424 8.31 -43.11 -0.93
N ALA F 425 7.55 -43.90 -0.16
CA ALA F 425 6.69 -44.99 -0.65
C ALA F 425 5.33 -44.46 -1.12
N GLY F 426 5.11 -43.14 -1.13
CA GLY F 426 3.87 -42.56 -1.68
C GLY F 426 2.72 -42.58 -0.68
N LEU F 427 2.97 -42.68 0.62
CA LEU F 427 1.89 -42.95 1.60
C LEU F 427 1.30 -41.67 2.18
N LEU F 428 1.78 -40.47 1.81
CA LEU F 428 1.21 -39.18 2.32
C LEU F 428 -0.29 -39.17 2.08
N ASP F 429 -1.10 -38.95 3.13
CA ASP F 429 -2.58 -38.80 3.04
C ASP F 429 -3.23 -40.12 2.62
N ILE F 430 -2.54 -41.26 2.67
CA ILE F 430 -3.14 -42.57 2.25
C ILE F 430 -4.46 -42.80 3.02
N ASN F 431 -4.57 -42.35 4.28
CA ASN F 431 -5.75 -42.64 5.14
C ASN F 431 -6.74 -41.48 5.13
N ALA F 432 -6.54 -40.41 4.35
CA ALA F 432 -7.30 -39.14 4.47
C ALA F 432 -8.34 -39.06 3.35
N LYS F 433 -9.48 -38.39 3.56
CA LYS F 433 -10.61 -38.21 2.59
C LYS F 433 -11.07 -36.73 2.54
#